data_1H0S
# 
_entry.id   1H0S 
# 
_audit_conform.dict_name       mmcif_pdbx.dic 
_audit_conform.dict_version    5.382 
_audit_conform.dict_location   http://mmcif.pdb.org/dictionaries/ascii/mmcif_pdbx.dic 
# 
loop_
_database_2.database_id 
_database_2.database_code 
_database_2.pdbx_database_accession 
_database_2.pdbx_DOI 
PDB   1H0S         pdb_00001h0s 10.2210/pdb1h0s/pdb 
PDBE  EBI-11041    ?            ?                   
WWPDB D_1290011041 ?            ?                   
# 
loop_
_pdbx_database_related.db_name 
_pdbx_database_related.db_id 
_pdbx_database_related.content_type 
_pdbx_database_related.details 
PDB 1H05 unspecified '3-DEHYDROQUINATE DEHYDRATASE FROM MYCOBACTERIUM TUBERCULOSIS IN COMPLEX WITH SULPHATE'          
PDB 2DHQ unspecified '3-DEHYDROQUINATE DEHYDRATASE FROM MYCOBACTERIUM TUBERCULOSIS'                                   
PDB 1H0R unspecified 'TYPE II DEHYDROQUINASE FROM MYCOBACTERIUM TUBERCULOSIS COMPLEXED WITH 2,3-ANNHYDRO-QUINIC ACID' 
# 
_pdbx_database_status.status_code                     REL 
_pdbx_database_status.entry_id                        1H0S 
_pdbx_database_status.deposit_site                    PDBE 
_pdbx_database_status.process_site                    PDBE 
_pdbx_database_status.SG_entry                        . 
_pdbx_database_status.recvd_initial_deposition_date   2002-06-27 
_pdbx_database_status.pdb_format_compatible           Y 
_pdbx_database_status.status_code_sf                  REL 
_pdbx_database_status.status_code_mr                  ? 
_pdbx_database_status.status_code_cs                  ? 
_pdbx_database_status.methods_development_category    ? 
_pdbx_database_status.status_code_nmr_data            ? 
# 
loop_
_audit_author.name 
_audit_author.pdbx_ordinal 
'Roszak, A.W.'     1 
'Frederickson, M.' 2 
'Abell, C.'        3 
'Coggins, J.R.'    4 
'Lapthorn, A.J.'   5 
# 
loop_
_citation.id 
_citation.title 
_citation.journal_abbrev 
_citation.journal_volume 
_citation.page_first 
_citation.page_last 
_citation.year 
_citation.journal_id_ASTM 
_citation.country 
_citation.journal_id_ISSN 
_citation.journal_id_CSD 
_citation.book_publisher 
_citation.pdbx_database_id_PubMed 
_citation.pdbx_database_id_DOI 
primary 
'Structural Basis for Specificity of Oxime Based Inhibitors Towards Type II Dehydroquinase from Mycobacterium Tuberculosis' 
'To be Published' ? ?   ? ?    ?      ?  ?         0353 ? ?        ?            
1       'The Two Types of 3-Dehydroquinase Have Distinct Structures But Catalyze the Same Overall Reaction.' Nat.Struct.Biol.  6 
521 ? 1999 NSBIEW US 1072-8368 2024 ? 10360352 10.1038/9287 
# 
loop_
_citation_author.citation_id 
_citation_author.name 
_citation_author.ordinal 
_citation_author.identifier_ORCID 
primary 'Robinson, D.A.'   1  ? 
primary 'Roszak, A.W.'     2  ? 
primary 'Frederickson, M.' 3  ? 
primary 'Abell, C.'        4  ? 
primary 'Coggins, J.R.'    5  ? 
primary 'Lapthorn, A.J.'   6  ? 
1       'Gourley, D.G.'    7  ? 
1       'Shrive, A.K.'     8  ? 
1       'Polikarpov, I.'   9  ? 
1       'Krell, T.'        10 ? 
1       'Coggins, J.R.'    11 ? 
1       'Hawkins, A.R.'    12 ? 
1       'Isaacs, N.W.'     13 ? 
1       'Sawyer, L.'       14 ? 
# 
_cell.entry_id           1H0S 
_cell.length_a           126.856 
_cell.length_b           126.856 
_cell.length_c           126.856 
_cell.angle_alpha        90.00 
_cell.angle_beta         90.00 
_cell.angle_gamma        90.00 
_cell.Z_PDB              48 
_cell.pdbx_unique_axis   ? 
# 
_symmetry.entry_id                         1H0S 
_symmetry.space_group_name_H-M             'F 2 3' 
_symmetry.pdbx_full_space_group_name_H-M   ? 
_symmetry.cell_setting                     ? 
_symmetry.Int_Tables_number                196 
# 
loop_
_entity.id 
_entity.type 
_entity.src_method 
_entity.pdbx_description 
_entity.formula_weight 
_entity.pdbx_number_of_molecules 
_entity.pdbx_ec 
_entity.pdbx_mutation 
_entity.pdbx_fragment 
_entity.details 
1 polymer     man '3-DEHYDROQUINATE DEHYDRATASE' 15676.737 1   4.2.1.10 ? ? ? 
2 non-polymer syn '3-HYDROXYIMINO QUINIC ACID'   205.165   1   ?        ? ? ? 
3 non-polymer syn 'SULFATE ION'                  96.063    3   ?        ? ? ? 
4 non-polymer syn GLYCEROL                       92.094    3   ?        ? ? ? 
5 water       nat water                          18.015    186 ?        ? ? ? 
# 
_entity_name_com.entity_id   1 
_entity_name_com.name        '3-DEHYDROQUINASE, TYPE II DHQASE' 
# 
_entity_poly.entity_id                      1 
_entity_poly.type                           'polypeptide(L)' 
_entity_poly.nstd_linkage                   no 
_entity_poly.nstd_monomer                   no 
_entity_poly.pdbx_seq_one_letter_code       
;SELIVNVINGPNLGRLGRREPAVYGGTTHDELVALIEREAAELGLKAVVRQSDSEAQLLDWIHQAADAAEPVILNAGGLT
HTSVALRDACAELSAPLIEVHISNVHAREEFRRHSYLSPIATGVIVGLGIQGYLLALRYLAEHVGT
;
_entity_poly.pdbx_seq_one_letter_code_can   
;SELIVNVINGPNLGRLGRREPAVYGGTTHDELVALIEREAAELGLKAVVRQSDSEAQLLDWIHQAADAAEPVILNAGGLT
HTSVALRDACAELSAPLIEVHISNVHAREEFRRHSYLSPIATGVIVGLGIQGYLLALRYLAEHVGT
;
_entity_poly.pdbx_strand_id                 A 
_entity_poly.pdbx_target_identifier         ? 
# 
loop_
_entity_poly_seq.entity_id 
_entity_poly_seq.num 
_entity_poly_seq.mon_id 
_entity_poly_seq.hetero 
1 1   SER n 
1 2   GLU n 
1 3   LEU n 
1 4   ILE n 
1 5   VAL n 
1 6   ASN n 
1 7   VAL n 
1 8   ILE n 
1 9   ASN n 
1 10  GLY n 
1 11  PRO n 
1 12  ASN n 
1 13  LEU n 
1 14  GLY n 
1 15  ARG n 
1 16  LEU n 
1 17  GLY n 
1 18  ARG n 
1 19  ARG n 
1 20  GLU n 
1 21  PRO n 
1 22  ALA n 
1 23  VAL n 
1 24  TYR n 
1 25  GLY n 
1 26  GLY n 
1 27  THR n 
1 28  THR n 
1 29  HIS n 
1 30  ASP n 
1 31  GLU n 
1 32  LEU n 
1 33  VAL n 
1 34  ALA n 
1 35  LEU n 
1 36  ILE n 
1 37  GLU n 
1 38  ARG n 
1 39  GLU n 
1 40  ALA n 
1 41  ALA n 
1 42  GLU n 
1 43  LEU n 
1 44  GLY n 
1 45  LEU n 
1 46  LYS n 
1 47  ALA n 
1 48  VAL n 
1 49  VAL n 
1 50  ARG n 
1 51  GLN n 
1 52  SER n 
1 53  ASP n 
1 54  SER n 
1 55  GLU n 
1 56  ALA n 
1 57  GLN n 
1 58  LEU n 
1 59  LEU n 
1 60  ASP n 
1 61  TRP n 
1 62  ILE n 
1 63  HIS n 
1 64  GLN n 
1 65  ALA n 
1 66  ALA n 
1 67  ASP n 
1 68  ALA n 
1 69  ALA n 
1 70  GLU n 
1 71  PRO n 
1 72  VAL n 
1 73  ILE n 
1 74  LEU n 
1 75  ASN n 
1 76  ALA n 
1 77  GLY n 
1 78  GLY n 
1 79  LEU n 
1 80  THR n 
1 81  HIS n 
1 82  THR n 
1 83  SER n 
1 84  VAL n 
1 85  ALA n 
1 86  LEU n 
1 87  ARG n 
1 88  ASP n 
1 89  ALA n 
1 90  CYS n 
1 91  ALA n 
1 92  GLU n 
1 93  LEU n 
1 94  SER n 
1 95  ALA n 
1 96  PRO n 
1 97  LEU n 
1 98  ILE n 
1 99  GLU n 
1 100 VAL n 
1 101 HIS n 
1 102 ILE n 
1 103 SER n 
1 104 ASN n 
1 105 VAL n 
1 106 HIS n 
1 107 ALA n 
1 108 ARG n 
1 109 GLU n 
1 110 GLU n 
1 111 PHE n 
1 112 ARG n 
1 113 ARG n 
1 114 HIS n 
1 115 SER n 
1 116 TYR n 
1 117 LEU n 
1 118 SER n 
1 119 PRO n 
1 120 ILE n 
1 121 ALA n 
1 122 THR n 
1 123 GLY n 
1 124 VAL n 
1 125 ILE n 
1 126 VAL n 
1 127 GLY n 
1 128 LEU n 
1 129 GLY n 
1 130 ILE n 
1 131 GLN n 
1 132 GLY n 
1 133 TYR n 
1 134 LEU n 
1 135 LEU n 
1 136 ALA n 
1 137 LEU n 
1 138 ARG n 
1 139 TYR n 
1 140 LEU n 
1 141 ALA n 
1 142 GLU n 
1 143 HIS n 
1 144 VAL n 
1 145 GLY n 
1 146 THR n 
# 
_entity_src_gen.entity_id                          1 
_entity_src_gen.pdbx_src_id                        1 
_entity_src_gen.pdbx_alt_source_flag               sample 
_entity_src_gen.pdbx_seq_type                      ? 
_entity_src_gen.pdbx_beg_seq_num                   ? 
_entity_src_gen.pdbx_end_seq_num                   ? 
_entity_src_gen.gene_src_common_name               ? 
_entity_src_gen.gene_src_genus                     ? 
_entity_src_gen.pdbx_gene_src_gene                 ? 
_entity_src_gen.gene_src_species                   ? 
_entity_src_gen.gene_src_strain                    H37RV 
_entity_src_gen.gene_src_tissue                    ? 
_entity_src_gen.gene_src_tissue_fraction           ? 
_entity_src_gen.gene_src_details                   ? 
_entity_src_gen.pdbx_gene_src_fragment             ? 
_entity_src_gen.pdbx_gene_src_scientific_name      'MYCOBACTERIUM TUBERCULOSIS' 
_entity_src_gen.pdbx_gene_src_ncbi_taxonomy_id     83332 
_entity_src_gen.pdbx_gene_src_variant              ? 
_entity_src_gen.pdbx_gene_src_cell_line            ? 
_entity_src_gen.pdbx_gene_src_atcc                 ? 
_entity_src_gen.pdbx_gene_src_organ                ? 
_entity_src_gen.pdbx_gene_src_organelle            ? 
_entity_src_gen.pdbx_gene_src_cell                 ? 
_entity_src_gen.pdbx_gene_src_cellular_location    ? 
_entity_src_gen.host_org_common_name               ? 
_entity_src_gen.pdbx_host_org_scientific_name      'ESCHERICHIA COLI' 
_entity_src_gen.pdbx_host_org_ncbi_taxonomy_id     469008 
_entity_src_gen.host_org_genus                     ? 
_entity_src_gen.pdbx_host_org_gene                 ? 
_entity_src_gen.pdbx_host_org_organ                ? 
_entity_src_gen.host_org_species                   ? 
_entity_src_gen.pdbx_host_org_tissue               ? 
_entity_src_gen.pdbx_host_org_tissue_fraction      ? 
_entity_src_gen.pdbx_host_org_strain               'BL21(DE3)' 
_entity_src_gen.pdbx_host_org_variant              ? 
_entity_src_gen.pdbx_host_org_cell_line            ? 
_entity_src_gen.pdbx_host_org_atcc                 ? 
_entity_src_gen.pdbx_host_org_culture_collection   ? 
_entity_src_gen.pdbx_host_org_cell                 ? 
_entity_src_gen.pdbx_host_org_organelle            ? 
_entity_src_gen.pdbx_host_org_cellular_location    ? 
_entity_src_gen.pdbx_host_org_vector_type          ? 
_entity_src_gen.pdbx_host_org_vector               PET-15B 
_entity_src_gen.host_org_details                   ? 
_entity_src_gen.expression_system_id               ? 
_entity_src_gen.plasmid_name                       MPET 
_entity_src_gen.plasmid_details                    ? 
_entity_src_gen.pdbx_description                   ? 
# 
_struct_ref.id                         1 
_struct_ref.db_name                    UNP 
_struct_ref.db_code                    AROQ_MYCTU 
_struct_ref.entity_id                  1 
_struct_ref.pdbx_seq_one_letter_code   ? 
_struct_ref.pdbx_align_begin           ? 
_struct_ref.pdbx_db_accession          P0A4Z6 
_struct_ref.pdbx_db_isoform            ? 
# 
_struct_ref_seq.align_id                      1 
_struct_ref_seq.ref_id                        1 
_struct_ref_seq.pdbx_PDB_id_code              1H0S 
_struct_ref_seq.pdbx_strand_id                A 
_struct_ref_seq.seq_align_beg                 1 
_struct_ref_seq.pdbx_seq_align_beg_ins_code   ? 
_struct_ref_seq.seq_align_end                 146 
_struct_ref_seq.pdbx_seq_align_end_ins_code   ? 
_struct_ref_seq.pdbx_db_accession             P0A4Z6 
_struct_ref_seq.db_align_beg                  2 
_struct_ref_seq.pdbx_db_align_beg_ins_code    ? 
_struct_ref_seq.db_align_end                  147 
_struct_ref_seq.pdbx_db_align_end_ins_code    ? 
_struct_ref_seq.pdbx_auth_seq_align_beg       1 
_struct_ref_seq.pdbx_auth_seq_align_end       146 
# 
loop_
_chem_comp.id 
_chem_comp.type 
_chem_comp.mon_nstd_flag 
_chem_comp.name 
_chem_comp.pdbx_synonyms 
_chem_comp.formula 
_chem_comp.formula_weight 
ALA 'L-peptide linking' y ALANINE                      ?                               'C3 H7 N O2'     89.093  
ARG 'L-peptide linking' y ARGININE                     ?                               'C6 H15 N4 O2 1' 175.209 
ASN 'L-peptide linking' y ASPARAGINE                   ?                               'C4 H8 N2 O3'    132.118 
ASP 'L-peptide linking' y 'ASPARTIC ACID'              ?                               'C4 H7 N O4'     133.103 
CYS 'L-peptide linking' y CYSTEINE                     ?                               'C3 H7 N O2 S'   121.158 
FA6 non-polymer         . '3-HYDROXYIMINO QUINIC ACID' ?                               'C7 H11 N O6'    205.165 
GLN 'L-peptide linking' y GLUTAMINE                    ?                               'C5 H10 N2 O3'   146.144 
GLU 'L-peptide linking' y 'GLUTAMIC ACID'              ?                               'C5 H9 N O4'     147.129 
GLY 'peptide linking'   y GLYCINE                      ?                               'C2 H5 N O2'     75.067  
GOL non-polymer         . GLYCEROL                     'GLYCERIN; PROPANE-1,2,3-TRIOL' 'C3 H8 O3'       92.094  
HIS 'L-peptide linking' y HISTIDINE                    ?                               'C6 H10 N3 O2 1' 156.162 
HOH non-polymer         . WATER                        ?                               'H2 O'           18.015  
ILE 'L-peptide linking' y ISOLEUCINE                   ?                               'C6 H13 N O2'    131.173 
LEU 'L-peptide linking' y LEUCINE                      ?                               'C6 H13 N O2'    131.173 
LYS 'L-peptide linking' y LYSINE                       ?                               'C6 H15 N2 O2 1' 147.195 
PHE 'L-peptide linking' y PHENYLALANINE                ?                               'C9 H11 N O2'    165.189 
PRO 'L-peptide linking' y PROLINE                      ?                               'C5 H9 N O2'     115.130 
SER 'L-peptide linking' y SERINE                       ?                               'C3 H7 N O3'     105.093 
SO4 non-polymer         . 'SULFATE ION'                ?                               'O4 S -2'        96.063  
THR 'L-peptide linking' y THREONINE                    ?                               'C4 H9 N O3'     119.119 
TRP 'L-peptide linking' y TRYPTOPHAN                   ?                               'C11 H12 N2 O2'  204.225 
TYR 'L-peptide linking' y TYROSINE                     ?                               'C9 H11 N O3'    181.189 
VAL 'L-peptide linking' y VALINE                       ?                               'C5 H11 N O2'    117.146 
# 
_exptl.entry_id          1H0S 
_exptl.method            'X-RAY DIFFRACTION' 
_exptl.crystals_number   1 
# 
_exptl_crystal.id                    1 
_exptl_crystal.density_meas          ? 
_exptl_crystal.density_Matthews      2.77 
_exptl_crystal.density_percent_sol   55.5 
_exptl_crystal.description           ? 
# 
_exptl_crystal_grow.crystal_id      1 
_exptl_crystal_grow.method          ? 
_exptl_crystal_grow.temp            ? 
_exptl_crystal_grow.temp_details    ? 
_exptl_crystal_grow.pH              6.50 
_exptl_crystal_grow.pdbx_pH_range   ? 
_exptl_crystal_grow.pdbx_details    '20% ME2KPEG,0.5M AMMONIUM SULPHATE 0.1M MOPS PH 6.5' 
# 
_diffrn.id                     1 
_diffrn.ambient_temp           100.0 
_diffrn.ambient_temp_details   ? 
_diffrn.crystal_id             1 
# 
_diffrn_detector.diffrn_id              1 
_diffrn_detector.detector               CCD 
_diffrn_detector.type                   'ADSC CCD' 
_diffrn_detector.pdbx_collection_date   1999-07-07 
_diffrn_detector.details                ? 
# 
_diffrn_radiation.diffrn_id                        1 
_diffrn_radiation.wavelength_id                    1 
_diffrn_radiation.pdbx_monochromatic_or_laue_m_l   M 
_diffrn_radiation.monochromator                    ? 
_diffrn_radiation.pdbx_diffrn_protocol             'SINGLE WAVELENGTH' 
_diffrn_radiation.pdbx_scattering_type             x-ray 
# 
_diffrn_radiation_wavelength.id           1 
_diffrn_radiation_wavelength.wavelength   0.87 
_diffrn_radiation_wavelength.wt           1.0 
# 
_diffrn_source.diffrn_id                   1 
_diffrn_source.source                      SYNCHROTRON 
_diffrn_source.type                        'SRS BEAMLINE PX9.6' 
_diffrn_source.pdbx_synchrotron_site       SRS 
_diffrn_source.pdbx_synchrotron_beamline   PX9.6 
_diffrn_source.pdbx_wavelength             0.87 
_diffrn_source.pdbx_wavelength_list        ? 
# 
_reflns.pdbx_diffrn_id               1 
_reflns.pdbx_ordinal                 1 
_reflns.entry_id                     1H0S 
_reflns.observed_criterion_sigma_I   ? 
_reflns.observed_criterion_sigma_F   ? 
_reflns.d_resolution_low             70.000 
_reflns.d_resolution_high            1.700 
_reflns.number_obs                   117533 
_reflns.number_all                   ? 
_reflns.percent_possible_obs         100.0 
_reflns.pdbx_Rmerge_I_obs            0.07700 
_reflns.pdbx_Rsym_value              ? 
_reflns.pdbx_netI_over_sigmaI        12.3000 
_reflns.B_iso_Wilson_estimate        21.62 
_reflns.pdbx_redundancy              6.300 
# 
_reflns_shell.pdbx_diffrn_id         1 
_reflns_shell.pdbx_ordinal           1 
_reflns_shell.d_res_high             1.69 
_reflns_shell.d_res_low              1.73 
_reflns_shell.percent_possible_all   100.0 
_reflns_shell.Rmerge_I_obs           0.80800 
_reflns_shell.pdbx_Rsym_value        ? 
_reflns_shell.meanI_over_sigI_obs    2.230 
_reflns_shell.pdbx_redundancy        3.60 
# 
_refine.pdbx_refine_id                           'X-RAY DIFFRACTION' 
_refine.entry_id                                 1H0S 
_refine.pdbx_diffrn_id                           1 
_refine.pdbx_TLS_residual_ADP_flag               ? 
_refine.ls_number_reflns_obs                     15717 
_refine.ls_number_reflns_all                     ? 
_refine.pdbx_ls_sigma_I                          ? 
_refine.pdbx_ls_sigma_F                          0.0 
_refine.pdbx_data_cutoff_high_absF               ? 
_refine.pdbx_data_cutoff_low_absF                ? 
_refine.pdbx_data_cutoff_high_rms_absF           ? 
_refine.ls_d_res_low                             72.55 
_refine.ls_d_res_high                            1.7 
_refine.ls_percent_reflns_obs                    93.62 
_refine.ls_R_factor_obs                          0.1414 
_refine.ls_R_factor_all                          ? 
_refine.ls_R_factor_R_work                       0.137 
_refine.ls_R_factor_R_free                       0.176 
_refine.ls_R_factor_R_free_error                 ? 
_refine.ls_R_factor_R_free_error_details         ? 
_refine.ls_percent_reflns_R_free                 10.2 
_refine.ls_number_reflns_R_free                  1777 
_refine.ls_number_parameters                     ? 
_refine.ls_number_restraints                     ? 
_refine.occupancy_min                            ? 
_refine.occupancy_max                            ? 
_refine.correlation_coeff_Fo_to_Fc               ? 
_refine.correlation_coeff_Fo_to_Fc_free          ? 
_refine.B_iso_mean                               13.5 
_refine.aniso_B[1][1]                            ? 
_refine.aniso_B[2][2]                            ? 
_refine.aniso_B[3][3]                            ? 
_refine.aniso_B[1][2]                            ? 
_refine.aniso_B[1][3]                            ? 
_refine.aniso_B[2][3]                            ? 
_refine.solvent_model_details                    ? 
_refine.solvent_model_param_ksol                 ? 
_refine.solvent_model_param_bsol                 ? 
_refine.pdbx_solvent_vdw_probe_radii             ? 
_refine.pdbx_solvent_ion_probe_radii             ? 
_refine.pdbx_solvent_shrinkage_radii             ? 
_refine.pdbx_ls_cross_valid_method               ? 
_refine.details                                  'RESIDUES 20-25 ARE DISORDERED' 
_refine.pdbx_starting_model                      'PDB ENTRY 2DHQ' 
_refine.pdbx_method_to_determine_struct          'MOLECULAR REPLACEMENT' 
_refine.pdbx_isotropic_thermal_model             ? 
_refine.pdbx_stereochemistry_target_values       ? 
_refine.pdbx_stereochem_target_val_spec_case     ? 
_refine.pdbx_R_Free_selection_details            RANDOM 
_refine.pdbx_overall_ESU_R                       0.087 
_refine.pdbx_overall_ESU_R_Free                  0.091 
_refine.overall_SU_ML                            0.056 
_refine.pdbx_overall_phase_error                 ? 
_refine.overall_SU_B                             1.739 
_refine.overall_SU_R_Cruickshank_DPI             ? 
_refine.pdbx_overall_SU_R_free_Cruickshank_DPI   ? 
_refine.pdbx_overall_SU_R_Blow_DPI               ? 
_refine.pdbx_overall_SU_R_free_Blow_DPI          ? 
# 
_refine_hist.pdbx_refine_id                   'X-RAY DIFFRACTION' 
_refine_hist.cycle_id                         LAST 
_refine_hist.pdbx_number_atoms_protein        1043 
_refine_hist.pdbx_number_atoms_nucleic_acid   0 
_refine_hist.pdbx_number_atoms_ligand         47 
_refine_hist.number_atoms_solvent             186 
_refine_hist.number_atoms_total               1276 
_refine_hist.d_res_high                       1.7 
_refine_hist.d_res_low                        72.55 
# 
_struct.entry_id                  1H0S 
_struct.title                     
'3-dehydroquinate dehydratase from Mycobacterium tuberculosis in complex with 3-hydroxyimino-quinic acid' 
_struct.pdbx_model_details        ? 
_struct.pdbx_CASP_flag            ? 
_struct.pdbx_model_type_details   ? 
# 
_struct_keywords.entry_id        1H0S 
_struct_keywords.pdbx_keywords   LYASE 
_struct_keywords.text            'LYASE, SHIKIMATE PATHWAY, ALPHA/BETA PROTEIN' 
# 
loop_
_struct_asym.id 
_struct_asym.pdbx_blank_PDB_chainid_flag 
_struct_asym.pdbx_modified 
_struct_asym.entity_id 
_struct_asym.details 
A N N 1 ? 
B N N 2 ? 
C N N 3 ? 
D N N 3 ? 
E N N 3 ? 
F N N 4 ? 
G N N 4 ? 
H N N 4 ? 
I N N 5 ? 
# 
_struct_biol.id   1 
# 
loop_
_struct_conf.conf_type_id 
_struct_conf.id 
_struct_conf.pdbx_PDB_helix_id 
_struct_conf.beg_label_comp_id 
_struct_conf.beg_label_asym_id 
_struct_conf.beg_label_seq_id 
_struct_conf.pdbx_beg_PDB_ins_code 
_struct_conf.end_label_comp_id 
_struct_conf.end_label_asym_id 
_struct_conf.end_label_seq_id 
_struct_conf.pdbx_end_PDB_ins_code 
_struct_conf.beg_auth_comp_id 
_struct_conf.beg_auth_asym_id 
_struct_conf.beg_auth_seq_id 
_struct_conf.end_auth_comp_id 
_struct_conf.end_auth_asym_id 
_struct_conf.end_auth_seq_id 
_struct_conf.pdbx_PDB_helix_class 
_struct_conf.details 
_struct_conf.pdbx_PDB_helix_length 
HELX_P HELX_P1 1 ASN A 12  ? LEU A 16  ? ASN A 12  LEU A 16  5 ? 5  
HELX_P HELX_P2 2 THR A 28  ? GLY A 44  ? THR A 28  GLY A 44  1 ? 17 
HELX_P HELX_P3 3 SER A 54  ? ALA A 69  ? SER A 54  ALA A 69  1 ? 16 
HELX_P HELX_P4 4 ALA A 76  ? THR A 82  ? ALA A 76  THR A 82  5 ? 7  
HELX_P HELX_P5 5 SER A 83  ? GLU A 92  ? SER A 83  GLU A 92  1 ? 10 
HELX_P HELX_P6 6 ASN A 104 ? ARG A 108 ? ASN A 104 ARG A 108 5 ? 5  
HELX_P HELX_P7 7 GLU A 109 ? HIS A 114 ? GLU A 109 HIS A 114 5 ? 6  
HELX_P HELX_P8 8 ILE A 130 ? HIS A 143 ? ILE A 130 HIS A 143 1 ? 14 
# 
_struct_conf_type.id          HELX_P 
_struct_conf_type.criteria    ? 
_struct_conf_type.reference   ? 
# 
_struct_sheet.id               AA 
_struct_sheet.type             ? 
_struct_sheet.number_strands   5 
_struct_sheet.details          ? 
# 
loop_
_struct_sheet_order.sheet_id 
_struct_sheet_order.range_id_1 
_struct_sheet_order.range_id_2 
_struct_sheet_order.offset 
_struct_sheet_order.sense 
AA 1 2 ? parallel 
AA 2 3 ? parallel 
AA 3 4 ? parallel 
AA 4 5 ? parallel 
# 
loop_
_struct_sheet_range.sheet_id 
_struct_sheet_range.id 
_struct_sheet_range.beg_label_comp_id 
_struct_sheet_range.beg_label_asym_id 
_struct_sheet_range.beg_label_seq_id 
_struct_sheet_range.pdbx_beg_PDB_ins_code 
_struct_sheet_range.end_label_comp_id 
_struct_sheet_range.end_label_asym_id 
_struct_sheet_range.end_label_seq_id 
_struct_sheet_range.pdbx_end_PDB_ins_code 
_struct_sheet_range.beg_auth_comp_id 
_struct_sheet_range.beg_auth_asym_id 
_struct_sheet_range.beg_auth_seq_id 
_struct_sheet_range.end_auth_comp_id 
_struct_sheet_range.end_auth_asym_id 
_struct_sheet_range.end_auth_seq_id 
AA 1 LYS A 46  ? GLN A 51  ? LYS A 46  GLN A 51  
AA 2 ILE A 4   ? ASN A 9   ? ILE A 4   ASN A 9   
AA 3 VAL A 72  ? ASN A 75  ? VAL A 72  ASN A 75  
AA 4 LEU A 97  ? HIS A 101 ? LEU A 97  HIS A 101 
AA 5 GLY A 123 ? VAL A 126 ? GLY A 123 VAL A 126 
# 
loop_
_pdbx_struct_sheet_hbond.sheet_id 
_pdbx_struct_sheet_hbond.range_id_1 
_pdbx_struct_sheet_hbond.range_id_2 
_pdbx_struct_sheet_hbond.range_1_label_atom_id 
_pdbx_struct_sheet_hbond.range_1_label_comp_id 
_pdbx_struct_sheet_hbond.range_1_label_asym_id 
_pdbx_struct_sheet_hbond.range_1_label_seq_id 
_pdbx_struct_sheet_hbond.range_1_PDB_ins_code 
_pdbx_struct_sheet_hbond.range_1_auth_atom_id 
_pdbx_struct_sheet_hbond.range_1_auth_comp_id 
_pdbx_struct_sheet_hbond.range_1_auth_asym_id 
_pdbx_struct_sheet_hbond.range_1_auth_seq_id 
_pdbx_struct_sheet_hbond.range_2_label_atom_id 
_pdbx_struct_sheet_hbond.range_2_label_comp_id 
_pdbx_struct_sheet_hbond.range_2_label_asym_id 
_pdbx_struct_sheet_hbond.range_2_label_seq_id 
_pdbx_struct_sheet_hbond.range_2_PDB_ins_code 
_pdbx_struct_sheet_hbond.range_2_auth_atom_id 
_pdbx_struct_sheet_hbond.range_2_auth_comp_id 
_pdbx_struct_sheet_hbond.range_2_auth_asym_id 
_pdbx_struct_sheet_hbond.range_2_auth_seq_id 
AA 1 2 N VAL A 48 ? N VAL A 48 O VAL A 5   ? O VAL A 5   
AA 2 3 N ILE A 8  ? N ILE A 8  O ILE A 73  ? O ILE A 73  
AA 3 4 N LEU A 74 ? N LEU A 74 O ILE A 98  ? O ILE A 98  
AA 4 5 N GLU A 99 ? N GLU A 99 O GLY A 123 ? O GLY A 123 
# 
loop_
_struct_site.id 
_struct_site.pdbx_evidence_code 
_struct_site.pdbx_auth_asym_id 
_struct_site.pdbx_auth_comp_id 
_struct_site.pdbx_auth_seq_id 
_struct_site.pdbx_auth_ins_code 
_struct_site.pdbx_num_residues 
_struct_site.details 
AC1 Software A SO4 201 ? 8  'BINDING SITE FOR RESIDUE SO4 A 201' 
AC2 Software A SO4 202 ? 11 'BINDING SITE FOR RESIDUE SO4 A 202' 
AC3 Software A SO4 203 ? 5  'BINDING SITE FOR RESIDUE SO4 A 203' 
AC4 Software A FA6 200 ? 13 'BINDING SITE FOR RESIDUE FA6 A 200' 
AC5 Software A GOL 204 ? 6  'BINDING SITE FOR RESIDUE GOL A 204' 
AC6 Software A GOL 205 ? 9  'BINDING SITE FOR RESIDUE GOL A 205' 
AC7 Software A GOL 206 ? 3  'BINDING SITE FOR RESIDUE GOL A 206' 
# 
loop_
_struct_site_gen.id 
_struct_site_gen.site_id 
_struct_site_gen.pdbx_num_res 
_struct_site_gen.label_comp_id 
_struct_site_gen.label_asym_id 
_struct_site_gen.label_seq_id 
_struct_site_gen.pdbx_auth_ins_code 
_struct_site_gen.auth_comp_id 
_struct_site_gen.auth_asym_id 
_struct_site_gen.auth_seq_id 
_struct_site_gen.label_atom_id 
_struct_site_gen.label_alt_id 
_struct_site_gen.symmetry 
_struct_site_gen.details 
1  AC1 8  SER A 54  ? SER A 54   . ? 45_455 ? 
2  AC1 8  SER A 54  ? SER A 54   . ? 17_554 ? 
3  AC1 8  SER A 54  ? SER A 54   . ? 1_555  ? 
4  AC1 8  HOH I .   ? HOH A 2173 . ? 1_555  ? 
5  AC1 8  HOH I .   ? HOH A 2173 . ? 45_455 ? 
6  AC1 8  HOH I .   ? HOH A 2174 . ? 17_554 ? 
7  AC1 8  HOH I .   ? HOH A 2174 . ? 45_455 ? 
8  AC1 8  HOH I .   ? HOH A 2174 . ? 1_555  ? 
9  AC2 11 ARG A 87  ? ARG A 87   . ? 1_555  ? 
10 AC2 11 GLU A 109 ? GLU A 109  . ? 45_455 ? 
11 AC2 11 PHE A 111 ? PHE A 111  . ? 45_455 ? 
12 AC2 11 ARG A 113 ? ARG A 113  . ? 27_555 ? 
13 AC2 11 PRO A 119 ? PRO A 119  . ? 1_555  ? 
14 AC2 11 HOH I .   ? HOH A 2175 . ? 1_555  ? 
15 AC2 11 HOH I .   ? HOH A 2176 . ? 1_555  ? 
16 AC2 11 HOH I .   ? HOH A 2177 . ? 1_555  ? 
17 AC2 11 HOH I .   ? HOH A 2178 . ? 1_555  ? 
18 AC2 11 HOH I .   ? HOH A 2179 . ? 1_555  ? 
19 AC2 11 HOH I .   ? HOH A 2184 . ? 1_555  ? 
20 AC3 5  TRP A 61  ? TRP A 61   . ? 1_555  ? 
21 AC3 5  GLN A 64  ? GLN A 64   . ? 1_555  ? 
22 AC3 5  HOH I .   ? HOH A 2094 . ? 1_555  ? 
23 AC3 5  HOH I .   ? HOH A 2180 . ? 1_555  ? 
24 AC3 5  HOH I .   ? HOH A 2181 . ? 1_555  ? 
25 AC4 13 PRO A 11  ? PRO A 11   . ? 1_555  ? 
26 AC4 13 LEU A 13  ? LEU A 13   . ? 1_555  ? 
27 AC4 13 ARG A 19  ? ARG A 19   . ? 1_555  ? 
28 AC4 13 ASN A 75  ? ASN A 75   . ? 1_555  ? 
29 AC4 13 GLY A 77  ? GLY A 77   . ? 1_555  ? 
30 AC4 13 GLY A 78  ? GLY A 78   . ? 1_555  ? 
31 AC4 13 HIS A 81  ? HIS A 81   . ? 1_555  ? 
32 AC4 13 ASP A 88  ? ASP A 88   . ? 17_554 ? 
33 AC4 13 HIS A 101 ? HIS A 101  . ? 1_555  ? 
34 AC4 13 ILE A 102 ? ILE A 102  . ? 1_555  ? 
35 AC4 13 SER A 103 ? SER A 103  . ? 1_555  ? 
36 AC4 13 ARG A 112 ? ARG A 112  . ? 1_555  ? 
37 AC4 13 HOH I .   ? HOH A 2172 . ? 1_555  ? 
38 AC5 6  LEU A 128 ? LEU A 128  . ? 1_555  ? 
39 AC5 6  GLY A 129 ? GLY A 129  . ? 1_555  ? 
40 AC5 6  ILE A 130 ? ILE A 130  . ? 1_555  ? 
41 AC5 6  GLN A 131 ? GLN A 131  . ? 1_555  ? 
42 AC5 6  HIS A 143 ? HIS A 143  . ? 27_555 ? 
43 AC5 6  HOH I .   ? HOH A 2182 . ? 1_555  ? 
44 AC6 9  HIS A 81  ? HIS A 81   . ? 1_555  ? 
45 AC6 9  HIS A 114 ? HIS A 114  . ? 1_555  ? 
46 AC6 9  SER A 115 ? SER A 115  . ? 1_555  ? 
47 AC6 9  TYR A 116 ? TYR A 116  . ? 1_555  ? 
48 AC6 9  HOH I .   ? HOH A 2151 . ? 1_555  ? 
49 AC6 9  HOH I .   ? HOH A 2177 . ? 1_555  ? 
50 AC6 9  HOH I .   ? HOH A 2184 . ? 1_555  ? 
51 AC6 9  HOH I .   ? HOH A 2185 . ? 1_555  ? 
52 AC6 9  HOH I .   ? HOH A 2186 . ? 1_555  ? 
53 AC7 3  LYS A 46  ? LYS A 46   . ? 1_555  ? 
54 AC7 3  ALA A 47  ? ALA A 47   . ? 1_555  ? 
55 AC7 3  ARG A 50  ? ARG A 50   . ? 1_555  ? 
# 
_atom_sites.entry_id                    1H0S 
_atom_sites.fract_transf_matrix[1][1]   -0.00680495 
_atom_sites.fract_transf_matrix[1][2]   0.00161613 
_atom_sites.fract_transf_matrix[1][3]   -0.00363627 
_atom_sites.fract_transf_matrix[2][1]   -0.00137222 
_atom_sites.fract_transf_matrix[2][2]   0.00580863 
_atom_sites.fract_transf_matrix[2][3]   0.00514962 
_atom_sites.fract_transf_matrix[3][1]   0.00373515 
_atom_sites.fract_transf_matrix[3][2]   0.00507835 
_atom_sites.fract_transf_matrix[3][3]   -0.00473293 
_atom_sites.fract_transf_vector[1]      0.176035 
_atom_sites.fract_transf_vector[2]      0.508932 
_atom_sites.fract_transf_vector[3]      0.191086 
# 
loop_
_atom_type.symbol 
C 
N 
O 
S 
# 
loop_
_atom_site.group_PDB 
_atom_site.id 
_atom_site.type_symbol 
_atom_site.label_atom_id 
_atom_site.label_alt_id 
_atom_site.label_comp_id 
_atom_site.label_asym_id 
_atom_site.label_entity_id 
_atom_site.label_seq_id 
_atom_site.pdbx_PDB_ins_code 
_atom_site.Cartn_x 
_atom_site.Cartn_y 
_atom_site.Cartn_z 
_atom_site.occupancy 
_atom_site.B_iso_or_equiv 
_atom_site.pdbx_formal_charge 
_atom_site.auth_seq_id 
_atom_site.auth_comp_id 
_atom_site.auth_asym_id 
_atom_site.auth_atom_id 
_atom_site.pdbx_PDB_model_num 
ATOM   1    N N   . GLU A 1 2   ? 13.874  -4.171  -10.826 1.00 35.26 ? 2    GLU A N   1 
ATOM   2    C CA  . GLU A 1 2   ? 14.046  -5.247  -9.761  1.00 33.85 ? 2    GLU A CA  1 
ATOM   3    C C   . GLU A 1 2   ? 12.723  -6.035  -9.584  1.00 31.42 ? 2    GLU A C   1 
ATOM   4    O O   . GLU A 1 2   ? 11.652  -5.490  -9.821  1.00 29.96 ? 2    GLU A O   1 
ATOM   5    C CB  . GLU A 1 2   ? 14.450  -4.599  -8.423  1.00 35.07 ? 2    GLU A CB  1 
ATOM   6    C CG  . GLU A 1 2   ? 14.851  -5.629  -7.355  1.00 37.07 ? 2    GLU A CG  1 
ATOM   7    C CD  . GLU A 1 2   ? 14.094  -5.592  -6.011  1.00 38.29 ? 2    GLU A CD  1 
ATOM   8    O OE1 . GLU A 1 2   ? 13.081  -4.775  -5.814  1.00 31.16 ? 2    GLU A OE1 1 
ATOM   9    O OE2 . GLU A 1 2   ? 14.594  -6.388  -5.115  1.00 37.55 ? 2    GLU A OE2 1 
ATOM   10   N N   . LEU A 1 3   ? 12.799  -7.321  -9.226  1.00 26.75 ? 3    LEU A N   1 
ATOM   11   C CA  . LEU A 1 3   ? 11.574  -8.107  -9.162  1.00 24.85 ? 3    LEU A CA  1 
ATOM   12   C C   . LEU A 1 3   ? 10.642  -7.751  -8.024  1.00 20.42 ? 3    LEU A C   1 
ATOM   13   O O   . LEU A 1 3   ? 9.466   -7.836  -8.197  1.00 18.20 ? 3    LEU A O   1 
ATOM   14   C CB  . LEU A 1 3   ? 11.850  -9.620  -9.048  1.00 24.51 ? 3    LEU A CB  1 
ATOM   15   C CG  . LEU A 1 3   ? 11.953  -10.314 -10.399 1.00 27.04 ? 3    LEU A CG  1 
ATOM   16   C CD1 . LEU A 1 3   ? 13.079  -9.649  -11.190 1.00 29.84 ? 3    LEU A CD1 1 
ATOM   17   C CD2 . LEU A 1 3   ? 12.195  -11.819 -10.235 1.00 28.55 ? 3    LEU A CD2 1 
ATOM   18   N N   . ILE A 1 4   ? 11.165  -7.431  -6.840  1.00 18.43 ? 4    ILE A N   1 
ATOM   19   C CA  . ILE A 1 4   ? 10.331  -7.456  -5.634  1.00 14.69 ? 4    ILE A CA  1 
ATOM   20   C C   . ILE A 1 4   ? 9.606   -6.145  -5.394  1.00 14.53 ? 4    ILE A C   1 
ATOM   21   O O   . ILE A 1 4   ? 10.210  -5.081  -5.428  1.00 13.91 ? 4    ILE A O   1 
ATOM   22   C CB  . ILE A 1 4   ? 11.200  -7.860  -4.391  1.00 14.56 ? 4    ILE A CB  1 
ATOM   23   C CG1 . ILE A 1 4   ? 11.814  -9.232  -4.649  1.00 15.65 ? 4    ILE A CG1 1 
ATOM   24   C CG2 . ILE A 1 4   ? 10.359  -7.867  -3.094  1.00 13.97 ? 4    ILE A CG2 1 
ATOM   25   C CD1 . ILE A 1 4   ? 12.732  -9.667  -3.591  1.00 14.74 ? 4    ILE A CD1 1 
ATOM   26   N N   . VAL A 1 5   ? 8.307   -6.249  -5.136  1.00 12.58 ? 5    VAL A N   1 
ATOM   27   C CA  . VAL A 1 5   ? 7.484   -5.134  -4.659  1.00 11.44 ? 5    VAL A CA  1 
ATOM   28   C C   . VAL A 1 5   ? 6.766   -5.552  -3.379  1.00 10.96 ? 5    VAL A C   1 
ATOM   29   O O   . VAL A 1 5   ? 6.197   -6.631  -3.331  1.00 11.00 ? 5    VAL A O   1 
ATOM   30   C CB  . VAL A 1 5   ? 6.397   -4.743  -5.759  1.00 11.29 ? 5    VAL A CB  1 
ATOM   31   C CG1 . VAL A 1 5   ? 5.476   -3.640  -5.218  1.00 11.82 ? 5    VAL A CG1 1 
ATOM   32   C CG2 . VAL A 1 5   ? 7.061   -4.383  -7.030  1.00 13.07 ? 5    VAL A CG2 1 
ATOM   33   N N   . ASN A 1 6   ? 6.839   -4.702  -2.359  1.00 10.36 ? 6    ASN A N   1 
ATOM   34   C CA  . ASN A 1 6   ? 6.142   -4.864  -1.093  1.00 9.45  ? 6    ASN A CA  1 
ATOM   35   C C   . ASN A 1 6   ? 4.764   -4.225  -1.163  1.00 10.61 ? 6    ASN A C   1 
ATOM   36   O O   . ASN A 1 6   ? 4.660   -3.054  -1.536  1.00 13.37 ? 6    ASN A O   1 
ATOM   37   C CB  . ASN A 1 6   ? 6.969   -4.274  0.036   1.00 9.79  ? 6    ASN A CB  1 
ATOM   38   C CG  . ASN A 1 6   ? 8.272   -4.993  0.194   1.00 11.52 ? 6    ASN A CG  1 
ATOM   39   O OD1 . ASN A 1 6   ? 8.315   -6.167  0.591   1.00 12.44 ? 6    ASN A OD1 1 
ATOM   40   N ND2 . ASN A 1 6   ? 9.333   -4.332  -0.204  1.00 9.25  ? 6    ASN A ND2 1 
ATOM   41   N N   . VAL A 1 7   ? 3.724   -4.979  -0.774  1.00 9.53  ? 7    VAL A N   1 
ATOM   42   C CA  . VAL A 1 7   ? 2.381   -4.435  -0.677  1.00 10.07 ? 7    VAL A CA  1 
ATOM   43   C C   . VAL A 1 7   ? 1.994   -4.525  0.788   1.00 8.32  ? 7    VAL A C   1 
ATOM   44   O O   . VAL A 1 7   ? 1.909   -5.601  1.352   1.00 9.98  ? 7    VAL A O   1 
ATOM   45   C CB  . VAL A 1 7   ? 1.350   -5.164  -1.553  1.00 9.93  ? 7    VAL A CB  1 
ATOM   46   C CG1 . VAL A 1 7   ? -0.016  -4.515  -1.403  1.00 12.88 ? 7    VAL A CG1 1 
ATOM   47   C CG2 . VAL A 1 7   ? 1.791   -5.190  -2.983  1.00 11.48 ? 7    VAL A CG2 1 
ATOM   48   N N   . ILE A 1 8   ? 1.798   -3.365  1.433   1.00 7.11  ? 8    ILE A N   1 
ATOM   49   C CA  . ILE A 1 8   ? 1.612   -3.349  2.871   1.00 6.40  ? 8    ILE A CA  1 
ATOM   50   C C   . ILE A 1 8   ? 0.247   -2.741  3.179   1.00 9.30  ? 8    ILE A C   1 
ATOM   51   O O   . ILE A 1 8   ? -0.070  -1.615  2.758   1.00 7.81  ? 8    ILE A O   1 
ATOM   52   C CB  . ILE A 1 8   ? 2.747   -2.555  3.529   1.00 6.35  ? 8    ILE A CB  1 
ATOM   53   C CG1 . ILE A 1 8   ? 4.075   -3.348  3.365   1.00 9.61  ? 8    ILE A CG1 1 
ATOM   54   C CG2 . ILE A 1 8   ? 2.462   -2.272  5.007   1.00 8.88  ? 8    ILE A CG2 1 
ATOM   55   C CD1 . ILE A 1 8   ? 5.293   -2.583  3.725   1.00 12.64 ? 8    ILE A CD1 1 
ATOM   56   N N   . ASN A 1 9   ? -0.576  -3.536  3.833   1.00 7.67  ? 9    ASN A N   1 
ATOM   57   C CA  . ASN A 1 9   ? -1.918  -3.100  4.299   1.00 6.19  ? 9    ASN A CA  1 
ATOM   58   C C   . ASN A 1 9   ? -1.997  -2.879  5.817   1.00 6.92  ? 9    ASN A C   1 
ATOM   59   O O   . ASN A 1 9   ? -1.583  -3.729  6.608   1.00 7.52  ? 9    ASN A O   1 
ATOM   60   C CB  . ASN A 1 9   ? -2.954  -4.105  3.862   1.00 6.73  ? 9    ASN A CB  1 
ATOM   61   C CG  . ASN A 1 9   ? -3.225  -4.067  2.403   1.00 10.96 ? 9    ASN A CG  1 
ATOM   62   O OD1 . ASN A 1 9   ? -3.229  -2.979  1.761   1.00 10.15 ? 9    ASN A OD1 1 
ATOM   63   N ND2 . ASN A 1 9   ? -3.483  -5.284  1.830   1.00 8.59  ? 9    ASN A ND2 1 
ATOM   64   N N   . GLY A 1 10  ? -2.605  -1.738  6.197   1.00 6.51  ? 10   GLY A N   1 
ATOM   65   C CA  . GLY A 1 10  ? -2.756  -1.390  7.596   1.00 7.56  ? 10   GLY A CA  1 
ATOM   66   C C   . GLY A 1 10  ? -4.076  -1.730  8.240   1.00 8.17  ? 10   GLY A C   1 
ATOM   67   O O   . GLY A 1 10  ? -4.812  -2.622  7.775   1.00 8.47  ? 10   GLY A O   1 
ATOM   68   N N   . PRO A 1 11  ? -4.401  -1.057  9.347   1.00 8.65  ? 11   PRO A N   1 
ATOM   69   C CA  . PRO A 1 11  ? -5.559  -1.459  10.151  1.00 9.18  ? 11   PRO A CA  1 
ATOM   70   C C   . PRO A 1 11  ? -6.878  -1.642  9.420   1.00 7.41  ? 11   PRO A C   1 
ATOM   71   O O   . PRO A 1 11  ? -7.219  -0.843  8.565   1.00 8.85  ? 11   PRO A O   1 
ATOM   72   C CB  . PRO A 1 11  ? -5.702  -0.346  11.194  1.00 9.74  ? 11   PRO A CB  1 
ATOM   73   C CG  . PRO A 1 11  ? -4.290  0.132   11.391  1.00 12.25 ? 11   PRO A CG  1 
ATOM   74   C CD  . PRO A 1 11  ? -3.632  0.020   10.001  1.00 9.80  ? 11   PRO A CD  1 
ATOM   75   N N   . ASN A 1 12  ? -7.577  -2.742  9.774   1.00 6.37  ? 12   ASN A N   1 
ATOM   76   C CA  . ASN A 1 12  ? -8.928  -3.110  9.327   1.00 8.19  ? 12   ASN A CA  1 
ATOM   77   C C   . ASN A 1 12  ? -8.976  -3.733  7.945   1.00 7.78  ? 12   ASN A C   1 
ATOM   78   O O   . ASN A 1 12  ? -9.997  -4.272  7.556   1.00 9.06  ? 12   ASN A O   1 
ATOM   79   C CB  . ASN A 1 12  ? -9.926  -1.952  9.438   1.00 7.21  ? 12   ASN A CB  1 
ATOM   80   C CG  . ASN A 1 12  ? -10.150 -1.535  10.906  1.00 9.91  ? 12   ASN A CG  1 
ATOM   81   O OD1 . ASN A 1 12  ? -10.490 -2.364  11.737  1.00 12.46 ? 12   ASN A OD1 1 
ATOM   82   N ND2 . ASN A 1 12  ? -9.785  -0.300  11.236  1.00 8.39  ? 12   ASN A ND2 1 
ATOM   83   N N   . LEU A 1 13  ? -7.841  -3.765  7.246   1.00 9.72  ? 13   LEU A N   1 
ATOM   84   C CA  . LEU A 1 13  ? -7.791  -4.387  5.914   1.00 8.66  ? 13   LEU A CA  1 
ATOM   85   C C   . LEU A 1 13  ? -7.807  -5.907  5.959   1.00 9.62  ? 13   LEU A C   1 
ATOM   86   O O   . LEU A 1 13  ? -8.167  -6.536  4.958   1.00 11.25 ? 13   LEU A O   1 
ATOM   87   C CB  . LEU A 1 13  ? -6.663  -3.804  5.061   1.00 9.27  ? 13   LEU A CB  1 
ATOM   88   C CG  . LEU A 1 13  ? -7.030  -2.387  4.648   1.00 10.52 ? 13   LEU A CG  1 
ATOM   89   C CD1 . LEU A 1 13  ? -5.835  -1.468  4.524   1.00 13.36 ? 13   LEU A CD1 1 
ATOM   90   C CD2 . LEU A 1 13  ? -7.873  -2.381  3.325   1.00 10.37 ? 13   LEU A CD2 1 
ATOM   91   N N   . GLY A 1 14  ? -7.523  -6.502  7.128   1.00 10.19 ? 14   GLY A N   1 
ATOM   92   C CA  . GLY A 1 14  ? -7.779  -7.919  7.283   1.00 10.82 ? 14   GLY A CA  1 
ATOM   93   C C   . GLY A 1 14  ? -9.241  -8.309  7.290   1.00 12.09 ? 14   GLY A C   1 
ATOM   94   O O   . GLY A 1 14  ? -9.566  -9.520  7.161   1.00 12.58 ? 14   GLY A O   1 
ATOM   95   N N   . ARG A 1 15  ? -10.129 -7.316  7.420   1.00 11.36 ? 15   ARG A N   1 
ATOM   96   C CA  . ARG A 1 15  ? -11.578 -7.539  7.562   1.00 12.49 ? 15   ARG A CA  1 
ATOM   97   C C   . ARG A 1 15  ? -12.304 -7.466  6.213   1.00 12.68 ? 15   ARG A C   1 
ATOM   98   O O   . ARG A 1 15  ? -13.528 -7.561  6.198   1.00 14.16 ? 15   ARG A O   1 
ATOM   99   C CB  . ARG A 1 15  ? -12.195 -6.488  8.503   1.00 12.08 ? 15   ARG A CB  1 
ATOM   100  C CG  . ARG A 1 15  ? -11.575 -6.442  9.917   1.00 13.33 ? 15   ARG A CG  1 
ATOM   101  C CD  . ARG A 1 15  ? -11.908 -7.608  10.792  1.00 13.26 ? 15   ARG A CD  1 
ATOM   102  N NE  . ARG A 1 15  ? -13.356 -7.648  11.018  1.00 11.11 ? 15   ARG A NE  1 
ATOM   103  C CZ  . ARG A 1 15  ? -14.042 -8.655  11.466  1.00 15.28 ? 15   ARG A CZ  1 
ATOM   104  N NH1 . ARG A 1 15  ? -13.445 -9.786  11.786  1.00 13.88 ? 15   ARG A NH1 1 
ATOM   105  N NH2 . ARG A 1 15  ? -15.372 -8.546  11.593  1.00 18.16 ? 15   ARG A NH2 1 
ATOM   106  N N   . LEU A 1 16  ? -11.578 -7.272  5.118   1.00 14.20 ? 16   LEU A N   1 
ATOM   107  C CA  . LEU A 1 16  ? -12.170 -7.201  3.794   1.00 14.52 ? 16   LEU A CA  1 
ATOM   108  C C   . LEU A 1 16  ? -13.081 -8.408  3.557   1.00 18.41 ? 16   LEU A C   1 
ATOM   109  O O   . LEU A 1 16  ? -12.729 -9.502  3.913   1.00 15.70 ? 16   LEU A O   1 
ATOM   110  C CB  . LEU A 1 16  ? -11.075 -7.178  2.703   1.00 14.56 ? 16   LEU A CB  1 
ATOM   111  C CG  . LEU A 1 16  ? -10.344 -5.849  2.491   1.00 15.26 ? 16   LEU A CG  1 
ATOM   112  C CD1 . LEU A 1 16  ? -9.115  -6.023  1.549   1.00 17.82 ? 16   LEU A CD1 1 
ATOM   113  C CD2 . LEU A 1 16  ? -11.277 -4.716  2.020   1.00 19.47 ? 16   LEU A CD2 1 
ATOM   114  N N   . GLY A 1 17  ? -14.274 -8.196  3.018   1.00 22.97 ? 17   GLY A N   1 
ATOM   115  C CA  . GLY A 1 17  ? -15.163 -9.313  2.698   1.00 27.96 ? 17   GLY A CA  1 
ATOM   116  C C   . GLY A 1 17  ? -16.174 -9.682  3.775   1.00 33.55 ? 17   GLY A C   1 
ATOM   117  O O   . GLY A 1 17  ? -16.818 -10.763 3.705   1.00 34.38 ? 17   GLY A O   1 
ATOM   118  N N   . ARG A 1 18  ? -16.260 -8.848  4.813   1.00 39.26 ? 18   ARG A N   1 
ATOM   119  C CA  . ARG A 1 18  ? -17.501 -8.630  5.610   1.00 43.62 ? 18   ARG A CA  1 
ATOM   120  C C   . ARG A 1 18  ? -17.712 -7.123  6.019   1.00 45.68 ? 18   ARG A C   1 
ATOM   121  O O   . ARG A 1 18  ? -18.800 -6.768  6.528   1.00 46.49 ? 18   ARG A O   1 
ATOM   122  C CB  . ARG A 1 18  ? -17.562 -9.539  6.852   1.00 44.23 ? 18   ARG A CB  1 
ATOM   123  C CG  . ARG A 1 18  ? -16.508 -10.661 6.898   1.00 49.13 ? 18   ARG A CG  1 
ATOM   124  C CD  . ARG A 1 18  ? -15.207 -10.304 7.620   1.00 54.58 ? 18   ARG A CD  1 
ATOM   125  N NE  . ARG A 1 18  ? -14.164 -11.336 7.459   1.00 59.36 ? 18   ARG A NE  1 
ATOM   126  C CZ  . ARG A 1 18  ? -12.982 -11.342 8.090   1.00 62.07 ? 18   ARG A CZ  1 
ATOM   127  N NH1 . ARG A 1 18  ? -12.654 -10.370 8.926   1.00 64.37 ? 18   ARG A NH1 1 
ATOM   128  N NH2 . ARG A 1 18  ? -12.108 -12.320 7.883   1.00 63.46 ? 18   ARG A NH2 1 
ATOM   129  N N   . ARG A 1 19  ? -16.681 -6.273  5.810   1.00 47.93 ? 19   ARG A N   1 
ATOM   130  C CA  . ARG A 1 19  ? -16.720 -4.793  6.059   1.00 48.82 ? 19   ARG A CA  1 
ATOM   131  C C   . ARG A 1 19  ? -17.809 -4.055  5.260   1.00 49.87 ? 19   ARG A C   1 
ATOM   132  O O   . ARG A 1 19  ? -17.965 -2.820  5.374   1.00 50.75 ? 19   ARG A O   1 
ATOM   133  C CB  . ARG A 1 19  ? -15.362 -4.133  5.726   1.00 49.00 ? 19   ARG A CB  1 
ATOM   134  C CG  . ARG A 1 19  ? -14.437 -3.970  6.884   1.00 47.96 ? 19   ARG A CG  1 
ATOM   135  C CD  . ARG A 1 19  ? -13.175 -3.106  6.640   1.00 47.36 ? 19   ARG A CD  1 
ATOM   136  N NE  . ARG A 1 19  ? -12.961 -2.649  5.259   1.00 46.61 ? 19   ARG A NE  1 
ATOM   137  C CZ  . ARG A 1 19  ? -12.021 -1.770  4.903   1.00 46.56 ? 19   ARG A CZ  1 
ATOM   138  N NH1 . ARG A 1 19  ? -11.197 -1.284  5.824   1.00 46.15 ? 19   ARG A NH1 1 
ATOM   139  N NH2 . ARG A 1 19  ? -11.907 -1.365  3.635   1.00 44.58 ? 19   ARG A NH2 1 
ATOM   140  N N   . GLY A 1 26  ? -17.113 -8.202  -0.834  1.00 30.78 ? 26   GLY A N   1 
ATOM   141  C CA  . GLY A 1 26  ? -17.036 -9.614  -1.165  1.00 29.80 ? 26   GLY A CA  1 
ATOM   142  C C   . GLY A 1 26  ? -15.611 -10.167 -1.184  1.00 28.25 ? 26   GLY A C   1 
ATOM   143  O O   . GLY A 1 26  ? -15.376 -11.254 -0.660  1.00 30.16 ? 26   GLY A O   1 
ATOM   144  N N   . THR A 1 27  ? -14.671 -9.441  -1.777  1.00 26.68 ? 27   THR A N   1 
ATOM   145  C CA  . THR A 1 27  ? -13.290 -9.924  -1.878  1.00 24.57 ? 27   THR A CA  1 
ATOM   146  C C   . THR A 1 27  ? -12.619 -9.930  -0.508  1.00 22.29 ? 27   THR A C   1 
ATOM   147  O O   . THR A 1 27  ? -12.572 -8.896  0.137   1.00 22.78 ? 27   THR A O   1 
ATOM   148  C CB  . THR A 1 27  ? -12.474 -9.008  -2.805  1.00 24.54 ? 27   THR A CB  1 
ATOM   149  O OG1 . THR A 1 27  ? -13.033 -8.943  -4.127  1.00 27.67 ? 27   THR A OG1 1 
ATOM   150  C CG2 . THR A 1 27  ? -11.084 -9.543  -2.995  1.00 24.27 ? 27   THR A CG2 1 
ATOM   151  N N   . THR A 1 28  ? -12.087 -11.060 -0.083  1.00 19.23 ? 28   THR A N   1 
ATOM   152  C CA  . THR A 1 28  ? -11.358 -11.158 1.183   1.00 17.26 ? 28   THR A CA  1 
ATOM   153  C C   . THR A 1 28  ? -9.902  -10.689 1.048   1.00 14.51 ? 28   THR A C   1 
ATOM   154  O O   . THR A 1 28  ? -9.373  -10.553 -0.051  1.00 13.47 ? 28   THR A O   1 
ATOM   155  C CB  . THR A 1 28  ? -11.327 -12.582 1.691   1.00 18.03 ? 28   THR A CB  1 
ATOM   156  O OG1 . THR A 1 28  ? -10.647 -13.422 0.741   1.00 18.71 ? 28   THR A OG1 1 
ATOM   157  C CG2 . THR A 1 28  ? -12.756 -13.169 1.865   1.00 19.10 ? 28   THR A CG2 1 
ATOM   158  N N   . HIS A 1 29  ? -9.224  -10.481 2.183   1.00 13.03 ? 29   HIS A N   1 
ATOM   159  C CA  . HIS A 1 29  ? -7.793  -10.225 2.098   1.00 12.99 ? 29   HIS A CA  1 
ATOM   160  C C   . HIS A 1 29  ? -6.958  -11.369 1.461   1.00 11.87 ? 29   HIS A C   1 
ATOM   161  O O   . HIS A 1 29  ? -6.072  -11.127 0.669   1.00 11.08 ? 29   HIS A O   1 
ATOM   162  C CB  . HIS A 1 29  ? -7.228  -9.795  3.453   1.00 13.10 ? 29   HIS A CB  1 
ATOM   163  C CG  . HIS A 1 29  ? -5.891  -9.154  3.342   1.00 13.23 ? 29   HIS A CG  1 
ATOM   164  N ND1 . HIS A 1 29  ? -4.723  -9.880  3.372   1.00 11.74 ? 29   HIS A ND1 1 
ATOM   165  C CD2 . HIS A 1 29  ? -5.536  -7.863  3.130   1.00 13.71 ? 29   HIS A CD2 1 
ATOM   166  C CE1 . HIS A 1 29  ? -3.699  -9.060  3.197   1.00 13.44 ? 29   HIS A CE1 1 
ATOM   167  N NE2 . HIS A 1 29  ? -4.166  -7.836  3.030   1.00 12.04 ? 29   HIS A NE2 1 
ATOM   168  N N   . ASP A 1 30  ? -7.218  -12.620 1.813   1.00 11.79 ? 30   ASP A N   1 
ATOM   169  C CA  . ASP A 1 30  ? -6.571  -13.772 1.132   1.00 11.96 ? 30   ASP A CA  1 
ATOM   170  C C   . ASP A 1 30  ? -6.760  -13.692 -0.390  1.00 12.42 ? 30   ASP A C   1 
ATOM   171  O O   . ASP A 1 30  ? -5.820  -13.911 -1.208  1.00 11.21 ? 30   ASP A O   1 
ATOM   172  C CB  . ASP A 1 30  ? -7.161  -15.073 1.700   1.00 13.41 ? 30   ASP A CB  1 
ATOM   173  C CG  . ASP A 1 30  ? -6.566  -15.477 3.015   1.00 17.50 ? 30   ASP A CG  1 
ATOM   174  O OD1 . ASP A 1 30  ? -5.634  -14.818 3.541   1.00 17.15 ? 30   ASP A OD1 1 
ATOM   175  O OD2 . ASP A 1 30  ? -6.950  -16.503 3.594   1.00 17.54 ? 30   ASP A OD2 1 
ATOM   176  N N   . GLU A 1 31  ? -7.968  -13.356 -0.812  1.00 13.38 ? 31   GLU A N   1 
ATOM   177  C CA  . GLU A 1 31  ? -8.264  -13.263 -2.263  1.00 14.64 ? 31   GLU A CA  1 
ATOM   178  C C   . GLU A 1 31  ? -7.492  -12.090 -2.886  1.00 12.97 ? 31   GLU A C   1 
ATOM   179  O O   . GLU A 1 31  ? -6.968  -12.186 -3.997  1.00 13.15 ? 31   GLU A O   1 
ATOM   180  C CB  . GLU A 1 31  ? -9.790  -13.156 -2.467  1.00 15.59 ? 31   GLU A CB  1 
ATOM   181  C CG  . GLU A 1 31  ? -10.290 -13.191 -3.884  1.00 23.32 ? 31   GLU A CG  1 
ATOM   182  C CD  . GLU A 1 31  ? -10.001 -14.481 -4.628  1.00 29.38 ? 31   GLU A CD  1 
ATOM   183  O OE1 . GLU A 1 31  ? -9.786  -15.519 -3.961  1.00 31.57 ? 31   GLU A OE1 1 
ATOM   184  O OE2 . GLU A 1 31  ? -9.987  -14.447 -5.887  1.00 34.05 ? 31   GLU A OE2 1 
ATOM   185  N N   . LEU A 1 32  ? -7.418  -10.975 -2.170  1.00 12.00 ? 32   LEU A N   1 
ATOM   186  C CA  . LEU A 1 32  ? -6.674  -9.844  -2.633  1.00 10.53 ? 32   LEU A CA  1 
ATOM   187  C C   . LEU A 1 32  ? -5.212  -10.270 -2.822  1.00 9.01  ? 32   LEU A C   1 
ATOM   188  O O   . LEU A 1 32  ? -4.579  -9.909  -3.832  1.00 10.62 ? 32   LEU A O   1 
ATOM   189  C CB  . LEU A 1 32  ? -6.812  -8.661  -1.619  1.00 11.06 ? 32   LEU A CB  1 
ATOM   190  C CG  . LEU A 1 32  ? -5.903  -7.459  -1.824  1.00 12.13 ? 32   LEU A CG  1 
ATOM   191  C CD1 . LEU A 1 32  ? -6.163  -6.920  -3.209  1.00 15.69 ? 32   LEU A CD1 1 
ATOM   192  C CD2 . LEU A 1 32  ? -6.116  -6.402  -0.788  1.00 12.74 ? 32   LEU A CD2 1 
ATOM   193  N N   . VAL A 1 33  ? -4.638  -10.957 -1.829  1.00 10.89 ? 33   VAL A N   1 
ATOM   194  C CA  . VAL A 1 33  ? -3.245  -11.464 -1.973  1.00 11.44 ? 33   VAL A CA  1 
ATOM   195  C C   . VAL A 1 33  ? -3.110  -12.280 -3.270  1.00 11.96 ? 33   VAL A C   1 
ATOM   196  O O   . VAL A 1 33  ? -2.191  -12.071 -4.050  1.00 13.34 ? 33   VAL A O   1 
ATOM   197  C CB  . VAL A 1 33  ? -2.781  -12.287 -0.709  1.00 12.90 ? 33   VAL A CB  1 
ATOM   198  C CG1 . VAL A 1 33  ? -1.420  -12.943 -0.949  1.00 13.90 ? 33   VAL A CG1 1 
ATOM   199  C CG2 . VAL A 1 33  ? -2.738  -11.393 0.506   1.00 13.07 ? 33   VAL A CG2 1 
ATOM   200  N N   . ALA A 1 34  ? -4.024  -13.224 -3.505  1.00 11.85 ? 34   ALA A N   1 
ATOM   201  C CA  . ALA A 1 34  ? -4.014  -14.055 -4.727  1.00 11.57 ? 34   ALA A CA  1 
ATOM   202  C C   . ALA A 1 34  ? -4.059  -13.251 -6.019  1.00 11.38 ? 34   ALA A C   1 
ATOM   203  O O   . ALA A 1 34  ? -3.338  -13.561 -6.966  1.00 13.28 ? 34   ALA A O   1 
ATOM   204  C CB  . ALA A 1 34  ? -5.178  -15.096 -4.699  1.00 12.39 ? 34   ALA A CB  1 
ATOM   205  N N   . LEU A 1 35  ? -4.947  -12.270 -6.088  1.00 12.06 ? 35   LEU A N   1 
ATOM   206  C CA  . LEU A 1 35  ? -5.071  -11.400 -7.241  1.00 12.43 ? 35   LEU A CA  1 
ATOM   207  C C   . LEU A 1 35  ? -3.765  -10.635 -7.503  1.00 12.83 ? 35   LEU A C   1 
ATOM   208  O O   . LEU A 1 35  ? -3.299  -10.529 -8.645  1.00 11.48 ? 35   LEU A O   1 
ATOM   209  C CB  . LEU A 1 35  ? -6.206  -10.434 -7.055  1.00 12.81 ? 35   LEU A CB  1 
ATOM   210  C CG  . LEU A 1 35  ? -7.587  -11.074 -7.135  1.00 14.76 ? 35   LEU A CG  1 
ATOM   211  C CD1 . LEU A 1 35  ? -8.652  -10.189 -6.596  1.00 18.47 ? 35   LEU A CD1 1 
ATOM   212  C CD2 . LEU A 1 35  ? -7.908  -11.403 -8.599  1.00 17.78 ? 35   LEU A CD2 1 
ATOM   213  N N   . ILE A 1 36  ? -3.185  -10.100 -6.440  1.00 11.12 ? 36   ILE A N   1 
ATOM   214  C CA  . ILE A 1 36  ? -1.920  -9.362  -6.547  1.00 11.75 ? 36   ILE A CA  1 
ATOM   215  C C   . ILE A 1 36  ? -0.777  -10.235 -7.021  1.00 11.63 ? 36   ILE A C   1 
ATOM   216  O O   . ILE A 1 36  ? -0.023  -9.877  -7.958  1.00 12.63 ? 36   ILE A O   1 
ATOM   217  C CB  . ILE A 1 36  ? -1.591  -8.664  -5.207  1.00 9.98  ? 36   ILE A CB  1 
ATOM   218  C CG1 . ILE A 1 36  ? -2.586  -7.501  -4.984  1.00 10.45 ? 36   ILE A CG1 1 
ATOM   219  C CG2 . ILE A 1 36  ? -0.165  -8.114  -5.242  1.00 12.32 ? 36   ILE A CG2 1 
ATOM   220  C CD1 . ILE A 1 36  ? -2.525  -6.871  -3.660  1.00 13.05 ? 36   ILE A CD1 1 
ATOM   221  N N   . GLU A 1 37  ? -0.677  -11.420 -6.434  1.00 13.80 ? 37   GLU A N   1 
ATOM   222  C CA  . GLU A 1 37  ? 0.366   -12.376 -6.814  1.00 15.02 ? 37   GLU A CA  1 
ATOM   223  C C   . GLU A 1 37  ? 0.287   -12.751 -8.297  1.00 16.36 ? 37   GLU A C   1 
ATOM   224  O O   . GLU A 1 37  ? 1.303   -12.769 -9.009  1.00 18.25 ? 37   GLU A O   1 
ATOM   225  C CB  . GLU A 1 37  ? 0.252   -13.600 -5.892  1.00 14.93 ? 37   GLU A CB  1 
ATOM   226  C CG  . GLU A 1 37  ? 0.845   -13.263 -4.541  1.00 17.16 ? 37   GLU A CG  1 
ATOM   227  C CD  . GLU A 1 37  ? 0.756   -14.388 -3.527  1.00 18.43 ? 37   GLU A CD  1 
ATOM   228  O OE1 . GLU A 1 37  ? -0.047  -15.335 -3.764  1.00 19.95 ? 37   GLU A OE1 1 
ATOM   229  O OE2 . GLU A 1 37  ? 1.438   -14.235 -2.483  1.00 22.56 ? 37   GLU A OE2 1 
ATOM   230  N N   . ARG A 1 38  ? -0.919  -13.012 -8.790  1.00 16.48 ? 38   ARG A N   1 
ATOM   231  C CA  . ARG A 1 38  ? -1.139  -13.383 -10.180 1.00 16.22 ? 38   ARG A CA  1 
ATOM   232  C C   . ARG A 1 38  ? -0.748  -12.262 -11.125 1.00 16.25 ? 38   ARG A C   1 
ATOM   233  O O   . ARG A 1 38  ? -0.112  -12.487 -12.150 1.00 16.24 ? 38   ARG A O   1 
ATOM   234  C CB  . ARG A 1 38  ? -2.582  -13.756 -10.373 1.00 17.72 ? 38   ARG A CB  1 
ATOM   235  C CG  . ARG A 1 38  ? -2.886  -14.379 -11.751 1.00 22.49 ? 38   ARG A CG  1 
ATOM   236  C CD  . ARG A 1 38  ? -4.349  -14.859 -11.891 1.00 30.31 ? 38   ARG A CD  1 
ATOM   237  N NE  . ARG A 1 38  ? -5.294  -13.737 -11.983 1.00 36.38 ? 38   ARG A NE  1 
ATOM   238  C CZ  . ARG A 1 38  ? -6.633  -13.840 -11.879 1.00 42.07 ? 38   ARG A CZ  1 
ATOM   239  N NH1 . ARG A 1 38  ? -7.225  -15.027 -11.682 1.00 45.02 ? 38   ARG A NH1 1 
ATOM   240  N NH2 . ARG A 1 38  ? -7.393  -12.756 -12.014 1.00 40.96 ? 38   ARG A NH2 1 
ATOM   241  N N   . GLU A 1 39  ? -1.138  -11.028 -10.785 1.00 13.10 ? 39   GLU A N   1 
ATOM   242  C CA  . GLU A 1 39  ? -0.863  -9.880  -11.633 1.00 13.41 ? 39   GLU A CA  1 
ATOM   243  C C   . GLU A 1 39  ? 0.640   -9.624  -11.640 1.00 14.95 ? 39   GLU A C   1 
ATOM   244  O O   . GLU A 1 39  ? 1.232   -9.395  -12.684 1.00 13.80 ? 39   GLU A O   1 
ATOM   245  C CB  . GLU A 1 39  ? -1.633  -8.650  -11.176 1.00 15.12 ? 39   GLU A CB  1 
ATOM   246  C CG  . GLU A 1 39  ? -1.414  -7.435  -12.094 1.00 15.70 ? 39   GLU A CG  1 
ATOM   247  C CD  . GLU A 1 39  ? -2.295  -7.397  -13.320 1.00 23.13 ? 39   GLU A CD  1 
ATOM   248  O OE1 . GLU A 1 39  ? -3.013  -8.373  -13.573 1.00 28.68 ? 39   GLU A OE1 1 
ATOM   249  O OE2 . GLU A 1 39  ? -2.255  -6.401  -14.069 1.00 25.60 ? 39   GLU A OE2 1 
ATOM   250  N N   . ALA A 1 40  ? 1.281   -9.773  -10.484 1.00 14.79 ? 40   ALA A N   1 
ATOM   251  C CA  . ALA A 1 40  ? 2.733   -9.591  -10.379 1.00 17.06 ? 40   ALA A CA  1 
ATOM   252  C C   . ALA A 1 40  ? 3.485   -10.577 -11.266 1.00 17.12 ? 40   ALA A C   1 
ATOM   253  O O   . ALA A 1 40  ? 4.336   -10.186 -12.027 1.00 17.93 ? 40   ALA A O   1 
ATOM   254  C CB  . ALA A 1 40  ? 3.152   -9.739  -8.944  1.00 17.56 ? 40   ALA A CB  1 
ATOM   255  N N   . ALA A 1 41  ? 3.088   -11.835 -11.260 1.00 17.93 ? 41   ALA A N   1 
ATOM   256  C CA  . ALA A 1 41  ? 3.713   -12.845 -12.106 1.00 19.42 ? 41   ALA A CA  1 
ATOM   257  C C   . ALA A 1 41  ? 3.563   -12.506 -13.574 1.00 19.25 ? 41   ALA A C   1 
ATOM   258  O O   . ALA A 1 41  ? 4.504   -12.627 -14.341 1.00 20.87 ? 41   ALA A O   1 
ATOM   259  C CB  . ALA A 1 41  ? 3.072   -14.239 -11.827 1.00 21.17 ? 41   ALA A CB  1 
ATOM   260  N N   . GLU A 1 42  ? 2.385   -12.054 -13.969 1.00 18.76 ? 42   GLU A N   1 
ATOM   261  C CA  . GLU A 1 42  ? 2.139   -11.591 -15.319 1.00 20.17 ? 42   GLU A CA  1 
ATOM   262  C C   . GLU A 1 42  ? 3.086   -10.434 -15.733 1.00 18.46 ? 42   GLU A C   1 
ATOM   263  O O   . GLU A 1 42  ? 3.474   -10.309 -16.905 1.00 17.91 ? 42   GLU A O   1 
ATOM   264  C CB  . GLU A 1 42  ? 0.704   -11.082 -15.350 1.00 21.31 ? 42   GLU A CB  1 
ATOM   265  C CG  A GLU A 1 42  ? 0.145   -10.973 -16.762 0.70 27.16 ? 42   GLU A CG  1 
ATOM   266  C CG  B GLU A 1 42  ? -0.245  -11.448 -16.449 0.30 23.97 ? 42   GLU A CG  1 
ATOM   267  C CD  A GLU A 1 42  ? -1.367  -10.785 -16.814 0.70 32.29 ? 42   GLU A CD  1 
ATOM   268  C CD  B GLU A 1 42  ? -1.674  -11.268 -15.948 0.30 26.48 ? 42   GLU A CD  1 
ATOM   269  O OE1 A GLU A 1 42  ? -2.077  -11.828 -16.694 0.70 37.83 ? 42   GLU A OE1 1 
ATOM   270  O OE1 B GLU A 1 42  ? -2.215  -10.142 -16.111 0.30 29.05 ? 42   GLU A OE1 1 
ATOM   271  O OE2 A GLU A 1 42  ? -1.835  -9.620  -16.975 0.70 32.25 ? 42   GLU A OE2 1 
ATOM   272  O OE2 B GLU A 1 42  ? -2.235  -12.226 -15.353 0.30 26.42 ? 42   GLU A OE2 1 
ATOM   273  N N   . LEU A 1 43  ? 3.434   -9.571  -14.765 1.00 15.83 ? 43   LEU A N   1 
ATOM   274  C CA  . LEU A 1 43  ? 4.243   -8.399  -15.030 1.00 15.14 ? 43   LEU A CA  1 
ATOM   275  C C   . LEU A 1 43  ? 5.724   -8.664  -14.882 1.00 16.15 ? 43   LEU A C   1 
ATOM   276  O O   . LEU A 1 43  ? 6.502   -7.745  -15.061 1.00 17.16 ? 43   LEU A O   1 
ATOM   277  C CB  . LEU A 1 43  ? 3.862   -7.243  -14.089 1.00 14.85 ? 43   LEU A CB  1 
ATOM   278  C CG  . LEU A 1 43  ? 2.495   -6.648  -14.335 1.00 16.29 ? 43   LEU A CG  1 
ATOM   279  C CD1 . LEU A 1 43  ? 2.008   -5.722  -13.150 1.00 15.18 ? 43   LEU A CD1 1 
ATOM   280  C CD2 . LEU A 1 43  ? 2.418   -5.854  -15.635 1.00 18.01 ? 43   LEU A CD2 1 
ATOM   281  N N   . GLY A 1 44  ? 6.077   -9.855  -14.487 1.00 16.26 ? 44   GLY A N   1 
ATOM   282  C CA  . GLY A 1 44  ? 7.469   -10.229 -14.236 1.00 17.42 ? 44   GLY A CA  1 
ATOM   283  C C   . GLY A 1 44  ? 8.012   -9.794  -12.882 1.00 18.10 ? 44   GLY A C   1 
ATOM   284  O O   . GLY A 1 44  ? 9.218   -9.692  -12.731 1.00 20.13 ? 44   GLY A O   1 
ATOM   285  N N   . LEU A 1 45  ? 7.123   -9.534  -11.910 1.00 16.53 ? 45   LEU A N   1 
ATOM   286  C CA  . LEU A 1 45  ? 7.481   -9.048  -10.584 1.00 15.05 ? 45   LEU A CA  1 
ATOM   287  C C   . LEU A 1 45  ? 7.235   -10.161 -9.586  1.00 13.73 ? 45   LEU A C   1 
ATOM   288  O O   . LEU A 1 45  ? 6.566   -11.171 -9.882  1.00 14.06 ? 45   LEU A O   1 
ATOM   289  C CB  . LEU A 1 45  ? 6.558   -7.849  -10.192 1.00 15.02 ? 45   LEU A CB  1 
ATOM   290  C CG  . LEU A 1 45  ? 6.623   -6.620  -11.085 1.00 15.25 ? 45   LEU A CG  1 
ATOM   291  C CD1 . LEU A 1 45  ? 5.656   -5.505  -10.801 1.00 18.32 ? 45   LEU A CD1 1 
ATOM   292  C CD2 . LEU A 1 45  ? 8.082   -6.079  -11.160 1.00 21.35 ? 45   LEU A CD2 1 
ATOM   293  N N   . LYS A 1 46  ? 7.699   -9.943  -8.348  1.00 11.46 ? 46   LYS A N   1 
ATOM   294  C CA  . LYS A 1 46  ? 7.296   -10.770 -7.216  1.00 11.05 ? 46   LYS A CA  1 
ATOM   295  C C   . LYS A 1 46  ? 6.704   -9.868  -6.151  1.00 11.16 ? 46   LYS A C   1 
ATOM   296  O O   . LYS A 1 46  ? 7.393   -8.986  -5.664  1.00 11.38 ? 46   LYS A O   1 
ATOM   297  C CB  . LYS A 1 46  ? 8.496   -11.518 -6.620  1.00 10.77 ? 46   LYS A CB  1 
ATOM   298  C CG  . LYS A 1 46  ? 8.052   -12.553 -5.520  1.00 14.66 ? 46   LYS A CG  1 
ATOM   299  C CD  . LYS A 1 46  ? 9.236   -13.270 -4.847  1.00 16.62 ? 46   LYS A CD  1 
ATOM   300  C CE  . LYS A 1 46  ? 8.854   -14.026 -3.565  1.00 21.54 ? 46   LYS A CE  1 
ATOM   301  N NZ  . LYS A 1 46  ? 9.977   -15.037 -3.193  1.00 17.47 ? 46   LYS A NZ  1 
ATOM   302  N N   . ALA A 1 47  ? 5.439   -10.094 -5.792  1.00 10.45 ? 47   ALA A N   1 
ATOM   303  C CA  . ALA A 1 47  ? 4.813   -9.282  -4.773  1.00 10.65 ? 47   ALA A CA  1 
ATOM   304  C C   . ALA A 1 47  ? 4.819   -9.984  -3.452  1.00 10.91 ? 47   ALA A C   1 
ATOM   305  O O   . ALA A 1 47  ? 4.525   -11.191 -3.378  1.00 11.87 ? 47   ALA A O   1 
ATOM   306  C CB  . ALA A 1 47  ? 3.365   -8.899  -5.172  1.00 10.58 ? 47   ALA A CB  1 
ATOM   307  N N   . VAL A 1 48  ? 5.195   -9.247  -2.404  1.00 9.77  ? 48   VAL A N   1 
ATOM   308  C CA  . VAL A 1 48  ? 5.216   -9.696  -1.032  1.00 9.52  ? 48   VAL A CA  1 
ATOM   309  C C   . VAL A 1 48  ? 4.110   -8.879  -0.312  1.00 11.29 ? 48   VAL A C   1 
ATOM   310  O O   . VAL A 1 48  ? 4.286   -7.673  -0.068  1.00 11.91 ? 48   VAL A O   1 
ATOM   311  C CB  . VAL A 1 48  ? 6.548   -9.456  -0.383  1.00 10.08 ? 48   VAL A CB  1 
ATOM   312  C CG1 . VAL A 1 48  ? 6.566   -9.906  1.104   1.00 11.43 ? 48   VAL A CG1 1 
ATOM   313  C CG2 . VAL A 1 48  ? 7.652   -10.153 -1.196  1.00 13.19 ? 48   VAL A CG2 1 
ATOM   314  N N   . VAL A 1 49  ? 3.005   -9.539  0.018   1.00 11.11 ? 49   VAL A N   1 
ATOM   315  C CA  . VAL A 1 49  ? 1.811   -8.821  0.567   1.00 11.56 ? 49   VAL A CA  1 
ATOM   316  C C   . VAL A 1 49  ? 1.699   -9.124  2.027   1.00 13.31 ? 49   VAL A C   1 
ATOM   317  O O   . VAL A 1 49  ? 1.663   -10.295 2.435   1.00 14.15 ? 49   VAL A O   1 
ATOM   318  C CB  . VAL A 1 49  ? 0.524   -9.229  -0.164  1.00 11.40 ? 49   VAL A CB  1 
ATOM   319  C CG1 . VAL A 1 49  ? -0.642  -8.351  0.235   1.00 13.07 ? 49   VAL A CG1 1 
ATOM   320  C CG2 . VAL A 1 49  ? 0.694   -9.154  -1.687  1.00 14.22 ? 49   VAL A CG2 1 
ATOM   321  N N   . ARG A 1 50  ? 1.606   -8.081  2.853   1.00 13.28 ? 50   ARG A N   1 
ATOM   322  C CA  . ARG A 1 50  ? 1.558   -8.230  4.312   1.00 12.30 ? 50   ARG A CA  1 
ATOM   323  C C   . ARG A 1 50  ? 0.429   -7.310  4.871   1.00 12.13 ? 50   ARG A C   1 
ATOM   324  O O   . ARG A 1 50  ? 0.188   -6.229  4.303   1.00 10.93 ? 50   ARG A O   1 
ATOM   325  C CB  . ARG A 1 50  ? 2.920   -7.773  4.833   1.00 14.18 ? 50   ARG A CB  1 
ATOM   326  C CG  A ARG A 1 50  ? 4.107   -8.704  4.527   0.50 15.26 ? 50   ARG A CG  1 
ATOM   327  C CG  B ARG A 1 50  ? 4.151   -8.457  4.166   0.50 16.68 ? 50   ARG A CG  1 
ATOM   328  C CD  A ARG A 1 50  ? 4.128   -9.932  5.350   0.50 18.50 ? 50   ARG A CD  1 
ATOM   329  C CD  B ARG A 1 50  ? 5.299   -8.646  5.093   0.50 16.17 ? 50   ARG A CD  1 
ATOM   330  N NE  A ARG A 1 50  ? 5.296   -10.784 5.069   0.50 20.59 ? 50   ARG A NE  1 
ATOM   331  N NE  B ARG A 1 50  ? 6.707   -8.254  4.869   0.50 20.59 ? 50   ARG A NE  1 
ATOM   332  C CZ  A ARG A 1 50  ? 5.361   -11.720 4.124   0.50 22.46 ? 50   ARG A CZ  1 
ATOM   333  C CZ  B ARG A 1 50  ? 7.311   -7.328  4.080   0.50 20.37 ? 50   ARG A CZ  1 
ATOM   334  N NH1 A ARG A 1 50  ? 4.335   -11.968 3.297   0.50 20.47 ? 50   ARG A NH1 1 
ATOM   335  N NH1 B ARG A 1 50  ? 8.613   -7.227  4.240   0.50 25.79 ? 50   ARG A NH1 1 
ATOM   336  N NH2 A ARG A 1 50  ? 6.487   -12.418 4.005   0.50 24.07 ? 50   ARG A NH2 1 
ATOM   337  N NH2 B ARG A 1 50  ? 6.751   -6.623  3.097   0.50 19.80 ? 50   ARG A NH2 1 
ATOM   338  N N   . GLN A 1 51  ? -0.243  -7.713  5.961   1.00 9.22  ? 51   GLN A N   1 
ATOM   339  C CA  . GLN A 1 51  ? -1.269  -6.888  6.619   1.00 8.67  ? 51   GLN A CA  1 
ATOM   340  C C   . GLN A 1 51  ? -1.121  -6.962  8.110   1.00 8.81  ? 51   GLN A C   1 
ATOM   341  O O   . GLN A 1 51  ? -0.829  -8.015  8.670   1.00 7.94  ? 51   GLN A O   1 
ATOM   342  C CB  . GLN A 1 51  ? -2.667  -7.383  6.256   1.00 7.33  ? 51   GLN A CB  1 
ATOM   343  C CG  . GLN A 1 51  ? -3.770  -6.464  6.707   1.00 7.21  ? 51   GLN A CG  1 
ATOM   344  C CD  . GLN A 1 51  ? -4.239  -6.592  8.148   1.00 8.82  ? 51   GLN A CD  1 
ATOM   345  O OE1 . GLN A 1 51  ? -4.361  -7.709  8.713   1.00 9.59  ? 51   GLN A OE1 1 
ATOM   346  N NE2 . GLN A 1 51  ? -4.594  -5.432  8.747   1.00 8.97  ? 51   GLN A NE2 1 
ATOM   347  N N   . SER A 1 52  ? -1.263  -5.792  8.763   1.00 7.41  ? 52   SER A N   1 
ATOM   348  C CA  . SER A 1 52  ? -1.231  -5.725  10.219  1.00 8.15  ? 52   SER A CA  1 
ATOM   349  C C   . SER A 1 52  ? -2.130  -4.584  10.729  1.00 8.25  ? 52   SER A C   1 
ATOM   350  O O   . SER A 1 52  ? -2.194  -3.505  10.111  1.00 8.12  ? 52   SER A O   1 
ATOM   351  C CB  . SER A 1 52  ? 0.195   -5.526  10.756  1.00 8.70  ? 52   SER A CB  1 
ATOM   352  O OG  . SER A 1 52  ? 0.230   -5.572  12.197  1.00 9.97  ? 52   SER A OG  1 
ATOM   353  N N   . ASP A 1 53  ? -2.701  -4.792  11.909  1.00 10.02 ? 53   ASP A N   1 
ATOM   354  C CA  . ASP A 1 53  ? -3.425  -3.755  12.655  1.00 9.18  ? 53   ASP A CA  1 
ATOM   355  C C   . ASP A 1 53  ? -2.489  -2.984  13.624  1.00 8.56  ? 53   ASP A C   1 
ATOM   356  O O   . ASP A 1 53  ? -2.942  -2.021  14.266  1.00 9.51  ? 53   ASP A O   1 
ATOM   357  C CB  . ASP A 1 53  ? -4.594  -4.305  13.469  1.00 10.06 ? 53   ASP A CB  1 
ATOM   358  C CG  . ASP A 1 53  ? -5.787  -4.732  12.628  1.00 10.23 ? 53   ASP A CG  1 
ATOM   359  O OD1 . ASP A 1 53  ? -5.911  -4.495  11.380  1.00 10.12 ? 53   ASP A OD1 1 
ATOM   360  O OD2 . ASP A 1 53  ? -6.731  -5.295  13.251  1.00 10.28 ? 53   ASP A OD2 1 
ATOM   361  N N   . SER A 1 54  ? -1.213  -3.395  13.665  1.00 10.10 ? 54   SER A N   1 
ATOM   362  C CA  . SER A 1 54  ? -0.174  -2.835  14.556  1.00 9.39  ? 54   SER A CA  1 
ATOM   363  C C   . SER A 1 54  ? 0.712   -1.823  13.843  1.00 9.96  ? 54   SER A C   1 
ATOM   364  O O   . SER A 1 54  ? 1.451   -2.177  12.946  1.00 9.96  ? 54   SER A O   1 
ATOM   365  C CB  . SER A 1 54  ? 0.701   -3.970  15.125  1.00 10.50 ? 54   SER A CB  1 
ATOM   366  O OG  . SER A 1 54  ? 1.854   -3.510  15.857  1.00 10.96 ? 54   SER A OG  1 
ATOM   367  N N   . GLU A 1 55  ? 0.690   -0.574  14.294  1.00 8.72  ? 55   GLU A N   1 
ATOM   368  C CA  . GLU A 1 55  ? 1.570   0.447   13.734  1.00 9.82  ? 55   GLU A CA  1 
ATOM   369  C C   . GLU A 1 55  ? 3.004   0.012   13.790  1.00 9.91  ? 55   GLU A C   1 
ATOM   370  O O   . GLU A 1 55  ? 3.735   0.207   12.829  1.00 9.03  ? 55   GLU A O   1 
ATOM   371  C CB  . GLU A 1 55  ? 1.356   1.757   14.479  1.00 10.25 ? 55   GLU A CB  1 
ATOM   372  C CG  . GLU A 1 55  ? 2.245   2.915   14.070  1.00 12.61 ? 55   GLU A CG  1 
ATOM   373  C CD  . GLU A 1 55  ? 2.010   4.173   14.923  1.00 18.90 ? 55   GLU A CD  1 
ATOM   374  O OE1 . GLU A 1 55  ? 1.938   4.168   16.225  1.00 22.55 ? 55   GLU A OE1 1 
ATOM   375  O OE2 . GLU A 1 55  ? 1.895   5.216   14.300  1.00 17.98 ? 55   GLU A OE2 1 
ATOM   376  N N   . ALA A 1 56  ? 3.441   -0.540  14.944  1.00 10.16 ? 56   ALA A N   1 
ATOM   377  C CA  . ALA A 1 56  ? 4.859   -0.972  15.101  1.00 9.60  ? 56   ALA A CA  1 
ATOM   378  C C   . ALA A 1 56  ? 5.241   -2.022  14.063  1.00 10.02 ? 56   ALA A C   1 
ATOM   379  O O   . ALA A 1 56  ? 6.342   -2.038  13.566  1.00 9.92  ? 56   ALA A O   1 
ATOM   380  C CB  . ALA A 1 56  ? 5.138   -1.484  16.512  1.00 10.65 ? 56   ALA A CB  1 
ATOM   381  N N   . GLN A 1 57  ? 4.336   -2.949  13.769  1.00 9.79  ? 57   GLN A N   1 
ATOM   382  C CA  . GLN A 1 57  ? 4.622   -3.949  12.768  1.00 10.29 ? 57   GLN A CA  1 
ATOM   383  C C   . GLN A 1 57  ? 4.746   -3.323  11.389  1.00 10.35 ? 57   GLN A C   1 
ATOM   384  O O   . GLN A 1 57  ? 5.643   -3.663  10.611  1.00 8.93  ? 57   GLN A O   1 
ATOM   385  C CB  . GLN A 1 57  ? 3.528   -5.025  12.739  1.00 10.19 ? 57   GLN A CB  1 
ATOM   386  C CG  . GLN A 1 57  ? 3.748   -6.163  11.718  1.00 10.72 ? 57   GLN A CG  1 
ATOM   387  C CD  . GLN A 1 57  ? 4.988   -6.988  11.925  1.00 16.53 ? 57   GLN A CD  1 
ATOM   388  O OE1 . GLN A 1 57  ? 4.952   -7.990  12.705  1.00 18.20 ? 57   GLN A OE1 1 
ATOM   389  N NE2 . GLN A 1 57  ? 6.121   -6.589  11.287  1.00 14.30 ? 57   GLN A NE2 1 
ATOM   390  N N   . LEU A 1 58  ? 3.850   -2.416  11.064  1.00 8.73  ? 58   LEU A N   1 
ATOM   391  C CA  . LEU A 1 58  ? 3.948   -1.721  9.768   1.00 8.28  ? 58   LEU A CA  1 
ATOM   392  C C   . LEU A 1 58  ? 5.277   -0.980  9.656   1.00 8.73  ? 58   LEU A C   1 
ATOM   393  O O   . LEU A 1 58  ? 5.903   -1.007  8.624   1.00 10.22 ? 58   LEU A O   1 
ATOM   394  C CB  . LEU A 1 58  ? 2.800   -0.738  9.574   1.00 9.11  ? 58   LEU A CB  1 
ATOM   395  C CG  . LEU A 1 58  ? 1.419   -1.458  9.640   1.00 12.39 ? 58   LEU A CG  1 
ATOM   396  C CD1 . LEU A 1 58  ? 0.267   -0.443  9.752   1.00 15.94 ? 58   LEU A CD1 1 
ATOM   397  C CD2 . LEU A 1 58  ? 1.279   -2.350  8.485   1.00 11.75 ? 58   LEU A CD2 1 
ATOM   398  N N   . LEU A 1 59  ? 5.671   -0.276  10.722  1.00 8.06  ? 59   LEU A N   1 
ATOM   399  C CA  . LEU A 1 59  ? 6.962   0.425   10.745  1.00 8.92  ? 59   LEU A CA  1 
ATOM   400  C C   . LEU A 1 59  ? 8.124   -0.519  10.451  1.00 9.36  ? 59   LEU A C   1 
ATOM   401  O O   . LEU A 1 59  ? 9.032   -0.167  9.698   1.00 7.88  ? 59   LEU A O   1 
ATOM   402  C CB  . LEU A 1 59  ? 7.195   1.162   12.093  1.00 9.80  ? 59   LEU A CB  1 
ATOM   403  C CG  . LEU A 1 59  ? 6.234   2.301   12.390  1.00 14.39 ? 59   LEU A CG  1 
ATOM   404  C CD1 . LEU A 1 59  ? 6.502   2.763   13.904  1.00 18.76 ? 59   LEU A CD1 1 
ATOM   405  C CD2 . LEU A 1 59  ? 6.424   3.381   11.484  1.00 18.94 ? 59   LEU A CD2 1 
ATOM   406  N N   . ASP A 1 60  ? 8.116   -1.725  11.038  1.00 9.48  ? 60   ASP A N   1 
ATOM   407  C CA  . ASP A 1 60  ? 9.205   -2.662  10.816  1.00 10.16 ? 60   ASP A CA  1 
ATOM   408  C C   . ASP A 1 60  ? 9.280   -3.112  9.356   1.00 9.11  ? 60   ASP A C   1 
ATOM   409  O O   . ASP A 1 60  ? 10.371  -3.193  8.763   1.00 8.44  ? 60   ASP A O   1 
ATOM   410  C CB  . ASP A 1 60  ? 9.102   -3.895  11.717  1.00 10.70 ? 60   ASP A CB  1 
ATOM   411  C CG  . ASP A 1 60  ? 10.333  -4.804  11.565  1.00 12.88 ? 60   ASP A CG  1 
ATOM   412  O OD1 . ASP A 1 60  ? 11.458  -4.338  11.783  1.00 20.84 ? 60   ASP A OD1 1 
ATOM   413  O OD2 . ASP A 1 60  ? 10.244  -5.895  11.088  1.00 20.45 ? 60   ASP A OD2 1 
ATOM   414  N N   . TRP A 1 61  ? 8.138   -3.406  8.760   1.00 9.13  ? 61   TRP A N   1 
ATOM   415  C CA  . TRP A 1 61  ? 8.099   -3.743  7.344   1.00 9.12  ? 61   TRP A CA  1 
ATOM   416  C C   . TRP A 1 61  ? 8.595   -2.641  6.430   1.00 8.65  ? 61   TRP A C   1 
ATOM   417  O O   . TRP A 1 61  ? 9.315   -2.898  5.444   1.00 9.68  ? 61   TRP A O   1 
ATOM   418  C CB  . TRP A 1 61  ? 6.700   -4.204  6.906   1.00 9.70  ? 61   TRP A CB  1 
ATOM   419  C CG  . TRP A 1 61  ? 6.278   -5.548  7.485   1.00 8.25  ? 61   TRP A CG  1 
ATOM   420  C CD1 . TRP A 1 61  ? 7.084   -6.606  7.850   1.00 11.17 ? 61   TRP A CD1 1 
ATOM   421  C CD2 . TRP A 1 61  ? 4.934   -5.956  7.762   1.00 8.12  ? 61   TRP A CD2 1 
ATOM   422  N NE1 . TRP A 1 61  ? 6.301   -7.630  8.340   1.00 13.65 ? 61   TRP A NE1 1 
ATOM   423  C CE2 . TRP A 1 61  ? 4.987   -7.252  8.323   1.00 12.21 ? 61   TRP A CE2 1 
ATOM   424  C CE3 . TRP A 1 61  ? 3.678   -5.327  7.623   1.00 8.33  ? 61   TRP A CE3 1 
ATOM   425  C CZ2 . TRP A 1 61  ? 3.831   -7.965  8.703   1.00 10.17 ? 61   TRP A CZ2 1 
ATOM   426  C CZ3 . TRP A 1 61  ? 2.538   -6.020  8.003   1.00 10.91 ? 61   TRP A CZ3 1 
ATOM   427  C CH2 . TRP A 1 61  ? 2.614   -7.315  8.533   1.00 11.96 ? 61   TRP A CH2 1 
ATOM   428  N N   . ILE A 1 62  ? 8.241   -1.395  6.764   1.00 7.77  ? 62   ILE A N   1 
ATOM   429  C CA  . ILE A 1 62  ? 8.745   -0.248  5.993   1.00 8.01  ? 62   ILE A CA  1 
ATOM   430  C C   . ILE A 1 62  ? 10.286  -0.097  6.192   1.00 7.89  ? 62   ILE A C   1 
ATOM   431  O O   . ILE A 1 62  ? 11.035  0.075   5.208   1.00 8.57  ? 62   ILE A O   1 
ATOM   432  C CB  . ILE A 1 62  ? 7.997   1.061   6.379   1.00 7.86  ? 62   ILE A CB  1 
ATOM   433  C CG1 . ILE A 1 62  ? 6.539   0.931   5.973   1.00 9.26  ? 62   ILE A CG1 1 
ATOM   434  C CG2 . ILE A 1 62  ? 8.721   2.272   5.703   1.00 7.55  ? 62   ILE A CG2 1 
ATOM   435  C CD1 . ILE A 1 62  ? 6.319   0.833   4.481   1.00 13.82 ? 62   ILE A CD1 1 
ATOM   436  N N   . HIS A 1 63  ? 10.765  -0.281  7.423   1.00 7.66  ? 63   HIS A N   1 
ATOM   437  C CA  . HIS A 1 63  ? 12.199  -0.246  7.713   1.00 8.16  ? 63   HIS A CA  1 
ATOM   438  C C   . HIS A 1 63  ? 12.935  -1.306  6.830   1.00 9.47  ? 63   HIS A C   1 
ATOM   439  O O   . HIS A 1 63  ? 13.980  -1.015  6.219   1.00 9.62  ? 63   HIS A O   1 
ATOM   440  C CB  . HIS A 1 63  ? 12.563  -0.533  9.178   1.00 8.60  ? 63   HIS A CB  1 
ATOM   441  C CG  A HIS A 1 63  ? 12.014  0.417   10.205  0.50 8.39  ? 63   HIS A CG  1 
ATOM   442  C CG  B HIS A 1 63  ? 11.949  0.449   10.145  0.50 7.97  ? 63   HIS A CG  1 
ATOM   443  N ND1 A HIS A 1 63  ? 11.736  1.738   9.954   0.50 8.06  ? 63   HIS A ND1 1 
ATOM   444  N ND1 B HIS A 1 63  ? 11.749  0.161   11.478  0.50 8.23  ? 63   HIS A ND1 1 
ATOM   445  C CD2 A HIS A 1 63  ? 11.822  0.240   11.535  0.50 8.68  ? 63   HIS A CD2 1 
ATOM   446  C CD2 B HIS A 1 63  ? 11.520  1.719   9.971   0.50 7.94  ? 63   HIS A CD2 1 
ATOM   447  C CE1 A HIS A 1 63  ? 11.355  2.332   11.076  0.50 8.05  ? 63   HIS A CE1 1 
ATOM   448  C CE1 B HIS A 1 63  ? 11.223  1.217   12.086  0.50 8.39  ? 63   HIS A CE1 1 
ATOM   449  N NE2 A HIS A 1 63  ? 11.373  1.436   12.050  0.50 8.47  ? 63   HIS A NE2 1 
ATOM   450  N NE2 B HIS A 1 63  ? 11.082  2.184   11.195  0.50 9.40  ? 63   HIS A NE2 1 
ATOM   451  N N   . GLN A 1 64  ? 12.370  -2.499  6.719   1.00 9.05  ? 64   GLN A N   1 
ATOM   452  C CA  . GLN A 1 64  ? 13.031  -3.548  5.918   1.00 9.11  ? 64   GLN A CA  1 
ATOM   453  C C   . GLN A 1 64  ? 13.110  -3.163  4.440   1.00 9.27  ? 64   GLN A C   1 
ATOM   454  O O   . GLN A 1 64  ? 14.096  -3.468  3.721   1.00 9.21  ? 64   GLN A O   1 
ATOM   455  C CB  . GLN A 1 64  ? 12.275  -4.884  6.116   1.00 9.58  ? 64   GLN A CB  1 
ATOM   456  C CG  . GLN A 1 64  ? 12.351  -5.470  7.496   1.00 15.66 ? 64   GLN A CG  1 
ATOM   457  C CD  . GLN A 1 64  ? 11.543  -6.787  7.561   1.00 18.22 ? 64   GLN A CD  1 
ATOM   458  O OE1 . GLN A 1 64  ? 11.558  -7.541  6.595   1.00 24.61 ? 64   GLN A OE1 1 
ATOM   459  N NE2 . GLN A 1 64  ? 10.854  -7.040  8.641   1.00 18.53 ? 64   GLN A NE2 1 
ATOM   460  N N   . ALA A 1 65  ? 12.026  -2.604  3.912   1.00 8.15  ? 65   ALA A N   1 
ATOM   461  C CA  . ALA A 1 65  ? 11.970  -2.129  2.541   1.00 9.11  ? 65   ALA A CA  1 
ATOM   462  C C   . ALA A 1 65  ? 12.973  -0.976  2.278   1.00 9.70  ? 65   ALA A C   1 
ATOM   463  O O   . ALA A 1 65  ? 13.563  -0.876  1.212   1.00 12.39 ? 65   ALA A O   1 
ATOM   464  C CB  . ALA A 1 65  ? 10.541  -1.718  2.186   1.00 9.78  ? 65   ALA A CB  1 
ATOM   465  N N   . ALA A 1 66  ? 13.215  -0.119  3.284   1.00 9.47  ? 66   ALA A N   1 
ATOM   466  C CA  . ALA A 1 66  ? 14.238  0.901   3.189   1.00 9.39  ? 66   ALA A CA  1 
ATOM   467  C C   . ALA A 1 66  ? 15.635  0.295   3.128   1.00 11.48 ? 66   ALA A C   1 
ATOM   468  O O   . ALA A 1 66  ? 16.447  0.641   2.230   1.00 11.47 ? 66   ALA A O   1 
ATOM   469  C CB  . ALA A 1 66  ? 14.109  1.867   4.411   1.00 10.30 ? 66   ALA A CB  1 
ATOM   470  N N   . ASP A 1 67  ? 15.892  -0.661  4.004   1.00 9.83  ? 67   ASP A N   1 
ATOM   471  C CA  . ASP A 1 67  ? 17.211  -1.279  4.031   1.00 11.85 ? 67   ASP A CA  1 
ATOM   472  C C   . ASP A 1 67  ? 17.463  -2.072  2.699   1.00 13.68 ? 67   ASP A C   1 
ATOM   473  O O   . ASP A 1 67  ? 18.609  -2.130  2.240   1.00 15.54 ? 67   ASP A O   1 
ATOM   474  C CB  . ASP A 1 67  ? 17.326  -2.218  5.169   1.00 12.13 ? 67   ASP A CB  1 
ATOM   475  C CG  . ASP A 1 67  ? 17.565  -1.538  6.501   1.00 16.48 ? 67   ASP A CG  1 
ATOM   476  O OD1 . ASP A 1 67  ? 18.040  -0.387  6.527   1.00 17.65 ? 67   ASP A OD1 1 
ATOM   477  O OD2 . ASP A 1 67  ? 17.236  -2.087  7.551   1.00 16.54 ? 67   ASP A OD2 1 
ATOM   478  N N   . ALA A 1 68  ? 16.426  -2.666  2.115   1.00 14.37 ? 68   ALA A N   1 
ATOM   479  C CA  . ALA A 1 68  ? 16.513  -3.398  0.828   1.00 14.42 ? 68   ALA A CA  1 
ATOM   480  C C   . ALA A 1 68  ? 16.349  -2.594  -0.443  1.00 13.75 ? 68   ALA A C   1 
ATOM   481  O O   . ALA A 1 68  ? 16.508  -3.174  -1.540  1.00 14.01 ? 68   ALA A O   1 
ATOM   482  C CB  . ALA A 1 68  ? 15.496  -4.539  0.825   1.00 14.87 ? 68   ALA A CB  1 
ATOM   483  N N   . ALA A 1 69  ? 16.046  -1.299  -0.339  1.00 13.73 ? 69   ALA A N   1 
ATOM   484  C CA  . ALA A 1 69  ? 15.825  -0.421  -1.494  1.00 13.62 ? 69   ALA A CA  1 
ATOM   485  C C   . ALA A 1 69  ? 14.758  -1.016  -2.403  1.00 12.75 ? 69   ALA A C   1 
ATOM   486  O O   . ALA A 1 69  ? 14.876  -1.001  -3.641  1.00 13.55 ? 69   ALA A O   1 
ATOM   487  C CB  . ALA A 1 69  ? 17.131  -0.176  -2.277  1.00 14.35 ? 69   ALA A CB  1 
ATOM   488  N N   . GLU A 1 70  ? 13.671  -1.507  -1.783  1.00 11.42 ? 70   GLU A N   1 
ATOM   489  C CA  . GLU A 1 70  ? 12.538  -2.068  -2.494  1.00 9.71  ? 70   GLU A CA  1 
ATOM   490  C C   . GLU A 1 70  ? 11.361  -1.099  -2.497  1.00 10.32 ? 70   GLU A C   1 
ATOM   491  O O   . GLU A 1 70  ? 11.126  -0.410  -1.509  1.00 11.12 ? 70   GLU A O   1 
ATOM   492  C CB  . GLU A 1 70  ? 12.052  -3.362  -1.872  1.00 8.71  ? 70   GLU A CB  1 
ATOM   493  C CG  . GLU A 1 70  ? 13.057  -4.529  -2.018  1.00 10.99 ? 70   GLU A CG  1 
ATOM   494  C CD  . GLU A 1 70  ? 12.764  -5.723  -1.109  1.00 13.98 ? 70   GLU A CD  1 
ATOM   495  O OE1 . GLU A 1 70  ? 11.883  -5.593  -0.217  1.00 12.67 ? 70   GLU A OE1 1 
ATOM   496  O OE2 . GLU A 1 70  ? 13.482  -6.805  -1.237  1.00 15.12 ? 70   GLU A OE2 1 
ATOM   497  N N   . PRO A 1 71  ? 10.647  -1.063  -3.589  1.00 10.50 ? 71   PRO A N   1 
ATOM   498  C CA  . PRO A 1 71  ? 9.431   -0.208  -3.661  1.00 9.65  ? 71   PRO A CA  1 
ATOM   499  C C   . PRO A 1 71  ? 8.300   -0.727  -2.795  1.00 9.71  ? 71   PRO A C   1 
ATOM   500  O O   . PRO A 1 71  ? 8.248   -1.914  -2.444  1.00 10.43 ? 71   PRO A O   1 
ATOM   501  C CB  . PRO A 1 71  ? 9.010   -0.320  -5.103  1.00 10.63 ? 71   PRO A CB  1 
ATOM   502  C CG  . PRO A 1 71  ? 9.671   -1.412  -5.636  1.00 12.58 ? 71   PRO A CG  1 
ATOM   503  C CD  . PRO A 1 71  ? 10.867  -1.830  -4.820  1.00 11.62 ? 71   PRO A CD  1 
ATOM   504  N N   . VAL A 1 72  ? 7.384   0.163   -2.432  1.00 9.40  ? 72   VAL A N   1 
ATOM   505  C CA  . VAL A 1 72  ? 6.302   -0.132  -1.512  1.00 8.48  ? 72   VAL A CA  1 
ATOM   506  C C   . VAL A 1 72  ? 4.984   0.397   -2.103  1.00 8.34  ? 72   VAL A C   1 
ATOM   507  O O   . VAL A 1 72  ? 4.941   1.564   -2.507  1.00 9.88  ? 72   VAL A O   1 
ATOM   508  C CB  . VAL A 1 72  ? 6.539   0.456   -0.105  1.00 9.30  ? 72   VAL A CB  1 
ATOM   509  C CG1 . VAL A 1 72  ? 5.330   0.355   0.732   1.00 9.83  ? 72   VAL A CG1 1 
ATOM   510  C CG2 . VAL A 1 72  ? 7.779   -0.173  0.589   1.00 8.72  ? 72   VAL A CG2 1 
ATOM   511  N N   . ILE A 1 73  ? 3.942   -0.438  -2.120  1.00 8.63  ? 73   ILE A N   1 
ATOM   512  C CA  . ILE A 1 73  ? 2.569   0.005   -2.342  1.00 8.30  ? 73   ILE A CA  1 
ATOM   513  C C   . ILE A 1 73  ? 1.898   -0.045  -0.957  1.00 8.06  ? 73   ILE A C   1 
ATOM   514  O O   . ILE A 1 73  ? 1.840   -1.109  -0.317  1.00 9.50  ? 73   ILE A O   1 
ATOM   515  C CB  . ILE A 1 73  ? 1.869   -0.910  -3.329  1.00 7.30  ? 73   ILE A CB  1 
ATOM   516  C CG1 . ILE A 1 73  ? 2.501   -0.877  -4.728  1.00 8.25  ? 73   ILE A CG1 1 
ATOM   517  C CG2 . ILE A 1 73  ? 0.374   -0.592  -3.370  1.00 9.09  ? 73   ILE A CG2 1 
ATOM   518  C CD1 . ILE A 1 73  ? 1.987   -1.955  -5.631  1.00 8.79  ? 73   ILE A CD1 1 
ATOM   519  N N   . LEU A 1 74  ? 1.401   1.083   -0.427  1.00 7.97  ? 74   LEU A N   1 
ATOM   520  C CA  . LEU A 1 74  ? 0.978   1.141   0.997   1.00 7.45  ? 74   LEU A CA  1 
ATOM   521  C C   . LEU A 1 74  ? -0.446  1.633   1.045   1.00 8.68  ? 74   LEU A C   1 
ATOM   522  O O   . LEU A 1 74  ? -0.758  2.773   0.576   1.00 7.12  ? 74   LEU A O   1 
ATOM   523  C CB  . LEU A 1 74  ? 1.863   2.112   1.796   1.00 9.14  ? 74   LEU A CB  1 
ATOM   524  C CG  . LEU A 1 74  ? 1.538   2.441   3.243   1.00 7.49  ? 74   LEU A CG  1 
ATOM   525  C CD1 . LEU A 1 74  ? 1.530   1.154   4.128   1.00 7.13  ? 74   LEU A CD1 1 
ATOM   526  C CD2 . LEU A 1 74  ? 2.489   3.470   3.794   1.00 9.12  ? 74   LEU A CD2 1 
ATOM   527  N N   . ASN A 1 75  ? -1.301  0.790   1.619   1.00 8.37  ? 75   ASN A N   1 
ATOM   528  C CA  . ASN A 1 75  ? -2.639  1.215   1.997   1.00 8.68  ? 75   ASN A CA  1 
ATOM   529  C C   . ASN A 1 75  ? -2.667  1.147   3.528   1.00 8.88  ? 75   ASN A C   1 
ATOM   530  O O   . ASN A 1 75  ? -2.847  0.105   4.123   1.00 8.94  ? 75   ASN A O   1 
ATOM   531  C CB  . ASN A 1 75  ? -3.696  0.285   1.410   1.00 9.22  ? 75   ASN A CB  1 
ATOM   532  C CG  . ASN A 1 75  ? -5.118  0.746   1.749   1.00 7.88  ? 75   ASN A CG  1 
ATOM   533  O OD1 . ASN A 1 75  ? -5.306  1.621   2.624   1.00 7.77  ? 75   ASN A OD1 1 
ATOM   534  N ND2 . ASN A 1 75  ? -6.140  0.124   1.105   1.00 7.72  ? 75   ASN A ND2 1 
ATOM   535  N N   . ALA A 1 76  ? -2.411  2.296   4.144   1.00 7.69  ? 76   ALA A N   1 
ATOM   536  C CA  . ALA A 1 76  ? -2.262  2.351   5.609   1.00 8.04  ? 76   ALA A CA  1 
ATOM   537  C C   . ALA A 1 76  ? -3.533  2.364   6.474   1.00 8.05  ? 76   ALA A C   1 
ATOM   538  O O   . ALA A 1 76  ? -3.441  2.448   7.722   1.00 8.39  ? 76   ALA A O   1 
ATOM   539  C CB  . ALA A 1 76  ? -1.362  3.509   5.968   1.00 9.07  ? 76   ALA A CB  1 
ATOM   540  N N   . GLY A 1 77  ? -4.686  2.237   5.839   1.00 8.36  ? 77   GLY A N   1 
ATOM   541  C CA  . GLY A 1 77  ? -5.934  2.283   6.584   1.00 7.71  ? 77   GLY A CA  1 
ATOM   542  C C   . GLY A 1 77  ? -6.067  3.562   7.362   1.00 7.48  ? 77   GLY A C   1 
ATOM   543  O O   . GLY A 1 77  ? -5.626  4.658   6.911   1.00 7.37  ? 77   GLY A O   1 
ATOM   544  N N   . GLY A 1 78  ? -6.644  3.459   8.566   1.00 8.45  ? 78   GLY A N   1 
ATOM   545  C CA  . GLY A 1 78  ? -6.828  4.660   9.360   1.00 8.87  ? 78   GLY A CA  1 
ATOM   546  C C   . GLY A 1 78  ? -5.576  5.459   9.703   1.00 8.94  ? 78   GLY A C   1 
ATOM   547  O O   . GLY A 1 78  ? -5.644  6.676   9.951   1.00 8.22  ? 78   GLY A O   1 
ATOM   548  N N   . LEU A 1 79  ? -4.395  4.793   9.733   1.00 7.99  ? 79   LEU A N   1 
ATOM   549  C CA  . LEU A 1 79  ? -3.144  5.461   10.047  1.00 7.32  ? 79   LEU A CA  1 
ATOM   550  C C   . LEU A 1 79  ? -2.689  6.443   8.949   1.00 7.34  ? 79   LEU A C   1 
ATOM   551  O O   . LEU A 1 79  ? -1.886  7.334   9.206   1.00 6.95  ? 79   LEU A O   1 
ATOM   552  C CB  . LEU A 1 79  ? -2.076  4.412   10.266  1.00 8.30  ? 79   LEU A CB  1 
ATOM   553  C CG  . LEU A 1 79  ? -2.354  3.396   11.367  1.00 7.38  ? 79   LEU A CG  1 
ATOM   554  C CD1 . LEU A 1 79  ? -1.237  2.359   11.395  1.00 9.70  ? 79   LEU A CD1 1 
ATOM   555  C CD2 . LEU A 1 79  ? -2.449  4.128   12.648  1.00 8.77  ? 79   LEU A CD2 1 
ATOM   556  N N   . THR A 1 80  ? -3.293  6.306   7.769   1.00 7.03  ? 80   THR A N   1 
ATOM   557  C CA  . THR A 1 80  ? -3.094  7.290   6.714   1.00 8.43  ? 80   THR A CA  1 
ATOM   558  C C   . THR A 1 80  ? -3.283  8.730   7.187   1.00 7.17  ? 80   THR A C   1 
ATOM   559  O O   . THR A 1 80  ? -2.551  9.655   6.871   1.00 8.31  ? 80   THR A O   1 
ATOM   560  C CB  . THR A 1 80  ? -4.088  7.020   5.584   1.00 7.32  ? 80   THR A CB  1 
ATOM   561  O OG1 . THR A 1 80  ? -3.905  5.686   5.109   1.00 8.93  ? 80   THR A OG1 1 
ATOM   562  C CG2 . THR A 1 80  ? -3.776  7.919   4.366   1.00 9.63  ? 80   THR A CG2 1 
ATOM   563  N N   . HIS A 1 81  ? -4.326  8.914   7.973   1.00 7.64  ? 81   HIS A N   1 
ATOM   564  C CA  . HIS A 1 81  ? -4.807  10.200  8.413   1.00 8.08  ? 81   HIS A CA  1 
ATOM   565  C C   . HIS A 1 81  ? -4.203  10.670  9.753   1.00 7.90  ? 81   HIS A C   1 
ATOM   566  O O   . HIS A 1 81  ? -4.447  11.807  10.157  1.00 9.54  ? 81   HIS A O   1 
ATOM   567  C CB  . HIS A 1 81  ? -6.345  10.079  8.534   1.00 7.63  ? 81   HIS A CB  1 
ATOM   568  C CG  . HIS A 1 81  ? -6.965  9.417   7.336   1.00 7.11  ? 81   HIS A CG  1 
ATOM   569  N ND1 . HIS A 1 81  ? -6.802  9.869   6.035   1.00 6.59  ? 81   HIS A ND1 1 
ATOM   570  C CD2 . HIS A 1 81  ? -7.646  8.247   7.236   1.00 7.07  ? 81   HIS A CD2 1 
ATOM   571  C CE1 . HIS A 1 81  ? -7.404  9.009   5.204   1.00 5.37  ? 81   HIS A CE1 1 
ATOM   572  N NE2 . HIS A 1 81  ? -7.903  8.019   5.912   1.00 9.05  ? 81   HIS A NE2 1 
ATOM   573  N N   . THR A 1 82  ? -3.513  9.810   10.470  1.00 7.26  ? 82   THR A N   1 
ATOM   574  C CA  . THR A 1 82  ? -3.197  10.036  11.850  1.00 8.32  ? 82   THR A CA  1 
ATOM   575  C C   . THR A 1 82  ? -1.719  9.850   12.229  1.00 9.07  ? 82   THR A C   1 
ATOM   576  O O   . THR A 1 82  ? -1.283  10.472  13.189  1.00 9.44  ? 82   THR A O   1 
ATOM   577  C CB  . THR A 1 82  ? -4.025  9.147   12.795  1.00 9.04  ? 82   THR A CB  1 
ATOM   578  O OG1 . THR A 1 82  ? -3.709  7.780   12.536  1.00 9.05  ? 82   THR A OG1 1 
ATOM   579  C CG2 . THR A 1 82  ? -5.488  9.330   12.570  1.00 8.49  ? 82   THR A CG2 1 
ATOM   580  N N   . SER A 1 83  ? -0.967  9.003   11.530  1.00 8.72  ? 83   SER A N   1 
ATOM   581  C CA  . SER A 1 83  ? 0.383   8.588   11.979  1.00 7.73  ? 83   SER A CA  1 
ATOM   582  C C   . SER A 1 83  ? 1.547   9.376   11.313  1.00 9.11  ? 83   SER A C   1 
ATOM   583  O O   . SER A 1 83  ? 1.879   9.142   10.160  1.00 10.34 ? 83   SER A O   1 
ATOM   584  C CB  . SER A 1 83  ? 0.591   7.127   11.756  1.00 9.27  ? 83   SER A CB  1 
ATOM   585  O OG  . SER A 1 83  ? 1.927   6.715   12.166  1.00 10.35 ? 83   SER A OG  1 
ATOM   586  N N   . VAL A 1 84  ? 2.168   10.247  12.084  1.00 6.57  ? 84   VAL A N   1 
ATOM   587  C CA  . VAL A 1 84  ? 3.421   10.895  11.702  1.00 7.01  ? 84   VAL A CA  1 
ATOM   588  C C   . VAL A 1 84  ? 4.504   9.836   11.696  1.00 7.79  ? 84   VAL A C   1 
ATOM   589  O O   . VAL A 1 84  ? 5.395   9.820   10.816  1.00 7.26  ? 84   VAL A O   1 
ATOM   590  C CB  . VAL A 1 84  ? 3.763   12.074  12.652  1.00 6.31  ? 84   VAL A CB  1 
ATOM   591  C CG1 . VAL A 1 84  ? 5.155   12.670  12.368  1.00 7.50  ? 84   VAL A CG1 1 
ATOM   592  C CG2 . VAL A 1 84  ? 2.785   13.251  12.557  1.00 7.08  ? 84   VAL A CG2 1 
ATOM   593  N N   . ALA A 1 85  ? 4.503   8.935   12.658  1.00 7.77  ? 85   ALA A N   1 
ATOM   594  C CA  . ALA A 1 85  ? 5.531   7.892   12.713  1.00 8.92  ? 85   ALA A CA  1 
ATOM   595  C C   . ALA A 1 85  ? 5.619   7.080   11.427  1.00 8.50  ? 85   ALA A C   1 
ATOM   596  O O   . ALA A 1 85  ? 6.744   6.772   10.958  1.00 8.76  ? 85   ALA A O   1 
ATOM   597  C CB  . ALA A 1 85  ? 5.255   6.971   13.916  1.00 10.65 ? 85   ALA A CB  1 
ATOM   598  N N   . LEU A 1 86  ? 4.473   6.691   10.828  1.00 8.34  ? 86   LEU A N   1 
ATOM   599  C CA  . LEU A 1 86  ? 4.480   5.896   9.620   1.00 8.42  ? 86   LEU A CA  1 
ATOM   600  C C   . LEU A 1 86  ? 5.044   6.734   8.463   1.00 7.49  ? 86   LEU A C   1 
ATOM   601  O O   . LEU A 1 86  ? 5.859   6.247   7.668   1.00 8.03  ? 86   LEU A O   1 
ATOM   602  C CB  . LEU A 1 86  ? 3.088   5.333   9.304   1.00 9.03  ? 86   LEU A CB  1 
ATOM   603  C CG  . LEU A 1 86  ? 2.970   4.432   8.103   1.00 11.92 ? 86   LEU A CG  1 
ATOM   604  C CD1 . LEU A 1 86  ? 3.959   3.267   8.171   1.00 14.44 ? 86   LEU A CD1 1 
ATOM   605  C CD2 . LEU A 1 86  ? 1.462   3.971   7.983   1.00 12.41 ? 86   LEU A CD2 1 
ATOM   606  N N   . ARG A 1 87  ? 4.604   8.004   8.355   1.00 7.77  ? 87   ARG A N   1 
ATOM   607  C CA  . ARG A 1 87  ? 5.184   8.929   7.385   1.00 7.40  ? 87   ARG A CA  1 
ATOM   608  C C   . ARG A 1 87  ? 6.721   8.948   7.433   1.00 8.29  ? 87   ARG A C   1 
ATOM   609  O O   . ARG A 1 87  ? 7.429   8.876   6.391   1.00 9.22  ? 87   ARG A O   1 
ATOM   610  C CB  . ARG A 1 87  ? 4.634   10.335  7.580   1.00 7.62  ? 87   ARG A CB  1 
ATOM   611  C CG  . ARG A 1 87  ? 5.268   11.363  6.647   1.00 8.15  ? 87   ARG A CG  1 
ATOM   612  C CD  . ARG A 1 87  ? 5.058   12.704  7.161   1.00 9.47  ? 87   ARG A CD  1 
ATOM   613  N NE  . ARG A 1 87  ? 5.698   13.849  6.513   1.00 11.13 ? 87   ARG A NE  1 
ATOM   614  C CZ  . ARG A 1 87  ? 5.065   14.799  5.786   1.00 12.09 ? 87   ARG A CZ  1 
ATOM   615  N NH1 . ARG A 1 87  ? 3.797   14.685  5.469   1.00 10.40 ? 87   ARG A NH1 1 
ATOM   616  N NH2 . ARG A 1 87  ? 5.740   15.865  5.361   1.00 13.94 ? 87   ARG A NH2 1 
ATOM   617  N N   . ASP A 1 88  ? 7.240   9.188   8.647   1.00 8.65  ? 88   ASP A N   1 
ATOM   618  C CA  . ASP A 1 88  ? 8.665   9.278   8.852   1.00 8.24  ? 88   ASP A CA  1 
ATOM   619  C C   . ASP A 1 88  ? 9.396   7.986   8.460   1.00 7.77  ? 88   ASP A C   1 
ATOM   620  O O   . ASP A 1 88  ? 10.510  8.053   7.887   1.00 9.81  ? 88   ASP A O   1 
ATOM   621  C CB  . ASP A 1 88  ? 8.985   9.620   10.305  1.00 8.41  ? 88   ASP A CB  1 
ATOM   622  C CG  . ASP A 1 88  ? 8.687   11.079  10.643  1.00 12.08 ? 88   ASP A CG  1 
ATOM   623  O OD1 . ASP A 1 88  ? 8.628   11.926  9.717   1.00 12.94 ? 88   ASP A OD1 1 
ATOM   624  O OD2 . ASP A 1 88  ? 8.456   11.466  11.793  1.00 10.36 ? 88   ASP A OD2 1 
ATOM   625  N N   . ALA A 1 89  ? 8.814   6.830   8.730   1.00 8.35  ? 89   ALA A N   1 
ATOM   626  C CA  . ALA A 1 89  ? 9.437   5.604   8.278   1.00 8.45  ? 89   ALA A CA  1 
ATOM   627  C C   . ALA A 1 89  ? 9.515   5.561   6.718   1.00 9.46  ? 89   ALA A C   1 
ATOM   628  O O   . ALA A 1 89  ? 10.531  5.137   6.136   1.00 8.97  ? 89   ALA A O   1 
ATOM   629  C CB  . ALA A 1 89  ? 8.732   4.373   8.836   1.00 8.26  ? 89   ALA A CB  1 
ATOM   630  N N   . CYS A 1 90  ? 8.436   6.010   6.069   1.00 8.58  ? 90   CYS A N   1 
ATOM   631  C CA  . CYS A 1 90  ? 8.326   6.014   4.601   1.00 8.51  ? 90   CYS A CA  1 
ATOM   632  C C   . CYS A 1 90  ? 9.273   7.004   4.007   1.00 9.89  ? 90   CYS A C   1 
ATOM   633  O O   . CYS A 1 90  ? 9.730   6.813   2.904   1.00 9.32  ? 90   CYS A O   1 
ATOM   634  C CB  . CYS A 1 90  ? 6.856   6.264   4.116   1.00 9.17  ? 90   CYS A CB  1 
ATOM   635  S SG  . CYS A 1 90  ? 5.711   4.967   4.474   1.00 10.54 ? 90   CYS A SG  1 
ATOM   636  N N   . ALA A 1 91  ? 9.604   8.082   4.733   1.00 9.54  ? 91   ALA A N   1 
ATOM   637  C CA  . ALA A 1 91  ? 10.563  9.073   4.214   1.00 11.23 ? 91   ALA A CA  1 
ATOM   638  C C   . ALA A 1 91  ? 11.957  8.536   3.965   1.00 12.11 ? 91   ALA A C   1 
ATOM   639  O O   . ALA A 1 91  ? 12.726  9.114   3.197   1.00 12.86 ? 91   ALA A O   1 
ATOM   640  C CB  . ALA A 1 91  ? 10.587  10.326  5.172   1.00 11.24 ? 91   ALA A CB  1 
ATOM   641  N N   . GLU A 1 92  ? 12.325  7.421   4.615   1.00 11.85 ? 92   GLU A N   1 
ATOM   642  C CA  . GLU A 1 92  ? 13.601  6.768   4.404   1.00 13.84 ? 92   GLU A CA  1 
ATOM   643  C C   . GLU A 1 92  ? 13.650  5.955   3.116   1.00 12.86 ? 92   GLU A C   1 
ATOM   644  O O   . GLU A 1 92  ? 14.700  5.548   2.706   1.00 12.88 ? 92   GLU A O   1 
ATOM   645  C CB  . GLU A 1 92  ? 13.895  5.769   5.544   1.00 15.37 ? 92   GLU A CB  1 
ATOM   646  C CG  . GLU A 1 92  ? 14.815  6.151   6.621   1.00 19.56 ? 92   GLU A CG  1 
ATOM   647  C CD  . GLU A 1 92  ? 15.271  4.922   7.403   1.00 19.31 ? 92   GLU A CD  1 
ATOM   648  O OE1 . GLU A 1 92  ? 14.411  4.419   8.160   1.00 16.77 ? 92   GLU A OE1 1 
ATOM   649  O OE2 . GLU A 1 92  ? 16.472  4.485   7.297   1.00 20.69 ? 92   GLU A OE2 1 
ATOM   650  N N   . LEU A 1 93  ? 12.504  5.629   2.507   1.00 11.69 ? 93   LEU A N   1 
ATOM   651  C CA  . LEU A 1 93  ? 12.507  4.791   1.322   1.00 11.94 ? 93   LEU A CA  1 
ATOM   652  C C   . LEU A 1 93  ? 13.204  5.525   0.142   1.00 13.79 ? 93   LEU A C   1 
ATOM   653  O O   . LEU A 1 93  ? 12.918  6.692   -0.130  1.00 16.24 ? 93   LEU A O   1 
ATOM   654  C CB  . LEU A 1 93  ? 11.072  4.451   0.883   1.00 11.21 ? 93   LEU A CB  1 
ATOM   655  C CG  . LEU A 1 93  ? 10.245  3.636   1.882   1.00 12.96 ? 93   LEU A CG  1 
ATOM   656  C CD1 . LEU A 1 93  ? 8.770   3.618   1.491   1.00 10.64 ? 93   LEU A CD1 1 
ATOM   657  C CD2 . LEU A 1 93  ? 10.747  2.207   1.979   1.00 10.78 ? 93   LEU A CD2 1 
ATOM   658  N N   . SER A 1 94  ? 14.036  4.803   -0.589  1.00 14.18 ? 94   SER A N   1 
ATOM   659  C CA  . SER A 1 94  ? 14.705  5.321   -1.795  1.00 14.31 ? 94   SER A CA  1 
ATOM   660  C C   . SER A 1 94  ? 13.997  4.952   -3.052  1.00 14.80 ? 94   SER A C   1 
ATOM   661  O O   . SER A 1 94  ? 14.113  5.692   -4.062  1.00 17.77 ? 94   SER A O   1 
ATOM   662  C CB  . SER A 1 94  ? 16.186  4.865   -1.873  1.00 15.61 ? 94   SER A CB  1 
ATOM   663  O OG  . SER A 1 94  ? 16.396  3.473   -1.755  1.00 14.22 ? 94   SER A OG  1 
ATOM   664  N N   . ALA A 1 95  ? 13.292  3.829   -3.066  1.00 12.79 ? 95   ALA A N   1 
ATOM   665  C CA  . ALA A 1 95  ? 12.492  3.410   -4.206  1.00 11.11 ? 95   ALA A CA  1 
ATOM   666  C C   . ALA A 1 95  ? 11.073  4.023   -4.117  1.00 10.99 ? 95   ALA A C   1 
ATOM   667  O O   . ALA A 1 95  ? 10.730  4.580   -3.084  1.00 10.47 ? 95   ALA A O   1 
ATOM   668  C CB  . ALA A 1 95  ? 12.416  1.849   -4.225  1.00 11.48 ? 95   ALA A CB  1 
ATOM   669  N N   . PRO A 1 96  ? 10.270  3.914   -5.180  1.00 11.86 ? 96   PRO A N   1 
ATOM   670  C CA  . PRO A 1 96  ? 8.957   4.544   -5.179  1.00 12.30 ? 96   PRO A CA  1 
ATOM   671  C C   . PRO A 1 96  ? 8.031   4.022   -4.085  1.00 12.10 ? 96   PRO A C   1 
ATOM   672  O O   . PRO A 1 96  ? 8.082   2.838   -3.661  1.00 11.95 ? 96   PRO A O   1 
ATOM   673  C CB  . PRO A 1 96  ? 8.410   4.270   -6.570  1.00 12.45 ? 96   PRO A CB  1 
ATOM   674  C CG  . PRO A 1 96  ? 9.665   4.028   -7.456  1.00 13.26 ? 96   PRO A CG  1 
ATOM   675  C CD  . PRO A 1 96  ? 10.591  3.296   -6.486  1.00 12.71 ? 96   PRO A CD  1 
ATOM   676  N N   . LEU A 1 97  ? 7.224   4.958   -3.612  1.00 9.72  ? 97   LEU A N   1 
ATOM   677  C CA  . LEU A 1 97  ? 6.154   4.686   -2.650  1.00 9.54  ? 97   LEU A CA  1 
ATOM   678  C C   . LEU A 1 97  ? 4.857   5.063   -3.359  1.00 8.99  ? 97   LEU A C   1 
ATOM   679  O O   . LEU A 1 97  ? 4.700   6.244   -3.772  1.00 8.17  ? 97   LEU A O   1 
ATOM   680  C CB  . LEU A 1 97  ? 6.311   5.491   -1.374  1.00 9.09  ? 97   LEU A CB  1 
ATOM   681  C CG  . LEU A 1 97  ? 5.145   5.566   -0.409  1.00 11.01 ? 97   LEU A CG  1 
ATOM   682  C CD1 . LEU A 1 97  ? 4.912   4.175   0.192   1.00 12.17 ? 97   LEU A CD1 1 
ATOM   683  C CD2 . LEU A 1 97  ? 5.406   6.610   0.655   1.00 13.37 ? 97   LEU A CD2 1 
ATOM   684  N N   . ILE A 1 98  ? 3.949   4.112   -3.518  1.00 9.20  ? 98   ILE A N   1 
ATOM   685  C CA  . ILE A 1 98  ? 2.636   4.371   -4.095  1.00 9.05  ? 98   ILE A CA  1 
ATOM   686  C C   . ILE A 1 98  ? 1.570   4.195   -3.047  1.00 9.37  ? 98   ILE A C   1 
ATOM   687  O O   . ILE A 1 98  ? 1.436   3.124   -2.464  1.00 10.40 ? 98   ILE A O   1 
ATOM   688  C CB  . ILE A 1 98  ? 2.318   3.484   -5.303  1.00 8.92  ? 98   ILE A CB  1 
ATOM   689  C CG1 . ILE A 1 98  ? 3.523   3.285   -6.253  1.00 11.39 ? 98   ILE A CG1 1 
ATOM   690  C CG2 . ILE A 1 98  ? 1.077   3.990   -5.990  1.00 11.48 ? 98   ILE A CG2 1 
ATOM   691  C CD1 . ILE A 1 98  ? 4.083   4.431   -6.812  1.00 12.83 ? 98   ILE A CD1 1 
ATOM   692  N N   . GLU A 1 99  ? 0.853   5.261   -2.757  1.00 8.73  ? 99   GLU A N   1 
ATOM   693  C CA  . GLU A 1 99  ? -0.251  5.207   -1.805  1.00 8.26  ? 99   GLU A CA  1 
ATOM   694  C C   . GLU A 1 99  ? -1.529  4.706   -2.493  1.00 7.92  ? 99   GLU A C   1 
ATOM   695  O O   . GLU A 1 99  ? -1.918  5.303   -3.498  1.00 7.14  ? 99   GLU A O   1 
ATOM   696  C CB  . GLU A 1 99  ? -0.470  6.606   -1.210  1.00 8.71  ? 99   GLU A CB  1 
ATOM   697  C CG  . GLU A 1 99  ? -1.617  6.735   -0.214  1.00 8.48  ? 99   GLU A CG  1 
ATOM   698  C CD  . GLU A 1 99  ? -1.752  8.115   0.430   1.00 9.29  ? 99   GLU A CD  1 
ATOM   699  O OE1 . GLU A 1 99  ? -1.030  9.037   0.012   1.00 7.40  ? 99   GLU A OE1 1 
ATOM   700  O OE2 . GLU A 1 99  ? -2.664  8.332   1.250   1.00 10.65 ? 99   GLU A OE2 1 
ATOM   701  N N   . VAL A 1 100 ? -2.218  3.704   -1.927  1.00 8.87  ? 100  VAL A N   1 
ATOM   702  C CA  . VAL A 1 100 ? -3.455  3.179   -2.506  1.00 7.97  ? 100  VAL A CA  1 
ATOM   703  C C   . VAL A 1 100 ? -4.556  3.188   -1.456  1.00 7.00  ? 100  VAL A C   1 
ATOM   704  O O   . VAL A 1 100 ? -4.311  2.813   -0.307  1.00 7.96  ? 100  VAL A O   1 
ATOM   705  C CB  . VAL A 1 100 ? -3.284  1.764   -3.056  1.00 7.79  ? 100  VAL A CB  1 
ATOM   706  C CG1 . VAL A 1 100 ? -4.633  1.102   -3.486  1.00 11.40 ? 100  VAL A CG1 1 
ATOM   707  C CG2 . VAL A 1 100 ? -2.335  1.791   -4.217  1.00 8.17  ? 100  VAL A CG2 1 
ATOM   708  N N   . HIS A 1 101 ? -5.750  3.608   -1.822  1.00 6.89  ? 101  HIS A N   1 
ATOM   709  C CA  . HIS A 1 101 ? -6.987  3.381   -1.013  1.00 6.23  ? 101  HIS A CA  1 
ATOM   710  C C   . HIS A 1 101 ? -8.063  2.789   -1.948  1.00 7.30  ? 101  HIS A C   1 
ATOM   711  O O   . HIS A 1 101 ? -8.237  3.237   -3.080  1.00 7.37  ? 101  HIS A O   1 
ATOM   712  C CB  . HIS A 1 101 ? -7.467  4.684   -0.387  1.00 5.85  ? 101  HIS A CB  1 
ATOM   713  C CG  . HIS A 1 101 ? -6.409  5.329   0.473   1.00 8.78  ? 101  HIS A CG  1 
ATOM   714  N ND1 . HIS A 1 101 ? -6.014  4.742   1.650   1.00 11.53 ? 101  HIS A ND1 1 
ATOM   715  C CD2 . HIS A 1 101 ? -5.572  6.365   0.269   1.00 11.01 ? 101  HIS A CD2 1 
ATOM   716  C CE1 . HIS A 1 101 ? -5.024  5.441   2.176   1.00 14.89 ? 101  HIS A CE1 1 
ATOM   717  N NE2 . HIS A 1 101 ? -4.725  6.434   1.358   1.00 11.10 ? 101  HIS A NE2 1 
ATOM   718  N N   . ILE A 1 102 ? -8.763  1.784   -1.449  1.00 6.78  ? 102  ILE A N   1 
ATOM   719  C CA  . ILE A 1 102 ? -9.838  1.134   -2.168  1.00 7.57  ? 102  ILE A CA  1 
ATOM   720  C C   . ILE A 1 102 ? -11.024 2.089   -2.418  1.00 7.48  ? 102  ILE A C   1 
ATOM   721  O O   . ILE A 1 102 ? -11.509 2.205   -3.539  1.00 8.03  ? 102  ILE A O   1 
ATOM   722  C CB  . ILE A 1 102 ? -10.264 -0.137  -1.353  1.00 8.22  ? 102  ILE A CB  1 
ATOM   723  C CG1 . ILE A 1 102 ? -9.138  -1.175  -1.325  1.00 8.40  ? 102  ILE A CG1 1 
ATOM   724  C CG2 . ILE A 1 102 ? -11.599 -0.773  -1.868  1.00 9.13  ? 102  ILE A CG2 1 
ATOM   725  C CD1 . ILE A 1 102 ? -9.343  -2.270  -0.319  1.00 8.87  ? 102  ILE A CD1 1 
ATOM   726  N N   . SER A 1 103 ? -11.453 2.794   -1.360  1.00 6.31  ? 103  SER A N   1 
ATOM   727  C CA  . SER A 1 103 ? -12.517 3.779   -1.407  1.00 6.40  ? 103  SER A CA  1 
ATOM   728  C C   . SER A 1 103 ? -12.007 5.127   -1.856  1.00 7.44  ? 103  SER A C   1 
ATOM   729  O O   . SER A 1 103 ? -10.819 5.416   -1.739  1.00 7.91  ? 103  SER A O   1 
ATOM   730  C CB  . SER A 1 103 ? -13.196 3.876   -0.036  1.00 7.89  ? 103  SER A CB  1 
ATOM   731  O OG  . SER A 1 103 ? -12.386 4.574   0.917   1.00 7.90  ? 103  SER A OG  1 
ATOM   732  N N   . ASN A 1 104 ? -12.919 5.957   -2.373  1.00 7.94  ? 104  ASN A N   1 
ATOM   733  C CA  . ASN A 1 104 ? -12.537 7.325   -2.737  1.00 8.40  ? 104  ASN A CA  1 
ATOM   734  C C   . ASN A 1 104 ? -12.593 8.154   -1.430  1.00 8.78  ? 104  ASN A C   1 
ATOM   735  O O   . ASN A 1 104 ? -13.637 8.663   -1.078  1.00 8.49  ? 104  ASN A O   1 
ATOM   736  C CB  . ASN A 1 104 ? -13.511 7.908   -3.764  1.00 8.96  ? 104  ASN A CB  1 
ATOM   737  C CG  . ASN A 1 104 ? -13.108 9.305   -4.189  1.00 7.84  ? 104  ASN A CG  1 
ATOM   738  O OD1 . ASN A 1 104 ? -12.236 9.922   -3.551  1.00 8.89  ? 104  ASN A OD1 1 
ATOM   739  N ND2 . ASN A 1 104 ? -13.736 9.822   -5.257  1.00 8.03  ? 104  ASN A ND2 1 
ATOM   740  N N   . VAL A 1 105 ? -11.455 8.269   -0.767  1.00 7.82  ? 105  VAL A N   1 
ATOM   741  C CA  . VAL A 1 105 ? -11.348 9.019   0.481   1.00 8.71  ? 105  VAL A CA  1 
ATOM   742  C C   . VAL A 1 105 ? -11.749 10.457  0.351   1.00 10.92 ? 105  VAL A C   1 
ATOM   743  O O   . VAL A 1 105 ? -12.183 11.076  1.320   1.00 11.80 ? 105  VAL A O   1 
ATOM   744  C CB  . VAL A 1 105 ? -9.955  8.907   1.086   1.00 9.02  ? 105  VAL A CB  1 
ATOM   745  C CG1 . VAL A 1 105 ? -9.690  7.474   1.567   1.00 8.67  ? 105  VAL A CG1 1 
ATOM   746  C CG2 . VAL A 1 105 ? -8.867  9.486   0.158   1.00 11.32 ? 105  VAL A CG2 1 
ATOM   747  N N   . HIS A 1 106 ? -11.666 11.027  -0.860  1.00 12.28 ? 106  HIS A N   1 
ATOM   748  C CA  . HIS A 1 106 ? -12.130 12.407  -1.067  1.00 14.84 ? 106  HIS A CA  1 
ATOM   749  C C   . HIS A 1 106 ? -13.621 12.626  -1.144  1.00 14.97 ? 106  HIS A C   1 
ATOM   750  O O   . HIS A 1 106 ? -14.102 13.774  -1.248  1.00 18.51 ? 106  HIS A O   1 
ATOM   751  C CB  . HIS A 1 106 ? -11.460 12.951  -2.331  1.00 15.22 ? 106  HIS A CB  1 
ATOM   752  C CG  . HIS A 1 106 ? -10.008 12.911  -2.242  1.00 18.50 ? 106  HIS A CG  1 
ATOM   753  N ND1 . HIS A 1 106 ? -9.331  13.600  -1.277  1.00 20.59 ? 106  HIS A ND1 1 
ATOM   754  C CD2 . HIS A 1 106 ? -9.101  12.144  -2.878  1.00 22.37 ? 106  HIS A CD2 1 
ATOM   755  C CE1 . HIS A 1 106 ? -8.055  13.285  -1.341  1.00 24.41 ? 106  HIS A CE1 1 
ATOM   756  N NE2 . HIS A 1 106 ? -7.883  12.444  -2.338  1.00 22.18 ? 106  HIS A NE2 1 
ATOM   757  N N   . ALA A 1 107 ? -14.388 11.577  -1.121  1.00 12.64 ? 107  ALA A N   1 
ATOM   758  C CA  . ALA A 1 107 ? -15.789 11.663  -1.132  1.00 14.14 ? 107  ALA A CA  1 
ATOM   759  C C   . ALA A 1 107 ? -16.381 11.332  0.210   1.00 14.94 ? 107  ALA A C   1 
ATOM   760  O O   . ALA A 1 107 ? -17.580 11.238  0.311   1.00 18.39 ? 107  ALA A O   1 
ATOM   761  C CB  . ALA A 1 107 ? -16.375 10.739  -2.208  1.00 14.47 ? 107  ALA A CB  1 
ATOM   762  N N   . ARG A 1 108 ? -15.555 11.175  1.237   1.00 13.55 ? 108  ARG A N   1 
ATOM   763  C CA  . ARG A 1 108 ? -16.037 10.649  2.512   1.00 12.64 ? 108  ARG A CA  1 
ATOM   764  C C   . ARG A 1 108 ? -15.902 11.745  3.587   1.00 13.14 ? 108  ARG A C   1 
ATOM   765  O O   . ARG A 1 108 ? -15.937 12.963  3.232   1.00 13.25 ? 108  ARG A O   1 
ATOM   766  C CB  . ARG A 1 108 ? -15.290 9.348   2.837   1.00 11.66 ? 108  ARG A CB  1 
ATOM   767  C CG  . ARG A 1 108 ? -15.493 8.216   1.813   1.00 11.18 ? 108  ARG A CG  1 
ATOM   768  C CD  . ARG A 1 108 ? -14.808 6.925   2.190   1.00 9.87  ? 108  ARG A CD  1 
ATOM   769  N NE  . ARG A 1 108 ? -15.308 6.387   3.436   1.00 7.83  ? 108  ARG A NE  1 
ATOM   770  C CZ  . ARG A 1 108 ? -14.726 5.369   4.070   1.00 11.37 ? 108  ARG A CZ  1 
ATOM   771  N NH1 . ARG A 1 108 ? -13.647 4.801   3.553   1.00 9.90  ? 108  ARG A NH1 1 
ATOM   772  N NH2 . ARG A 1 108 ? -15.242 4.933   5.211   1.00 12.63 ? 108  ARG A NH2 1 
ATOM   773  N N   . GLU A 1 109 ? -15.803 11.381  4.873   1.00 9.57  ? 109  GLU A N   1 
ATOM   774  C CA  . GLU A 1 109 ? -15.664 12.383  5.922   1.00 10.37 ? 109  GLU A CA  1 
ATOM   775  C C   . GLU A 1 109 ? -14.476 13.277  5.685   1.00 9.64  ? 109  GLU A C   1 
ATOM   776  O O   . GLU A 1 109 ? -13.427 12.843  5.188   1.00 10.43 ? 109  GLU A O   1 
ATOM   777  C CB  . GLU A 1 109 ? -15.438 11.716  7.290   1.00 10.04 ? 109  GLU A CB  1 
ATOM   778  C CG  . GLU A 1 109 ? -16.509 10.745  7.768   1.00 12.52 ? 109  GLU A CG  1 
ATOM   779  C CD  . GLU A 1 109 ? -16.198 9.298   7.425   1.00 13.57 ? 109  GLU A CD  1 
ATOM   780  O OE1 . GLU A 1 109 ? -15.768 9.012   6.275   1.00 11.29 ? 109  GLU A OE1 1 
ATOM   781  O OE2 . GLU A 1 109 ? -16.432 8.408   8.298   1.00 12.46 ? 109  GLU A OE2 1 
ATOM   782  N N   . GLU A 1 110 ? -14.588 14.534  6.126   1.00 9.69  ? 110  GLU A N   1 
ATOM   783  C CA  . GLU A 1 110 ? -13.484 15.465  6.019   1.00 10.75 ? 110  GLU A CA  1 
ATOM   784  C C   . GLU A 1 110 ? -12.118 14.967  6.525   1.00 10.42 ? 110  GLU A C   1 
ATOM   785  O O   . GLU A 1 110 ? -11.070 15.163  5.835   1.00 11.13 ? 110  GLU A O   1 
ATOM   786  C CB  . GLU A 1 110 ? -13.854 16.860  6.599   1.00 12.01 ? 110  GLU A CB  1 
ATOM   787  C CG  . GLU A 1 110 ? -12.714 17.901  6.544   1.00 17.20 ? 110  GLU A CG  1 
ATOM   788  C CD  . GLU A 1 110 ? -12.293 18.344  5.144   1.00 22.48 ? 110  GLU A CD  1 
ATOM   789  O OE1 . GLU A 1 110 ? -13.077 18.220  4.177   1.00 21.04 ? 110  GLU A OE1 1 
ATOM   790  O OE2 . GLU A 1 110 ? -11.188 18.927  5.034   1.00 26.04 ? 110  GLU A OE2 1 
ATOM   791  N N   . PHE A 1 111 ? -12.091 14.285  7.646   1.00 9.24  ? 111  PHE A N   1 
ATOM   792  C CA  . PHE A 1 111 ? -10.821 13.823  8.196   1.00 10.29 ? 111  PHE A CA  1 
ATOM   793  C C   . PHE A 1 111 ? -10.097 12.856  7.257   1.00 10.83 ? 111  PHE A C   1 
ATOM   794  O O   . PHE A 1 111 ? -8.853  12.734  7.342   1.00 10.81 ? 111  PHE A O   1 
ATOM   795  C CB  . PHE A 1 111 ? -10.972 13.232  9.613   1.00 11.38 ? 111  PHE A CB  1 
ATOM   796  C CG  . PHE A 1 111 ? -11.828 12.018  9.697   1.00 9.71  ? 111  PHE A CG  1 
ATOM   797  C CD1 . PHE A 1 111 ? -11.321 10.773  9.364   1.00 12.73 ? 111  PHE A CD1 1 
ATOM   798  C CD2 . PHE A 1 111 ? -13.099 12.074  10.221  1.00 11.71 ? 111  PHE A CD2 1 
ATOM   799  C CE1 . PHE A 1 111 ? -12.107 9.639   9.488   1.00 10.22 ? 111  PHE A CE1 1 
ATOM   800  C CE2 . PHE A 1 111 ? -13.857 10.923  10.360  1.00 11.29 ? 111  PHE A CE2 1 
ATOM   801  C CZ  . PHE A 1 111 ? -13.392 9.741   9.983   1.00 12.62 ? 111  PHE A CZ  1 
ATOM   802  N N   . ARG A 1 112 ? -10.835 12.161  6.360   1.00 9.60  ? 112  ARG A N   1 
ATOM   803  C CA  . ARG A 1 112 ? -10.217 11.210  5.432   1.00 10.39 ? 112  ARG A CA  1 
ATOM   804  C C   . ARG A 1 112 ? -9.605  11.866  4.202   1.00 11.03 ? 112  ARG A C   1 
ATOM   805  O O   . ARG A 1 112 ? -8.871  11.228  3.430   1.00 9.60  ? 112  ARG A O   1 
ATOM   806  C CB  . ARG A 1 112 ? -11.230 10.221  4.906   1.00 11.09 ? 112  ARG A CB  1 
ATOM   807  C CG  . ARG A 1 112 ? -11.771 9.287   5.917   1.00 11.19 ? 112  ARG A CG  1 
ATOM   808  C CD  . ARG A 1 112 ? -12.448 8.039   5.316   1.00 8.76  ? 112  ARG A CD  1 
ATOM   809  N NE  . ARG A 1 112 ? -13.352 7.589   6.356   1.00 8.65  ? 112  ARG A NE  1 
ATOM   810  C CZ  . ARG A 1 112 ? -13.036 6.753   7.340   1.00 9.64  ? 112  ARG A CZ  1 
ATOM   811  N NH1 . ARG A 1 112 ? -11.871 6.109   7.353   1.00 7.77  ? 112  ARG A NH1 1 
ATOM   812  N NH2 . ARG A 1 112 ? -13.930 6.481   8.275   1.00 9.89  ? 112  ARG A NH2 1 
ATOM   813  N N   . ARG A 1 113 ? -9.855  13.165  4.042   1.00 9.64  ? 113  ARG A N   1 
ATOM   814  C CA  . ARG A 1 113 ? -9.308  13.881  2.894   1.00 10.25 ? 113  ARG A CA  1 
ATOM   815  C C   . ARG A 1 113 ? -7.900  14.437  3.134   1.00 11.47 ? 113  ARG A C   1 
ATOM   816  O O   . ARG A 1 113 ? -7.369  15.184  2.286   1.00 13.88 ? 113  ARG A O   1 
ATOM   817  C CB  . ARG A 1 113 ? -10.234 15.039  2.496   1.00 11.95 ? 113  ARG A CB  1 
ATOM   818  C CG  . ARG A 1 113 ? -11.666 14.541  2.282   1.00 11.06 ? 113  ARG A CG  1 
ATOM   819  C CD  . ARG A 1 113 ? -12.614 15.582  1.732   1.00 14.02 ? 113  ARG A CD  1 
ATOM   820  N NE  . ARG A 1 113 ? -13.959 15.014  1.698   1.00 13.99 ? 113  ARG A NE  1 
ATOM   821  C CZ  . ARG A 1 113 ? -14.981 15.522  1.041   1.00 16.20 ? 113  ARG A CZ  1 
ATOM   822  N NH1 . ARG A 1 113 ? -14.815 16.698  0.412   1.00 13.26 ? 113  ARG A NH1 1 
ATOM   823  N NH2 . ARG A 1 113 ? -16.175 14.891  1.063   1.00 15.51 ? 113  ARG A NH2 1 
ATOM   824  N N   . HIS A 1 114 ? -7.341  14.150  4.294   1.00 10.24 ? 114  HIS A N   1 
ATOM   825  C CA  . HIS A 1 114 ? -5.978  14.576  4.677   1.00 11.27 ? 114  HIS A CA  1 
ATOM   826  C C   . HIS A 1 114 ? -5.135  13.319  4.923   1.00 10.68 ? 114  HIS A C   1 
ATOM   827  O O   . HIS A 1 114 ? -5.544  12.409  5.650   1.00 10.63 ? 114  HIS A O   1 
ATOM   828  C CB  . HIS A 1 114 ? -6.026  15.557  5.853   1.00 13.39 ? 114  HIS A CB  1 
ATOM   829  C CG  . HIS A 1 114 ? -6.979  16.685  5.588   1.00 18.80 ? 114  HIS A CG  1 
ATOM   830  N ND1 . HIS A 1 114 ? -6.726  17.653  4.614   1.00 24.24 ? 114  HIS A ND1 1 
ATOM   831  C CD2 . HIS A 1 114 ? -8.272  16.892  6.001   1.00 22.76 ? 114  HIS A CD2 1 
ATOM   832  C CE1 . HIS A 1 114 ? -7.800  18.416  4.469   1.00 25.81 ? 114  HIS A CE1 1 
ATOM   833  N NE2 . HIS A 1 114 ? -8.749  17.983  5.304   1.00 25.21 ? 114  HIS A NE2 1 
ATOM   834  N N   . SER A 1 115 ? -4.024  13.261  4.215   1.00 8.62  ? 115  SER A N   1 
ATOM   835  C CA  . SER A 1 115 ? -3.049  12.172  4.349   1.00 8.10  ? 115  SER A CA  1 
ATOM   836  C C   . SER A 1 115 ? -1.665  12.635  4.715   1.00 7.56  ? 115  SER A C   1 
ATOM   837  O O   . SER A 1 115 ? -1.113  13.519  4.042   1.00 9.31  ? 115  SER A O   1 
ATOM   838  C CB  . SER A 1 115 ? -3.007  11.362  3.029   1.00 8.97  ? 115  SER A CB  1 
ATOM   839  O OG  . SER A 1 115 ? -2.023  10.413  3.016   1.00 8.24  ? 115  SER A OG  1 
ATOM   840  N N   . TYR A 1 116 ? -1.047  12.029  5.749   1.00 7.08  ? 116  TYR A N   1 
ATOM   841  C CA  . TYR A 1 116 ? 0.346   12.309  6.081   1.00 7.01  ? 116  TYR A CA  1 
ATOM   842  C C   . TYR A 1 116 ? 1.281   11.687  5.068   1.00 8.38  ? 116  TYR A C   1 
ATOM   843  O O   . TYR A 1 116 ? 2.436   12.109  4.938   1.00 8.68  ? 116  TYR A O   1 
ATOM   844  C CB  . TYR A 1 116 ? 0.692   11.815  7.470   1.00 7.74  ? 116  TYR A CB  1 
ATOM   845  C CG  . TYR A 1 116 ? 0.250   12.695  8.591   1.00 8.39  ? 116  TYR A CG  1 
ATOM   846  C CD1 . TYR A 1 116 ? 0.876   13.901  8.860   1.00 7.97  ? 116  TYR A CD1 1 
ATOM   847  C CD2 . TYR A 1 116 ? -0.756  12.268  9.454   1.00 13.96 ? 116  TYR A CD2 1 
ATOM   848  C CE1 . TYR A 1 116 ? 0.479   14.687  9.878   1.00 10.26 ? 116  TYR A CE1 1 
ATOM   849  C CE2 . TYR A 1 116 ? -1.167  13.052  10.472  1.00 11.27 ? 116  TYR A CE2 1 
ATOM   850  C CZ  . TYR A 1 116 ? -0.554  14.272  10.707  1.00 12.15 ? 116  TYR A CZ  1 
ATOM   851  O OH  . TYR A 1 116 ? -0.913  15.105  11.728  1.00 16.12 ? 116  TYR A OH  1 
ATOM   852  N N   . LEU A 1 117 ? 0.814   10.705  4.282   1.00 7.73  ? 117  LEU A N   1 
ATOM   853  C CA  . LEU A 1 117 ? 1.678   9.998   3.347   1.00 7.84  ? 117  LEU A CA  1 
ATOM   854  C C   . LEU A 1 117 ? 1.757   10.678  1.941   1.00 9.70  ? 117  LEU A C   1 
ATOM   855  O O   . LEU A 1 117 ? 2.805   10.543  1.246   1.00 9.60  ? 117  LEU A O   1 
ATOM   856  C CB  . LEU A 1 117 ? 1.149   8.545   3.164   1.00 7.87  ? 117  LEU A CB  1 
ATOM   857  C CG  . LEU A 1 117 ? 1.120   7.771   4.480   1.00 10.03 ? 117  LEU A CG  1 
ATOM   858  C CD1 . LEU A 1 117 ? 0.405   6.401   4.287   1.00 11.52 ? 117  LEU A CD1 1 
ATOM   859  C CD2 . LEU A 1 117 ? 2.499   7.575   5.012   1.00 10.87 ? 117  LEU A CD2 1 
ATOM   860  N N   . SER A 1 118 ? 0.661   11.334  1.486   1.00 8.64  ? 118  SER A N   1 
ATOM   861  C CA  . SER A 1 118 ? 0.611   11.841  0.095   1.00 8.86  ? 118  SER A CA  1 
ATOM   862  C C   . SER A 1 118 ? 1.775   12.738  -0.280  1.00 8.24  ? 118  SER A C   1 
ATOM   863  O O   . SER A 1 118 ? 2.304   12.600  -1.337  1.00 10.07 ? 118  SER A O   1 
ATOM   864  C CB  . SER A 1 118 ? -0.736  12.471  -0.285  1.00 8.15  ? 118  SER A CB  1 
ATOM   865  O OG  . SER A 1 118 ? -1.782  11.564  0.005   1.00 7.46  ? 118  SER A OG  1 
ATOM   866  N N   . PRO A 1 119 ? 2.225   13.622  0.615   1.00 9.92  ? 119  PRO A N   1 
ATOM   867  C CA  . PRO A 1 119 ? 3.346   14.497  0.271   1.00 10.15 ? 119  PRO A CA  1 
ATOM   868  C C   . PRO A 1 119 ? 4.653   13.833  0.063   1.00 11.61 ? 119  PRO A C   1 
ATOM   869  O O   . PRO A 1 119 ? 5.463   14.421  -0.670  1.00 14.59 ? 119  PRO A O   1 
ATOM   870  C CB  . PRO A 1 119 ? 3.418   15.479  1.445   1.00 11.53 ? 119  PRO A CB  1 
ATOM   871  C CG  . PRO A 1 119 ? 2.101   15.458  1.984   1.00 10.28 ? 119  PRO A CG  1 
ATOM   872  C CD  . PRO A 1 119 ? 1.628   14.027  1.907   1.00 9.31  ? 119  PRO A CD  1 
ATOM   873  N N   . ILE A 1 120 ? 4.865   12.649  0.604   1.00 12.67 ? 120  ILE A N   1 
ATOM   874  C CA  . ILE A 1 120 ? 6.089   11.929  0.403   1.00 14.56 ? 120  ILE A CA  1 
ATOM   875  C C   . ILE A 1 120 ? 5.978   10.754  -0.596  1.00 14.37 ? 120  ILE A C   1 
ATOM   876  O O   . ILE A 1 120 ? 6.984   10.172  -1.034  1.00 12.73 ? 120  ILE A O   1 
ATOM   877  C CB  . ILE A 1 120 ? 6.702   11.577  1.761   1.00 17.93 ? 120  ILE A CB  1 
ATOM   878  C CG1 . ILE A 1 120 ? 5.835   10.676  2.564   1.00 20.21 ? 120  ILE A CG1 1 
ATOM   879  C CG2 . ILE A 1 120 ? 6.985   12.872  2.617   1.00 17.98 ? 120  ILE A CG2 1 
ATOM   880  C CD1 . ILE A 1 120 ? 6.591   9.916   3.603   1.00 25.42 ? 120  ILE A CD1 1 
ATOM   881  N N   . ALA A 1 121 ? 4.753   10.446  -1.038  1.00 11.82 ? 121  ALA A N   1 
ATOM   882  C CA  . ALA A 1 121 ? 4.533   9.370   -1.985  1.00 11.25 ? 121  ALA A CA  1 
ATOM   883  C C   . ALA A 1 121 ? 4.915   9.851   -3.392  1.00 9.40  ? 121  ALA A C   1 
ATOM   884  O O   . ALA A 1 121 ? 4.822   11.037  -3.687  1.00 7.74  ? 121  ALA A O   1 
ATOM   885  C CB  . ALA A 1 121 ? 3.064   8.964   -1.976  1.00 10.97 ? 121  ALA A CB  1 
ATOM   886  N N   . THR A 1 122 ? 5.330   8.934   -4.249  1.00 7.91  ? 122  THR A N   1 
ATOM   887  C CA  . THR A 1 122 ? 5.466   9.210   -5.659  1.00 8.34  ? 122  THR A CA  1 
ATOM   888  C C   . THR A 1 122 ? 4.122   9.604   -6.260  1.00 8.61  ? 122  THR A C   1 
ATOM   889  O O   . THR A 1 122 ? 3.971   10.646  -6.973  1.00 9.90  ? 122  THR A O   1 
ATOM   890  C CB  . THR A 1 122 ? 6.004   7.983   -6.337  1.00 10.63 ? 122  THR A CB  1 
ATOM   891  O OG1 . THR A 1 122 ? 7.343   7.729   -5.848  1.00 13.52 ? 122  THR A OG1 1 
ATOM   892  C CG2 . THR A 1 122 ? 6.165   8.221   -7.838  1.00 12.40 ? 122  THR A CG2 1 
ATOM   893  N N   . GLY A 1 123 ? 3.134   8.753   -5.990  1.00 7.64  ? 123  GLY A N   1 
ATOM   894  C CA  . GLY A 1 123 ? 1.767   9.005   -6.426  1.00 8.16  ? 123  GLY A CA  1 
ATOM   895  C C   . GLY A 1 123 ? 0.755   8.270   -5.595  1.00 7.08  ? 123  GLY A C   1 
ATOM   896  O O   . GLY A 1 123 ? 1.107   7.548   -4.642  1.00 8.89  ? 123  GLY A O   1 
ATOM   897  N N   . VAL A 1 124 ? -0.514  8.546   -5.900  1.00 7.07  ? 124  VAL A N   1 
ATOM   898  C CA  . VAL A 1 124 ? -1.658  8.101   -5.104  1.00 7.10  ? 124  VAL A CA  1 
ATOM   899  C C   . VAL A 1 124 ? -2.783  7.655   -6.026  1.00 7.16  ? 124  VAL A C   1 
ATOM   900  O O   . VAL A 1 124 ? -3.131  8.392   -6.961  1.00 8.02  ? 124  VAL A O   1 
ATOM   901  C CB  . VAL A 1 124 ? -2.138  9.258   -4.223  1.00 7.74  ? 124  VAL A CB  1 
ATOM   902  C CG1 . VAL A 1 124 ? -3.255  8.791   -3.210  1.00 6.57  ? 124  VAL A CG1 1 
ATOM   903  C CG2 . VAL A 1 124 ? -0.948  9.934   -3.468  1.00 9.51  ? 124  VAL A CG2 1 
ATOM   904  N N   . ILE A 1 125 ? -3.331  6.480   -5.741  1.00 7.87  ? 125  ILE A N   1 
ATOM   905  C CA  . ILE A 1 125 ? -4.543  5.967   -6.386  1.00 8.36  ? 125  ILE A CA  1 
ATOM   906  C C   . ILE A 1 125 ? -5.630  5.743   -5.365  1.00 7.92  ? 125  ILE A C   1 
ATOM   907  O O   . ILE A 1 125 ? -5.437  5.016   -4.393  1.00 8.34  ? 125  ILE A O   1 
ATOM   908  C CB  . ILE A 1 125 ? -4.258  4.652   -7.128  1.00 7.43  ? 125  ILE A CB  1 
ATOM   909  C CG1 . ILE A 1 125 ? -3.123  4.829   -8.137  1.00 8.46  ? 125  ILE A CG1 1 
ATOM   910  C CG2 . ILE A 1 125 ? -5.496  4.139   -7.790  1.00 10.28 ? 125  ILE A CG2 1 
ATOM   911  C CD1 . ILE A 1 125 ? -2.632  3.533   -8.699  1.00 10.62 ? 125  ILE A CD1 1 
ATOM   912  N N   . VAL A 1 126 ? -6.771  6.365   -5.572  1.00 7.52  ? 126  VAL A N   1 
ATOM   913  C CA  . VAL A 1 126 ? -7.926  6.114   -4.680  1.00 7.46  ? 126  VAL A CA  1 
ATOM   914  C C   . VAL A 1 126 ? -9.218  5.856   -5.480  1.00 7.87  ? 126  VAL A C   1 
ATOM   915  O O   . VAL A 1 126 ? -9.421  6.413   -6.568  1.00 8.45  ? 126  VAL A O   1 
ATOM   916  C CB  . VAL A 1 126 ? -8.156  7.291   -3.669  1.00 7.38  ? 126  VAL A CB  1 
ATOM   917  C CG1 . VAL A 1 126 ? -6.867  7.745   -3.028  1.00 9.95  ? 126  VAL A CG1 1 
ATOM   918  C CG2 . VAL A 1 126 ? -8.882  8.489   -4.273  1.00 8.33  ? 126  VAL A CG2 1 
ATOM   919  N N   . GLY A 1 127 ? -10.145 5.087   -4.878  1.00 7.01  ? 127  GLY A N   1 
ATOM   920  C CA  . GLY A 1 127 ? -11.476 4.930   -5.398  1.00 7.85  ? 127  GLY A CA  1 
ATOM   921  C C   . GLY A 1 127 ? -11.629 3.951   -6.532  1.00 7.95  ? 127  GLY A C   1 
ATOM   922  O O   . GLY A 1 127 ? -12.762 3.785   -7.054  1.00 9.06  ? 127  GLY A O   1 
ATOM   923  N N   . LEU A 1 128 ? -10.536 3.277   -6.946  1.00 7.44  ? 128  LEU A N   1 
ATOM   924  C CA  . LEU A 1 128 ? -10.617 2.321   -8.034  1.00 8.14  ? 128  LEU A CA  1 
ATOM   925  C C   . LEU A 1 128 ? -10.757 0.843   -7.526  1.00 8.50  ? 128  LEU A C   1 
ATOM   926  O O   . LEU A 1 128 ? -10.442 -0.116  -8.234  1.00 10.41 ? 128  LEU A O   1 
ATOM   927  C CB  . LEU A 1 128 ? -9.475  2.518   -9.017  1.00 8.07  ? 128  LEU A CB  1 
ATOM   928  C CG  . LEU A 1 128 ? -9.334  3.937   -9.606  1.00 10.44 ? 128  LEU A CG  1 
ATOM   929  C CD1 . LEU A 1 128 ? -8.211  3.995   -10.598 1.00 10.35 ? 128  LEU A CD1 1 
ATOM   930  C CD2 . LEU A 1 128 ? -10.636 4.438   -10.199 1.00 9.71  ? 128  LEU A CD2 1 
ATOM   931  N N   . GLY A 1 129 ? -11.194 0.663   -6.296  1.00 8.24  ? 129  GLY A N   1 
ATOM   932  C CA  . GLY A 1 129 ? -11.304 -0.669  -5.733  1.00 8.96  ? 129  GLY A CA  1 
ATOM   933  C C   . GLY A 1 129 ? -9.988  -1.371  -5.583  1.00 9.65  ? 129  GLY A C   1 
ATOM   934  O O   . GLY A 1 129 ? -8.919  -0.798  -5.523  1.00 10.13 ? 129  GLY A O   1 
ATOM   935  N N   . ILE A 1 130 ? -10.118 -2.676  -5.481  1.00 10.13 ? 130  ILE A N   1 
ATOM   936  C CA  . ILE A 1 130 ? -8.953  -3.501  -5.385  1.00 11.71 ? 130  ILE A CA  1 
ATOM   937  C C   . ILE A 1 130 ? -8.094  -3.411  -6.650  1.00 10.72 ? 130  ILE A C   1 
ATOM   938  O O   . ILE A 1 130 ? -6.855  -3.589  -6.579  1.00 9.26  ? 130  ILE A O   1 
ATOM   939  C CB  . ILE A 1 130 ? -9.378  -4.926  -4.910  1.00 13.78 ? 130  ILE A CB  1 
ATOM   940  C CG1 A ILE A 1 130 ? -9.216  -4.936  -3.369  0.50 16.33 ? 130  ILE A CG1 1 
ATOM   941  C CG1 B ILE A 1 130 ? -9.761  -5.833  -6.089  0.50 14.09 ? 130  ILE A CG1 1 
ATOM   942  C CG2 A ILE A 1 130 ? -8.578  -6.060  -5.565  0.50 15.87 ? 130  ILE A CG2 1 
ATOM   943  C CG2 B ILE A 1 130 ? -9.928  -5.070  -3.471  0.50 12.10 ? 130  ILE A CG2 1 
ATOM   944  C CD1 A ILE A 1 130 ? -10.134 -5.797  -2.619  0.50 19.14 ? 130  ILE A CD1 1 
ATOM   945  C CD1 B ILE A 1 130 ? -10.510 -7.139  -5.714  0.50 18.38 ? 130  ILE A CD1 1 
ATOM   946  N N   . GLN A 1 131 ? -8.682  -3.060  -7.793  1.00 10.58 ? 131  GLN A N   1 
ATOM   947  C CA  . GLN A 1 131 ? -7.840  -2.843  -8.991  1.00 11.46 ? 131  GLN A CA  1 
ATOM   948  C C   . GLN A 1 131 ? -6.775  -1.802  -8.814  1.00 11.12 ? 131  GLN A C   1 
ATOM   949  O O   . GLN A 1 131 ? -5.773  -1.859  -9.457  1.00 10.97 ? 131  GLN A O   1 
ATOM   950  C CB  . GLN A 1 131 ? -8.685  -2.590  -10.286 1.00 12.01 ? 131  GLN A CB  1 
ATOM   951  C CG  . GLN A 1 131 ? -7.942  -2.961  -11.550 1.00 13.03 ? 131  GLN A CG  1 
ATOM   952  C CD  . GLN A 1 131 ? -8.611  -2.590  -12.807 1.00 16.45 ? 131  GLN A CD  1 
ATOM   953  O OE1 . GLN A 1 131 ? -7.965  -2.592  -13.874 1.00 17.89 ? 131  GLN A OE1 1 
ATOM   954  N NE2 . GLN A 1 131 ? -9.888  -2.302  -12.748 1.00 15.46 ? 131  GLN A NE2 1 
ATOM   955  N N   . GLY A 1 132 ? -6.980  -0.841  -7.931  1.00 10.57 ? 132  GLY A N   1 
ATOM   956  C CA  . GLY A 1 132 ? -5.934  0.114   -7.566  1.00 9.92  ? 132  GLY A CA  1 
ATOM   957  C C   . GLY A 1 132 ? -4.566  -0.489  -7.251  1.00 9.70  ? 132  GLY A C   1 
ATOM   958  O O   . GLY A 1 132 ? -3.554  0.061   -7.687  1.00 9.31  ? 132  GLY A O   1 
ATOM   959  N N   . TYR A 1 133 ? -4.525  -1.620  -6.553  1.00 9.20  ? 133  TYR A N   1 
ATOM   960  C CA  . TYR A 1 133 ? -3.304  -2.261  -6.279  1.00 8.39  ? 133  TYR A CA  1 
ATOM   961  C C   . TYR A 1 133 ? -2.622  -2.780  -7.540  1.00 8.66  ? 133  TYR A C   1 
ATOM   962  O O   . TYR A 1 133 ? -1.412  -2.701  -7.678  1.00 9.02  ? 133  TYR A O   1 
ATOM   963  C CB  . TYR A 1 133 ? -3.559  -3.504  -5.455  1.00 7.95  ? 133  TYR A CB  1 
ATOM   964  C CG  . TYR A 1 133 ? -3.912  -3.216  -4.121  1.00 11.18 ? 133  TYR A CG  1 
ATOM   965  C CD1 . TYR A 1 133 ? -3.350  -2.931  -3.062  1.00 9.31  ? 133  TYR A CD1 1 
ATOM   966  C CD2 . TYR A 1 133 ? -4.923  -3.107  -3.463  1.00 8.86  ? 133  TYR A CD2 1 
ATOM   967  C CE1 . TYR A 1 133 ? -5.235  -2.817  -2.074  1.00 11.08 ? 133  TYR A CE1 1 
ATOM   968  C CE2 . TYR A 1 133 ? -3.869  -2.713  -1.698  1.00 10.78 ? 133  TYR A CE2 1 
ATOM   969  C CZ  . TYR A 1 133 ? -4.824  -2.635  -1.008  1.00 10.35 ? 133  TYR A CZ  1 
ATOM   970  O OH  . TYR A 1 133 ? -5.197  -2.434  0.139   1.00 8.67  ? 133  TYR A OH  1 
ATOM   971  N N   . LEU A 1 134 ? -3.440  -3.402  -8.393  1.00 9.45  ? 134  LEU A N   1 
ATOM   972  C CA  . LEU A 1 134 ? -2.958  -3.972  -9.670  1.00 9.25  ? 134  LEU A CA  1 
ATOM   973  C C   . LEU A 1 134 ? -2.408  -2.862  -10.604 1.00 10.13 ? 134  LEU A C   1 
ATOM   974  O O   . LEU A 1 134 ? -1.421  -3.046  -11.326 1.00 9.96  ? 134  LEU A O   1 
ATOM   975  C CB  . LEU A 1 134 ? -4.074  -4.759  -10.354 1.00 11.00 ? 134  LEU A CB  1 
ATOM   976  C CG  . LEU A 1 134 ? -4.851  -5.825  -9.588  1.00 15.63 ? 134  LEU A CG  1 
ATOM   977  C CD1 . LEU A 1 134 ? -5.596  -6.772  -10.481 1.00 16.44 ? 134  LEU A CD1 1 
ATOM   978  C CD2 . LEU A 1 134 ? -3.973  -6.560  -8.672  1.00 15.36 ? 134  LEU A CD2 1 
ATOM   979  N N   . LEU A 1 135 ? -3.066  -1.708  -10.602 1.00 8.73  ? 135  LEU A N   1 
ATOM   980  C CA  . LEU A 1 135 ? -2.603  -0.566  -11.394 1.00 9.11  ? 135  LEU A CA  1 
ATOM   981  C C   . LEU A 1 135 ? -1.280  0.006   -10.843 1.00 8.03  ? 135  LEU A C   1 
ATOM   982  O O   . LEU A 1 135 ? -0.374  0.369   -11.621 1.00 10.75 ? 135  LEU A O   1 
ATOM   983  C CB  . LEU A 1 135 ? -3.707  0.504   -11.411 1.00 8.30  ? 135  LEU A CB  1 
ATOM   984  C CG  . LEU A 1 135 ? -5.000  0.014   -12.071 1.00 11.48 ? 135  LEU A CG  1 
ATOM   985  C CD1 . LEU A 1 135 ? -6.030  1.066   -11.939 1.00 12.55 ? 135  LEU A CD1 1 
ATOM   986  C CD2 . LEU A 1 135 ? -4.786  -0.287  -13.528 1.00 10.86 ? 135  LEU A CD2 1 
ATOM   987  N N   . ALA A 1 136 ? -1.112  0.005   -9.513  1.00 9.36  ? 136  ALA A N   1 
ATOM   988  C CA  . ALA A 1 136 ? 0.109   0.443   -8.852  1.00 9.51  ? 136  ALA A CA  1 
ATOM   989  C C   . ALA A 1 136 ? 1.240   -0.508  -9.256  1.00 8.97  ? 136  ALA A C   1 
ATOM   990  O O   . ALA A 1 136 ? 2.353   -0.074  -9.621  1.00 8.89  ? 136  ALA A O   1 
ATOM   991  C CB  . ALA A 1 136 ? -0.015  0.470   -7.308  1.00 9.76  ? 136  ALA A CB  1 
ATOM   992  N N   . LEU A 1 137 ? 0.947   -1.808  -9.275  1.00 10.40 ? 137  LEU A N   1 
ATOM   993  C CA  . LEU A 1 137 ? 1.955   -2.762  -9.705  1.00 11.39 ? 137  LEU A CA  1 
ATOM   994  C C   . LEU A 1 137 ? 2.404   -2.516  -11.140 1.00 12.23 ? 137  LEU A C   1 
ATOM   995  O O   . LEU A 1 137 ? 3.619   -2.607  -11.444 1.00 12.14 ? 137  LEU A O   1 
ATOM   996  C CB  . LEU A 1 137 ? 1.412   -4.160  -9.692  1.00 13.38 ? 137  LEU A CB  1 
ATOM   997  C CG  . LEU A 1 137 ? 1.405   -4.916  -8.384  1.00 17.63 ? 137  LEU A CG  1 
ATOM   998  C CD1 . LEU A 1 137 ? 0.667   -6.277  -8.573  1.00 19.18 ? 137  LEU A CD1 1 
ATOM   999  C CD2 . LEU A 1 137 ? 2.844   -5.099  -7.780  1.00 15.68 ? 137  LEU A CD2 1 
ATOM   1000 N N   . ARG A 1 138 ? 1.461   -2.176  -12.014 1.00 11.25 ? 138  ARG A N   1 
ATOM   1001 C CA  . ARG A 1 138 ? 1.774   -1.959  -13.423 1.00 10.87 ? 138  ARG A CA  1 
ATOM   1002 C C   . ARG A 1 138 ? 2.605   -0.701  -13.631 1.00 11.52 ? 138  ARG A C   1 
ATOM   1003 O O   . ARG A 1 138 ? 3.525   -0.674  -14.485 1.00 12.53 ? 138  ARG A O   1 
ATOM   1004 C CB  . ARG A 1 138 ? 0.483   -1.970  -14.251 1.00 11.01 ? 138  ARG A CB  1 
ATOM   1005 C CG  . ARG A 1 138 ? 0.701   -1.890  -15.671 1.00 11.82 ? 138  ARG A CG  1 
ATOM   1006 C CD  . ARG A 1 138 ? -0.542  -2.099  -16.494 1.00 11.58 ? 138  ARG A CD  1 
ATOM   1007 N NE  . ARG A 1 138 ? -1.074  -3.438  -16.355 1.00 13.88 ? 138  ARG A NE  1 
ATOM   1008 C CZ  . ARG A 1 138 ? -0.852  -4.467  -17.175 1.00 14.98 ? 138  ARG A CZ  1 
ATOM   1009 N NH1 . ARG A 1 138 ? -0.070  -4.348  -18.225 1.00 18.42 ? 138  ARG A NH1 1 
ATOM   1010 N NH2 . ARG A 1 138 ? -1.376  -5.652  -16.878 1.00 17.74 ? 138  ARG A NH2 1 
ATOM   1011 N N   . TYR A 1 139 ? 2.345   0.326   -12.816 1.00 9.87  ? 139  TYR A N   1 
ATOM   1012 C CA  . TYR A 1 139 ? 3.234   1.505   -12.785 1.00 10.49 ? 139  TYR A CA  1 
ATOM   1013 C C   . TYR A 1 139 ? 4.679   1.109   -12.473 1.00 10.33 ? 139  TYR A C   1 
ATOM   1014 O O   . TYR A 1 139 ? 5.633   1.487   -13.157 1.00 10.32 ? 139  TYR A O   1 
ATOM   1015 C CB  . TYR A 1 139 ? 2.745   2.578   -11.799 1.00 8.95  ? 139  TYR A CB  1 
ATOM   1016 C CG  . TYR A 1 139 ? 3.733   3.713   -11.657 1.00 9.70  ? 139  TYR A CG  1 
ATOM   1017 C CD1 . TYR A 1 139 ? 3.728   4.779   -12.536 1.00 11.30 ? 139  TYR A CD1 1 
ATOM   1018 C CD2 . TYR A 1 139 ? 4.653   3.726   -10.621 1.00 11.12 ? 139  TYR A CD2 1 
ATOM   1019 C CE1 . TYR A 1 139 ? 4.615   5.823   -12.395 1.00 9.71  ? 139  TYR A CE1 1 
ATOM   1020 C CE2 . TYR A 1 139 ? 5.591   4.742   -10.505 1.00 11.29 ? 139  TYR A CE2 1 
ATOM   1021 C CZ  . TYR A 1 139 ? 5.534   5.812   -11.394 1.00 13.05 ? 139  TYR A CZ  1 
ATOM   1022 O OH  . TYR A 1 139 ? 6.490   6.774   -11.313 1.00 11.41 ? 139  TYR A OH  1 
ATOM   1023 N N   . LEU A 1 140 ? 4.832   0.340   -11.406 1.00 10.99 ? 140  LEU A N   1 
ATOM   1024 C CA  . LEU A 1 140 ? 6.185   -0.011  -10.958 1.00 12.38 ? 140  LEU A CA  1 
ATOM   1025 C C   . LEU A 1 140 ? 6.885   -0.879  -12.002 1.00 14.00 ? 140  LEU A C   1 
ATOM   1026 O O   . LEU A 1 140 ? 8.117   -0.796  -12.182 1.00 16.49 ? 140  LEU A O   1 
ATOM   1027 C CB  . LEU A 1 140 ? 6.137   -0.734  -9.634  1.00 10.92 ? 140  LEU A CB  1 
ATOM   1028 C CG  . LEU A 1 140 ? 5.708   0.188   -8.511  1.00 10.95 ? 140  LEU A CG  1 
ATOM   1029 C CD1 . LEU A 1 140 ? 5.466   -0.644  -7.211  1.00 15.73 ? 140  LEU A CD1 1 
ATOM   1030 C CD2 . LEU A 1 140 ? 6.727   1.280   -8.211  1.00 11.17 ? 140  LEU A CD2 1 
ATOM   1031 N N   . ALA A 1 141 ? 6.136   -1.730  -12.679 1.00 16.34 ? 141  ALA A N   1 
ATOM   1032 C CA  . ALA A 1 141 ? 6.730   -2.623  -13.701 1.00 18.64 ? 141  ALA A CA  1 
ATOM   1033 C C   . ALA A 1 141 ? 7.224   -1.851  -14.910 1.00 23.10 ? 141  ALA A C   1 
ATOM   1034 O O   . ALA A 1 141 ? 8.271   -2.173  -15.478 1.00 23.42 ? 141  ALA A O   1 
ATOM   1035 C CB  . ALA A 1 141 ? 5.701   -3.671  -14.157 1.00 17.76 ? 141  ALA A CB  1 
ATOM   1036 N N   . GLU A 1 142 ? 6.464   -0.853  -15.324 1.00 27.37 ? 142  GLU A N   1 
ATOM   1037 C CA  . GLU A 1 142 ? 6.797   -0.005  -16.459 1.00 32.28 ? 142  GLU A CA  1 
ATOM   1038 C C   . GLU A 1 142 ? 7.798   1.095   -16.121 1.00 35.28 ? 142  GLU A C   1 
ATOM   1039 O O   . GLU A 1 142 ? 8.304   1.729   -17.034 1.00 37.35 ? 142  GLU A O   1 
ATOM   1040 C CB  . GLU A 1 142 ? 5.526   0.606   -17.067 1.00 32.94 ? 142  GLU A CB  1 
ATOM   1041 C CG  . GLU A 1 142 ? 4.595   -0.386  -17.726 1.00 37.14 ? 142  GLU A CG  1 
ATOM   1042 C CD  . GLU A 1 142 ? 5.285   -1.175  -18.807 1.00 45.83 ? 142  GLU A CD  1 
ATOM   1043 O OE1 . GLU A 1 142 ? 6.115   -0.590  -19.573 1.00 51.09 ? 142  GLU A OE1 1 
ATOM   1044 O OE2 . GLU A 1 142 ? 5.012   -2.396  -18.877 1.00 52.74 ? 142  GLU A OE2 1 
ATOM   1045 N N   . HIS A 1 143 ? 8.112   1.257   -14.837 1.00 38.63 ? 143  HIS A N   1 
ATOM   1046 C CA  . HIS A 1 143 ? 9.131   2.157   -14.297 1.00 41.11 ? 143  HIS A CA  1 
ATOM   1047 C C   . HIS A 1 143 ? 10.379  1.432   -13.680 1.00 44.91 ? 143  HIS A C   1 
ATOM   1048 O O   . HIS A 1 143 ? 11.200  2.081   -13.031 1.00 45.79 ? 143  HIS A O   1 
ATOM   1049 C CB  . HIS A 1 143 ? 8.475   3.101   -13.240 1.00 40.53 ? 143  HIS A CB  1 
ATOM   1050 C CG  . HIS A 1 143 ? 7.766   4.255   -13.867 1.00 34.78 ? 143  HIS A CG  1 
ATOM   1051 N ND1 . HIS A 1 143 ? 6.599   4.102   -14.582 1.00 32.14 ? 143  HIS A ND1 1 
ATOM   1052 C CD2 . HIS A 1 143 ? 8.129   5.557   -13.998 1.00 31.57 ? 143  HIS A CD2 1 
ATOM   1053 C CE1 . HIS A 1 143 ? 6.258   5.275   -15.108 1.00 31.81 ? 143  HIS A CE1 1 
ATOM   1054 N NE2 . HIS A 1 143 ? 7.178   6.166   -14.771 1.00 29.78 ? 143  HIS A NE2 1 
ATOM   1055 N N   . VAL A 1 144 ? 10.492  0.109   -13.896 1.00 48.11 ? 144  VAL A N   1 
ATOM   1056 C CA  . VAL A 1 144 ? 11.613  -0.780  -13.466 1.00 50.02 ? 144  VAL A CA  1 
ATOM   1057 C C   . VAL A 1 144 ? 12.634  -0.324  -12.372 1.00 50.73 ? 144  VAL A C   1 
ATOM   1058 O O   . VAL A 1 144 ? 13.271  0.752   -12.432 1.00 52.19 ? 144  VAL A O   1 
ATOM   1059 C CB  . VAL A 1 144 ? 12.370  -1.325  -14.724 1.00 50.98 ? 144  VAL A CB  1 
ATOM   1060 C CG1 . VAL A 1 144 ? 13.041  -0.175  -15.509 1.00 51.67 ? 144  VAL A CG1 1 
ATOM   1061 C CG2 . VAL A 1 144 ? 13.386  -2.458  -14.340 1.00 51.84 ? 144  VAL A CG2 1 
HETATM 1062 O O2  . FA6 B 2 .   ? -8.569  1.533   1.360   1.00 11.80 ? 200  FA6 A O2  1 
HETATM 1063 C C7  . FA6 B 2 .   ? -9.347  2.347   1.930   1.00 11.41 ? 200  FA6 A C7  1 
HETATM 1064 O O1  . FA6 B 2 .   ? -10.403 2.769   1.378   1.00 11.48 ? 200  FA6 A O1  1 
HETATM 1065 C C1  . FA6 B 2 .   ? -8.986  2.872   3.289   1.00 10.96 ? 200  FA6 A C1  1 
HETATM 1066 O O3  . FA6 B 2 .   ? -7.570  2.909   3.513   1.00 12.20 ? 200  FA6 A O3  1 
HETATM 1067 C C2  . FA6 B 2 .   ? -9.508  1.882   4.319   1.00 9.68  ? 200  FA6 A C2  1 
HETATM 1068 C C3  . FA6 B 2 .   ? -9.357  2.453   5.721   1.00 10.61 ? 200  FA6 A C3  1 
HETATM 1069 N N1  . FA6 B 2 .   ? -9.056  1.595   6.699   1.00 12.11 ? 200  FA6 A N1  1 
HETATM 1070 O O6  . FA6 B 2 .   ? -8.835  0.226   6.375   1.00 15.18 ? 200  FA6 A O6  1 
HETATM 1071 C C4  . FA6 B 2 .   ? -9.585  3.804   6.045   1.00 11.13 ? 200  FA6 A C4  1 
HETATM 1072 O O4  . FA6 B 2 .   ? -9.378  4.239   7.348   1.00 9.69  ? 200  FA6 A O4  1 
HETATM 1073 C C5  . FA6 B 2 .   ? -9.516  4.736   5.035   1.00 12.28 ? 200  FA6 A C5  1 
HETATM 1074 O O5  . FA6 B 2 .   ? -9.758  6.077   5.252   1.00 9.78  ? 200  FA6 A O5  1 
HETATM 1075 C C6  . FA6 B 2 .   ? -9.624  4.208   3.624   1.00 11.43 ? 200  FA6 A C6  1 
HETATM 1076 S S   . SO4 C 3 .   ? 1.711   -3.146  19.563  0.33 15.48 ? 201  SO4 A S   1 
HETATM 1077 O O1  . SO4 C 3 .   ? 2.669   -4.147  20.093  0.33 14.80 ? 201  SO4 A O1  1 
HETATM 1078 O O2  . SO4 C 3 .   ? 0.980   -3.808  18.461  0.33 12.73 ? 201  SO4 A O2  1 
HETATM 1079 O O3  . SO4 C 3 .   ? 2.506   -1.968  19.217  0.33 13.95 ? 201  SO4 A O3  1 
HETATM 1080 O O4  . SO4 C 3 .   ? 0.744   -2.774  20.602  0.33 13.37 ? 201  SO4 A O4  1 
HETATM 1081 S S   . SO4 D 3 .   ? 3.014   18.281  4.838   1.00 24.87 ? 202  SO4 A S   1 
HETATM 1082 O O1  . SO4 D 3 .   ? 3.494   19.074  6.028   1.00 26.87 ? 202  SO4 A O1  1 
HETATM 1083 O O2  . SO4 D 3 .   ? 2.209   19.146  3.948   1.00 24.95 ? 202  SO4 A O2  1 
HETATM 1084 O O3  . SO4 D 3 .   ? 2.155   17.122  5.241   1.00 20.53 ? 202  SO4 A O3  1 
HETATM 1085 O O4  . SO4 D 3 .   ? 4.242   18.047  4.024   1.00 23.20 ? 202  SO4 A O4  1 
HETATM 1086 S S   . SO4 E 3 .   ? 8.417   -10.618 8.728   1.00 55.73 ? 203  SO4 A S   1 
HETATM 1087 O O1  . SO4 E 3 .   ? 9.277   -9.490  9.129   1.00 48.52 ? 203  SO4 A O1  1 
HETATM 1088 O O2  . SO4 E 3 .   ? 6.979   -10.385 9.044   1.00 49.88 ? 203  SO4 A O2  1 
HETATM 1089 O O3  . SO4 E 3 .   ? 8.490   -10.928 7.290   1.00 52.12 ? 203  SO4 A O3  1 
HETATM 1090 O O4  . SO4 E 3 .   ? 8.924   -11.833 9.414   1.00 53.25 ? 203  SO4 A O4  1 
HETATM 1091 C C1  . GOL F 4 .   ? -13.528 -4.138  -6.351  1.00 39.27 ? 204  GOL A C1  1 
HETATM 1092 O O1  . GOL F 4 .   ? -12.746 -3.505  -5.373  1.00 32.98 ? 204  GOL A O1  1 
HETATM 1093 C C2  . GOL F 4 .   ? -12.665 -4.461  -7.553  1.00 38.44 ? 204  GOL A C2  1 
HETATM 1094 O O2  . GOL F 4 .   ? -13.011 -5.714  -8.114  1.00 43.94 ? 204  GOL A O2  1 
HETATM 1095 C C3  . GOL F 4 .   ? -12.691 -3.415  -8.610  1.00 39.33 ? 204  GOL A C3  1 
HETATM 1096 O O3  . GOL F 4 .   ? -11.397 -2.884  -8.627  1.00 29.60 ? 204  GOL A O3  1 
HETATM 1097 C C1  . GOL G 4 .   ? -3.683  14.367  7.757   1.00 46.22 ? 205  GOL A C1  1 
HETATM 1098 O O1  . GOL G 4 .   ? -4.555  14.368  8.891   1.00 43.37 ? 205  GOL A O1  1 
HETATM 1099 C C2  . GOL G 4 .   ? -3.081  15.719  7.378   1.00 47.01 ? 205  GOL A C2  1 
HETATM 1100 O O2  . GOL G 4 .   ? -1.823  15.860  7.965   1.00 47.57 ? 205  GOL A O2  1 
HETATM 1101 C C3  . GOL G 4 .   ? -2.759  15.881  5.908   1.00 49.93 ? 205  GOL A C3  1 
HETATM 1102 O O3  . GOL G 4 .   ? -2.078  17.103  5.736   1.00 52.67 ? 205  GOL A O3  1 
HETATM 1103 C C1  . GOL H 4 .   ? 5.658   -14.386 -1.372  1.00 50.01 ? 206  GOL A C1  1 
HETATM 1104 O O1  . GOL H 4 .   ? 5.400   -13.508 -2.469  1.00 48.22 ? 206  GOL A O1  1 
HETATM 1105 C C2  . GOL H 4 .   ? 6.639   -13.812 -0.321  1.00 49.79 ? 206  GOL A C2  1 
HETATM 1106 O O2  . GOL H 4 .   ? 8.003   -14.129 -0.531  1.00 49.22 ? 206  GOL A O2  1 
HETATM 1107 C C3  . GOL H 4 .   ? 6.268   -14.313 1.065   1.00 49.99 ? 206  GOL A C3  1 
HETATM 1108 O O3  . GOL H 4 .   ? 5.018   -13.727 1.355   1.00 50.26 ? 206  GOL A O3  1 
HETATM 1109 O O   . HOH I 5 .   ? 14.383  -2.523  -6.111  1.00 38.26 ? 2001 HOH A O   1 
HETATM 1110 O O   . HOH I 5 .   ? 10.749  -3.924  -8.167  1.00 33.91 ? 2002 HOH A O   1 
HETATM 1111 O O   . HOH I 5 .   ? 10.389  -7.894  0.858   1.00 22.22 ? 2003 HOH A O   1 
HETATM 1112 O O   . HOH I 5 .   ? -8.389  -8.634  10.884  1.00 21.34 ? 2004 HOH A O   1 
HETATM 1113 O O   . HOH I 5 .   ? 10.002  -11.070 -17.383 1.00 52.74 ? 2005 HOH A O   1 
HETATM 1114 O O   . HOH I 5 .   ? -10.529 -15.159 4.250   1.00 33.25 ? 2006 HOH A O   1 
HETATM 1115 O O   . HOH I 5 .   ? -14.868 1.348   2.403   1.00 39.51 ? 2007 HOH A O   1 
HETATM 1116 O O   . HOH I 5 .   ? -4.353  -10.991 16.348  1.00 53.03 ? 2008 HOH A O   1 
HETATM 1117 O O   . HOH I 5 .   ? -14.080 -2.965  -0.550  1.00 44.43 ? 2009 HOH A O   1 
HETATM 1118 O O   . HOH I 5 .   ? -1.526  -13.562 3.387   1.00 38.22 ? 2010 HOH A O   1 
HETATM 1119 O O   . HOH I 5 .   ? 20.857  0.907   -3.144  1.00 51.85 ? 2011 HOH A O   1 
HETATM 1120 O O   . HOH I 5 .   ? -7.524  -11.883 6.680   1.00 48.07 ? 2012 HOH A O   1 
HETATM 1121 O O   . HOH I 5 .   ? -10.506 -10.444 12.134  1.00 29.28 ? 2013 HOH A O   1 
HETATM 1122 O O   . HOH I 5 .   ? -10.471 -10.609 4.813   1.00 21.25 ? 2014 HOH A O   1 
HETATM 1123 O O   . HOH I 5 .   ? 6.452   -16.692 -12.929 1.00 51.30 ? 2015 HOH A O   1 
HETATM 1124 O O   . HOH I 5 .   ? 8.176   -13.069 -16.528 1.00 56.96 ? 2016 HOH A O   1 
HETATM 1125 O O   . HOH I 5 .   ? -16.196 -14.161 2.725   1.00 46.77 ? 2017 HOH A O   1 
HETATM 1126 O O   . HOH I 5 .   ? -15.203 -5.558  2.401   1.00 27.29 ? 2018 HOH A O   1 
HETATM 1127 O O   . HOH I 5 .   ? -19.901 -3.951  8.192   1.00 45.02 ? 2019 HOH A O   1 
HETATM 1128 O O   . HOH I 5 .   ? -12.713 -13.641 5.093   1.00 48.88 ? 2020 HOH A O   1 
HETATM 1129 O O   . HOH I 5 .   ? -10.009 -14.311 7.607   1.00 61.99 ? 2021 HOH A O   1 
HETATM 1130 O O   . HOH I 5 .   ? 10.796  -11.604 -1.263  0.50 18.37 ? 2022 HOH A O   1 
HETATM 1131 O O   . HOH I 5 .   ? -15.356 -0.876  4.720   1.00 33.69 ? 2023 HOH A O   1 
HETATM 1132 O O   . HOH I 5 .   ? -12.964 0.026   2.009   1.00 35.15 ? 2024 HOH A O   1 
HETATM 1133 O O   . HOH I 5 .   ? 1.584   -10.938 9.498   1.00 47.69 ? 2025 HOH A O   1 
HETATM 1134 O O   . HOH I 5 .   ? -2.388  -11.047 10.122  1.00 43.52 ? 2026 HOH A O   1 
HETATM 1135 O O   . HOH I 5 .   ? 2.169   -11.775 7.010   1.00 63.06 ? 2027 HOH A O   1 
HETATM 1136 O O   . HOH I 5 .   ? -3.618  -7.697  15.764  1.00 31.06 ? 2028 HOH A O   1 
HETATM 1137 O O   . HOH I 5 .   ? -2.083  -11.670 14.041  1.00 38.56 ? 2029 HOH A O   1 
HETATM 1138 O O   . HOH I 5 .   ? 6.654   -5.392  15.204  1.00 36.47 ? 2030 HOH A O   1 
HETATM 1139 O O   . HOH I 5 .   ? -13.627 -6.286  -0.613  1.00 36.14 ? 2031 HOH A O   1 
HETATM 1140 O O   . HOH I 5 .   ? -11.536 -15.910 0.311   1.00 28.43 ? 2032 HOH A O   1 
HETATM 1141 O O   . HOH I 5 .   ? 14.380  -8.070  9.352   1.00 51.66 ? 2033 HOH A O   1 
HETATM 1142 O O   . HOH I 5 .   ? 16.026  -6.114  7.097   1.00 34.56 ? 2034 HOH A O   1 
HETATM 1143 O O   . HOH I 5 .   ? 17.923  -5.956  2.888   1.00 40.14 ? 2035 HOH A O   1 
HETATM 1144 O O   . HOH I 5 .   ? -7.414  -18.564 1.956   0.50 26.56 ? 2036 HOH A O   1 
HETATM 1145 O O   . HOH I 5 .   ? -8.904  -13.139 4.207   1.00 19.10 ? 2037 HOH A O   1 
HETATM 1146 O O   . HOH I 5 .   ? -6.163  -17.602 5.809   1.00 55.24 ? 2038 HOH A O   1 
HETATM 1147 O O   . HOH I 5 .   ? -9.373  -17.403 3.354   1.00 26.95 ? 2039 HOH A O   1 
HETATM 1148 O O   . HOH I 5 .   ? -2.727  -15.093 1.846   1.00 29.91 ? 2040 HOH A O   1 
HETATM 1149 O O   . HOH I 5 .   ? -4.348  -12.557 4.048   1.00 21.67 ? 2041 HOH A O   1 
HETATM 1150 O O   . HOH I 5 .   ? -5.746  -18.664 1.421   0.50 16.01 ? 2042 HOH A O   1 
HETATM 1151 O O   . HOH I 5 .   ? 20.270  -4.745  6.057   0.70 35.57 ? 2043 HOH A O   1 
HETATM 1152 O O   . HOH I 5 .   ? 18.821  1.787   -4.348  0.50 36.10 ? 2044 HOH A O   1 
HETATM 1153 O O   . HOH I 5 .   ? 13.773  2.286   -7.705  1.00 48.13 ? 2045 HOH A O   1 
HETATM 1154 O O   . HOH I 5 .   ? -11.416 -12.577 -6.966  1.00 49.18 ? 2046 HOH A O   1 
HETATM 1155 O O   . HOH I 5 .   ? -2.765  -16.231 -7.516  1.00 29.86 ? 2047 HOH A O   1 
HETATM 1156 O O   . HOH I 5 .   ? -4.830  -10.888 -10.924 1.00 23.47 ? 2048 HOH A O   1 
HETATM 1157 O O   . HOH I 5 .   ? -2.729  9.133   16.330  0.33 15.06 ? 2049 HOH A O   1 
HETATM 1158 O O   . HOH I 5 .   ? -0.203  -17.064 -5.633  1.00 36.40 ? 2050 HOH A O   1 
HETATM 1159 O O   . HOH I 5 .   ? 3.298   -14.483 -8.333  1.00 30.52 ? 2051 HOH A O   1 
HETATM 1160 O O   . HOH I 5 .   ? -7.038  -9.820  -11.767 1.00 27.54 ? 2052 HOH A O   1 
HETATM 1161 O O   . HOH I 5 .   ? -0.179  -14.762 -14.003 0.50 25.53 ? 2053 HOH A O   1 
HETATM 1162 O O   . HOH I 5 .   ? -2.586  -3.745  -13.827 1.00 18.14 ? 2054 HOH A O   1 
HETATM 1163 O O   . HOH I 5 .   ? 7.086   -13.668 -13.800 1.00 36.91 ? 2055 HOH A O   1 
HETATM 1164 O O   . HOH I 5 .   ? -0.953  -7.938  -18.523 0.50 23.67 ? 2056 HOH A O   1 
HETATM 1165 O O   . HOH I 5 .   ? -2.021  -13.910 -15.217 0.50 49.32 ? 2057 HOH A O   1 
HETATM 1166 O O   . HOH I 5 .   ? -3.675  -11.103 -13.316 1.00 32.99 ? 2058 HOH A O   1 
HETATM 1167 O O   . HOH I 5 .   ? -15.305 1.138   -1.243  1.00 47.16 ? 2059 HOH A O   1 
HETATM 1168 O O   . HOH I 5 .   ? 6.452   -5.634  -17.314 1.00 35.63 ? 2060 HOH A O   1 
HETATM 1169 O O   . HOH I 5 .   ? -18.930 9.544   3.966   1.00 35.12 ? 2061 HOH A O   1 
HETATM 1170 O O   . HOH I 5 .   ? -17.240 1.434   7.526   1.00 39.83 ? 2062 HOH A O   1 
HETATM 1171 O O   . HOH I 5 .   ? -17.944 4.252   8.654   1.00 21.16 ? 2063 HOH A O   1 
HETATM 1172 O O   . HOH I 5 .   ? -10.116 17.458  8.933   1.00 40.82 ? 2064 HOH A O   1 
HETATM 1173 O O   . HOH I 5 .   ? 5.732   -13.779 -9.189  1.00 31.79 ? 2065 HOH A O   1 
HETATM 1174 O O   . HOH I 5 .   ? 8.026   -13.186 -11.269 1.00 41.76 ? 2066 HOH A O   1 
HETATM 1175 O O   . HOH I 5 .   ? 12.174  -13.578 -2.391  1.00 18.19 ? 2067 HOH A O   1 
HETATM 1176 O O   . HOH I 5 .   ? 4.126   -12.524 -6.635  1.00 18.96 ? 2068 HOH A O   1 
HETATM 1177 O O   . HOH I 5 .   ? -1.109  19.361  13.607  1.00 48.92 ? 2069 HOH A O   1 
HETATM 1178 O O   . HOH I 5 .   ? 1.183   -13.374 2.031   1.00 49.66 ? 2070 HOH A O   1 
HETATM 1179 O O   . HOH I 5 .   ? -0.749  -11.162 3.624   1.00 30.89 ? 2071 HOH A O   1 
HETATM 1180 O O   . HOH I 5 .   ? 2.864   -12.377 -0.535  1.00 30.07 ? 2072 HOH A O   1 
HETATM 1181 O O   . HOH I 5 .   ? 8.849   11.669  -4.086  1.00 43.90 ? 2073 HOH A O   1 
HETATM 1182 O O   . HOH I 5 .   ? 6.076   14.487  -5.912  1.00 36.00 ? 2074 HOH A O   1 
HETATM 1183 O O   . HOH I 5 .   ? 9.286   -4.879  3.591   1.00 24.31 ? 2075 HOH A O   1 
HETATM 1184 O O   . HOH I 5 .   ? 10.270  -9.411  3.185   1.00 51.21 ? 2076 HOH A O   1 
HETATM 1185 O O   . HOH I 5 .   ? 5.548   -6.555  2.127   0.50 18.83 ? 2077 HOH A O   1 
HETATM 1186 O O   . HOH I 5 .   ? 0.058   -10.591 6.464   1.00 27.59 ? 2078 HOH A O   1 
HETATM 1187 O O   . HOH I 5 .   ? -4.350  -10.139 7.751   1.00 27.62 ? 2079 HOH A O   1 
HETATM 1188 O O   . HOH I 5 .   ? -4.615  -8.329  11.271  1.00 30.19 ? 2080 HOH A O   1 
HETATM 1189 O O   . HOH I 5 .   ? -0.321  -9.599  10.838  1.00 40.79 ? 2081 HOH A O   1 
HETATM 1190 O O   . HOH I 5 .   ? 0.387   -8.107  13.068  1.00 24.85 ? 2082 HOH A O   1 
HETATM 1191 O O   . HOH I 5 .   ? -2.747  -7.445  12.922  1.00 20.79 ? 2083 HOH A O   1 
HETATM 1192 O O   . HOH I 5 .   ? -7.753  -6.004  9.993   1.00 12.74 ? 2084 HOH A O   1 
HETATM 1193 O O   . HOH I 5 .   ? -5.976  -6.496  15.660  1.00 16.50 ? 2085 HOH A O   1 
HETATM 1194 O O   . HOH I 5 .   ? 11.145  5.054   -10.608 1.00 40.43 ? 2086 HOH A O   1 
HETATM 1195 O O   . HOH I 5 .   ? 8.229   10.700  -10.251 1.00 39.85 ? 2087 HOH A O   1 
HETATM 1196 O O   . HOH I 5 .   ? 3.926   -5.406  16.439  1.00 29.89 ? 2088 HOH A O   1 
HETATM 1197 O O   . HOH I 5 .   ? 0.093   5.764   17.638  1.00 27.50 ? 2089 HOH A O   1 
HETATM 1198 O O   . HOH I 5 .   ? 0.780   7.329   15.473  1.00 15.37 ? 2090 HOH A O   1 
HETATM 1199 O O   . HOH I 5 .   ? 3.130   2.255   17.910  1.00 19.96 ? 2091 HOH A O   1 
HETATM 1200 O O   . HOH I 5 .   ? -0.268  2.251   18.127  0.33 15.09 ? 2092 HOH A O   1 
HETATM 1201 O O   . HOH I 5 .   ? 3.160   -8.134  14.738  1.00 51.17 ? 2093 HOH A O   1 
HETATM 1202 O O   . HOH I 5 .   ? 8.608   -8.054  11.492  1.00 29.76 ? 2094 HOH A O   1 
HETATM 1203 O O   . HOH I 5 .   ? 11.561  -2.336  13.625  1.00 34.29 ? 2095 HOH A O   1 
HETATM 1204 O O   . HOH I 5 .   ? 13.765  -3.397  10.987  1.00 38.46 ? 2096 HOH A O   1 
HETATM 1205 O O   . HOH I 5 .   ? 12.268  -7.338  11.797  1.00 45.65 ? 2097 HOH A O   1 
HETATM 1206 O O   . HOH I 5 .   ? 15.670  -5.559  4.481   1.00 24.84 ? 2098 HOH A O   1 
HETATM 1207 O O   . HOH I 5 .   ? 13.529  -7.180  3.564   1.00 34.92 ? 2099 HOH A O   1 
HETATM 1208 O O   . HOH I 5 .   ? 19.260  1.055   1.403   1.00 33.87 ? 2100 HOH A O   1 
HETATM 1209 O O   . HOH I 5 .   ? 19.660  1.870   4.907   1.00 51.41 ? 2101 HOH A O   1 
HETATM 1210 O O   . HOH I 5 .   ? 20.116  -4.706  1.306   1.00 41.18 ? 2102 HOH A O   1 
HETATM 1211 O O   . HOH I 5 .   ? 19.318  -4.353  7.847   0.30 20.72 ? 2103 HOH A O   1 
HETATM 1212 O O   . HOH I 5 .   ? 21.074  -3.748  4.117   1.00 48.47 ? 2104 HOH A O   1 
HETATM 1213 O O   . HOH I 5 .   ? 17.447  -4.573  -3.388  1.00 42.61 ? 2105 HOH A O   1 
HETATM 1214 O O   . HOH I 5 .   ? 16.010  0.475   -5.874  1.00 47.74 ? 2106 HOH A O   1 
HETATM 1215 O O   . HOH I 5 .   ? 16.630  -2.591  -5.097  1.00 57.22 ? 2107 HOH A O   1 
HETATM 1216 O O   . HOH I 5 .   ? 13.028  1.800   -0.619  1.00 15.02 ? 2108 HOH A O   1 
HETATM 1217 O O   . HOH I 5 .   ? 11.660  -5.658  2.540   1.00 22.99 ? 2109 HOH A O   1 
HETATM 1218 O O   . HOH I 5 .   ? 10.261  2.052   -1.574  1.00 46.50 ? 2110 HOH A O   1 
HETATM 1219 O O   . HOH I 5 .   ? -1.808  4.500   2.351   1.00 17.36 ? 2111 HOH A O   1 
HETATM 1220 O O   . HOH I 5 .   ? 7.496   -3.695  18.725  1.00 35.43 ? 2112 HOH A O   1 
HETATM 1221 O O   . HOH I 5 .   ? 8.319   21.746  5.247   1.00 49.59 ? 2113 HOH A O   1 
HETATM 1222 O O   . HOH I 5 .   ? 1.679   23.073  6.518   1.00 42.35 ? 2114 HOH A O   1 
HETATM 1223 O O   . HOH I 5 .   ? -4.932  13.424  12.710  1.00 27.16 ? 2115 HOH A O   1 
HETATM 1224 O O   . HOH I 5 .   ? -5.811  5.965   13.307  1.00 11.89 ? 2116 HOH A O   1 
HETATM 1225 O O   . HOH I 5 .   ? -2.486  12.989  13.792  1.00 26.42 ? 2117 HOH A O   1 
HETATM 1226 O O   . HOH I 5 .   ? -1.896  7.120   14.541  1.00 12.53 ? 2118 HOH A O   1 
HETATM 1227 O O   . HOH I 5 .   ? -3.615  11.626  15.685  0.33 41.08 ? 2119 HOH A O   1 
HETATM 1228 O O   . HOH I 5 .   ? 0.650   8.013   7.896   1.00 12.15 ? 2120 HOH A O   1 
HETATM 1229 O O   . HOH I 5 .   ? 8.383   12.961  6.937   1.00 15.73 ? 2121 HOH A O   1 
HETATM 1230 O O   . HOH I 5 .   ? 12.689  9.250   8.801   1.00 52.70 ? 2122 HOH A O   1 
HETATM 1231 O O   . HOH I 5 .   ? 11.658  11.741  1.910   1.00 57.16 ? 2123 HOH A O   1 
HETATM 1232 O O   . HOH I 5 .   ? 12.143  3.294   7.640   1.00 16.59 ? 2124 HOH A O   1 
HETATM 1233 O O   . HOH I 5 .   ? 12.978  6.255   9.985   1.00 27.45 ? 2125 HOH A O   1 
HETATM 1234 O O   . HOH I 5 .   ? 17.108  4.370   2.436   1.00 35.04 ? 2126 HOH A O   1 
HETATM 1235 O O   . HOH I 5 .   ? 17.945  3.892   5.214   1.00 47.00 ? 2127 HOH A O   1 
HETATM 1236 O O   . HOH I 5 .   ? 10.656  8.138   0.537   1.00 21.43 ? 2128 HOH A O   1 
HETATM 1237 O O   . HOH I 5 .   ? 11.942  6.535   -6.068  1.00 35.53 ? 2129 HOH A O   1 
HETATM 1238 O O   . HOH I 5 .   ? 15.765  7.826   -4.281  1.00 43.47 ? 2130 HOH A O   1 
HETATM 1239 O O   . HOH I 5 .   ? 16.508  2.833   -4.549  1.00 38.60 ? 2131 HOH A O   1 
HETATM 1240 O O   . HOH I 5 .   ? 15.863  2.726   0.682   1.00 29.93 ? 2132 HOH A O   1 
HETATM 1241 O O   . HOH I 5 .   ? 10.288  7.227   -2.240  1.00 24.20 ? 2133 HOH A O   1 
HETATM 1242 O O   . HOH I 5 .   ? -5.067  9.618   0.336   1.00 13.23 ? 2134 HOH A O   1 
HETATM 1243 O O   . HOH I 5 .   ? -8.141  2.032   -5.666  1.00 9.96  ? 2135 HOH A O   1 
HETATM 1244 O O   . HOH I 5 .   ? -14.119 1.621   -4.218  1.00 22.05 ? 2136 HOH A O   1 
HETATM 1245 O O   . HOH I 5 .   ? -15.492 5.055   -2.782  1.00 25.00 ? 2137 HOH A O   1 
HETATM 1246 O O   . HOH I 5 .   ? -5.745  11.826  -4.237  0.50 35.50 ? 2138 HOH A O   1 
HETATM 1247 O O   . HOH I 5 .   ? -12.463 16.365  -2.031  1.00 21.29 ? 2139 HOH A O   1 
HETATM 1248 O O   . HOH I 5 .   ? -19.294 13.299  -1.704  1.00 41.42 ? 2140 HOH A O   1 
HETATM 1249 O O   . HOH I 5 .   ? -18.804 8.227   -0.222  1.00 50.46 ? 2141 HOH A O   1 
HETATM 1250 O O   . HOH I 5 .   ? -14.588 2.903   7.271   1.00 26.38 ? 2142 HOH A O   1 
HETATM 1251 O O   . HOH I 5 .   ? -12.950 2.327   4.893   1.00 17.44 ? 2143 HOH A O   1 
HETATM 1252 O O   . HOH I 5 .   ? -17.887 7.242   4.338   1.00 21.25 ? 2144 HOH A O   1 
HETATM 1253 O O   . HOH I 5 .   ? -17.418 15.373  4.120   1.00 34.00 ? 2145 HOH A O   1 
HETATM 1254 O O   . HOH I 5 .   ? -17.300 6.184   6.920   1.00 17.88 ? 2146 HOH A O   1 
HETATM 1255 O O   . HOH I 5 .   ? -17.111 15.493  7.050   1.00 25.71 ? 2147 HOH A O   1 
HETATM 1256 O O   . HOH I 5 .   ? -12.358 19.021  1.666   1.00 45.00 ? 2148 HOH A O   1 
HETATM 1257 O O   . HOH I 5 .   ? -10.020 19.806  7.578   1.00 45.28 ? 2149 HOH A O   1 
HETATM 1258 O O   . HOH I 5 .   ? -15.527 17.821  3.924   1.00 29.94 ? 2150 HOH A O   1 
HETATM 1259 O O   . HOH I 5 .   ? -7.319  13.996  9.101   1.00 22.26 ? 2151 HOH A O   1 
HETATM 1260 O O   . HOH I 5 .   ? -6.302  11.506  2.258   1.00 18.08 ? 2152 HOH A O   1 
HETATM 1261 O O   . HOH I 5 .   ? -5.307  13.712  0.460   1.00 19.29 ? 2153 HOH A O   1 
HETATM 1262 O O   . HOH I 5 .   ? -19.159 16.572  2.128   1.00 43.92 ? 2154 HOH A O   1 
HETATM 1263 O O   . HOH I 5 .   ? -4.597  17.977  2.665   1.00 33.41 ? 2155 HOH A O   1 
HETATM 1264 O O   . HOH I 5 .   ? -3.588  15.312  2.037   1.00 27.36 ? 2156 HOH A O   1 
HETATM 1265 O O   . HOH I 5 .   ? -0.136  15.870  14.246  1.00 42.26 ? 2157 HOH A O   1 
HETATM 1266 O O   . HOH I 5 .   ? -1.494  17.595  10.941  1.00 42.33 ? 2158 HOH A O   1 
HETATM 1267 O O   . HOH I 5 .   ? -4.357  11.795  -1.062  1.00 20.01 ? 2159 HOH A O   1 
HETATM 1268 O O   . HOH I 5 .   ? 9.716   10.671  -0.256  1.00 35.19 ? 2160 HOH A O   1 
HETATM 1269 O O   . HOH I 5 .   ? 6.289   13.411  -3.204  1.00 23.56 ? 2161 HOH A O   1 
HETATM 1270 O O   . HOH I 5 .   ? 5.728   12.448  -7.908  1.00 23.52 ? 2162 HOH A O   1 
HETATM 1271 O O   . HOH I 5 .   ? 8.130   8.127   -3.186  1.00 23.78 ? 2163 HOH A O   1 
HETATM 1272 O O   . HOH I 5 .   ? 9.572   8.266   -6.902  1.00 39.82 ? 2164 HOH A O   1 
HETATM 1273 O O   . HOH I 5 .   ? -5.339  10.082  -5.882  0.50 16.82 ? 2165 HOH A O   1 
HETATM 1274 O O   . HOH I 5 .   ? -5.372  -3.872  -13.976 1.00 20.60 ? 2166 HOH A O   1 
HETATM 1275 O O   . HOH I 5 .   ? 1.452   -1.950  -19.181 1.00 32.77 ? 2167 HOH A O   1 
HETATM 1276 O O   . HOH I 5 .   ? -0.161  -6.243  -20.469 1.00 53.15 ? 2168 HOH A O   1 
HETATM 1277 O O   . HOH I 5 .   ? 5.683   9.437   -11.651 1.00 25.97 ? 2169 HOH A O   1 
HETATM 1278 O O   . HOH I 5 .   ? 8.605   6.264   -9.892  1.00 26.47 ? 2170 HOH A O   1 
HETATM 1279 O O   . HOH I 5 .   ? 4.289   -3.949  -21.796 1.00 54.82 ? 2171 HOH A O   1 
HETATM 1280 O O   . HOH I 5 .   ? -8.953  1.898   9.560   1.00 14.39 ? 2172 HOH A O   1 
HETATM 1281 O O   . HOH I 5 .   ? 1.995   -0.287  17.347  1.00 13.58 ? 2173 HOH A O   1 
HETATM 1282 O O   . HOH I 5 .   ? 4.956   -4.631  18.831  1.00 35.10 ? 2174 HOH A O   1 
HETATM 1283 O O   . HOH I 5 .   ? 4.395   19.136  1.708   1.00 22.25 ? 2175 HOH A O   1 
HETATM 1284 O O   . HOH I 5 .   ? 2.245   20.573  8.088   1.00 16.06 ? 2176 HOH A O   1 
HETATM 1285 O O   . HOH I 5 .   ? 0.222   17.132  6.840   1.00 37.71 ? 2177 HOH A O   1 
HETATM 1286 O O   . HOH I 5 .   ? 1.386   21.385  4.316   1.00 35.07 ? 2178 HOH A O   1 
HETATM 1287 O O   . HOH I 5 .   ? 4.979   21.133  5.131   1.00 33.40 ? 2179 HOH A O   1 
HETATM 1288 O O   . HOH I 5 .   ? 11.850  -9.952  9.823   1.00 53.09 ? 2180 HOH A O   1 
HETATM 1289 O O   . HOH I 5 .   ? 6.263   -10.500 11.668  1.00 45.15 ? 2181 HOH A O   1 
HETATM 1290 O O   . HOH I 5 .   ? -14.507 -1.369  -7.229  1.00 50.94 ? 2182 HOH A O   1 
HETATM 1291 O O   . HOH I 5 .   ? -14.744 -1.049  -4.396  1.00 40.32 ? 2183 HOH A O   1 
HETATM 1292 O O   . HOH I 5 .   ? -0.263  16.152  4.187   1.00 25.48 ? 2184 HOH A O   1 
HETATM 1293 O O   . HOH I 5 .   ? -1.324  20.054  5.864   1.00 45.29 ? 2185 HOH A O   1 
HETATM 1294 O O   . HOH I 5 .   ? -0.798  18.345  8.849   1.00 51.98 ? 2186 HOH A O   1 
# 
loop_
_pdbx_poly_seq_scheme.asym_id 
_pdbx_poly_seq_scheme.entity_id 
_pdbx_poly_seq_scheme.seq_id 
_pdbx_poly_seq_scheme.mon_id 
_pdbx_poly_seq_scheme.ndb_seq_num 
_pdbx_poly_seq_scheme.pdb_seq_num 
_pdbx_poly_seq_scheme.auth_seq_num 
_pdbx_poly_seq_scheme.pdb_mon_id 
_pdbx_poly_seq_scheme.auth_mon_id 
_pdbx_poly_seq_scheme.pdb_strand_id 
_pdbx_poly_seq_scheme.pdb_ins_code 
_pdbx_poly_seq_scheme.hetero 
A 1 1   SER 1   1   ?   ?   ?   A . n 
A 1 2   GLU 2   2   2   GLU GLU A . n 
A 1 3   LEU 3   3   3   LEU LEU A . n 
A 1 4   ILE 4   4   4   ILE ILE A . n 
A 1 5   VAL 5   5   5   VAL VAL A . n 
A 1 6   ASN 6   6   6   ASN ASN A . n 
A 1 7   VAL 7   7   7   VAL VAL A . n 
A 1 8   ILE 8   8   8   ILE ILE A . n 
A 1 9   ASN 9   9   9   ASN ASN A . n 
A 1 10  GLY 10  10  10  GLY GLY A . n 
A 1 11  PRO 11  11  11  PRO PRO A . n 
A 1 12  ASN 12  12  12  ASN ASN A . n 
A 1 13  LEU 13  13  13  LEU LEU A . n 
A 1 14  GLY 14  14  14  GLY GLY A . n 
A 1 15  ARG 15  15  15  ARG ARG A . n 
A 1 16  LEU 16  16  16  LEU LEU A . n 
A 1 17  GLY 17  17  17  GLY GLY A . n 
A 1 18  ARG 18  18  18  ARG ARG A . n 
A 1 19  ARG 19  19  19  ARG ARG A . n 
A 1 20  GLU 20  20  ?   ?   ?   A . n 
A 1 21  PRO 21  21  ?   ?   ?   A . n 
A 1 22  ALA 22  22  ?   ?   ?   A . n 
A 1 23  VAL 23  23  ?   ?   ?   A . n 
A 1 24  TYR 24  24  ?   ?   ?   A . n 
A 1 25  GLY 25  25  ?   ?   ?   A . n 
A 1 26  GLY 26  26  26  GLY GLY A . n 
A 1 27  THR 27  27  27  THR THR A . n 
A 1 28  THR 28  28  28  THR THR A . n 
A 1 29  HIS 29  29  29  HIS HIS A . n 
A 1 30  ASP 30  30  30  ASP ASP A . n 
A 1 31  GLU 31  31  31  GLU GLU A . n 
A 1 32  LEU 32  32  32  LEU LEU A . n 
A 1 33  VAL 33  33  33  VAL VAL A . n 
A 1 34  ALA 34  34  34  ALA ALA A . n 
A 1 35  LEU 35  35  35  LEU LEU A . n 
A 1 36  ILE 36  36  36  ILE ILE A . n 
A 1 37  GLU 37  37  37  GLU GLU A . n 
A 1 38  ARG 38  38  38  ARG ARG A . n 
A 1 39  GLU 39  39  39  GLU GLU A . n 
A 1 40  ALA 40  40  40  ALA ALA A . n 
A 1 41  ALA 41  41  41  ALA ALA A . n 
A 1 42  GLU 42  42  42  GLU GLU A . n 
A 1 43  LEU 43  43  43  LEU LEU A . n 
A 1 44  GLY 44  44  44  GLY GLY A . n 
A 1 45  LEU 45  45  45  LEU LEU A . n 
A 1 46  LYS 46  46  46  LYS LYS A . n 
A 1 47  ALA 47  47  47  ALA ALA A . n 
A 1 48  VAL 48  48  48  VAL VAL A . n 
A 1 49  VAL 49  49  49  VAL VAL A . n 
A 1 50  ARG 50  50  50  ARG ARG A . n 
A 1 51  GLN 51  51  51  GLN GLN A . n 
A 1 52  SER 52  52  52  SER SER A . n 
A 1 53  ASP 53  53  53  ASP ASP A . n 
A 1 54  SER 54  54  54  SER SER A . n 
A 1 55  GLU 55  55  55  GLU GLU A . n 
A 1 56  ALA 56  56  56  ALA ALA A . n 
A 1 57  GLN 57  57  57  GLN GLN A . n 
A 1 58  LEU 58  58  58  LEU LEU A . n 
A 1 59  LEU 59  59  59  LEU LEU A . n 
A 1 60  ASP 60  60  60  ASP ASP A . n 
A 1 61  TRP 61  61  61  TRP TRP A . n 
A 1 62  ILE 62  62  62  ILE ILE A . n 
A 1 63  HIS 63  63  63  HIS HIS A . n 
A 1 64  GLN 64  64  64  GLN GLN A . n 
A 1 65  ALA 65  65  65  ALA ALA A . n 
A 1 66  ALA 66  66  66  ALA ALA A . n 
A 1 67  ASP 67  67  67  ASP ASP A . n 
A 1 68  ALA 68  68  68  ALA ALA A . n 
A 1 69  ALA 69  69  69  ALA ALA A . n 
A 1 70  GLU 70  70  70  GLU GLU A . n 
A 1 71  PRO 71  71  71  PRO PRO A . n 
A 1 72  VAL 72  72  72  VAL VAL A . n 
A 1 73  ILE 73  73  73  ILE ILE A . n 
A 1 74  LEU 74  74  74  LEU LEU A . n 
A 1 75  ASN 75  75  75  ASN ASN A . n 
A 1 76  ALA 76  76  76  ALA ALA A . n 
A 1 77  GLY 77  77  77  GLY GLY A . n 
A 1 78  GLY 78  78  78  GLY GLY A . n 
A 1 79  LEU 79  79  79  LEU LEU A . n 
A 1 80  THR 80  80  80  THR THR A . n 
A 1 81  HIS 81  81  81  HIS HIS A . n 
A 1 82  THR 82  82  82  THR THR A . n 
A 1 83  SER 83  83  83  SER SER A . n 
A 1 84  VAL 84  84  84  VAL VAL A . n 
A 1 85  ALA 85  85  85  ALA ALA A . n 
A 1 86  LEU 86  86  86  LEU LEU A . n 
A 1 87  ARG 87  87  87  ARG ARG A . n 
A 1 88  ASP 88  88  88  ASP ASP A . n 
A 1 89  ALA 89  89  89  ALA ALA A . n 
A 1 90  CYS 90  90  90  CYS CYS A . n 
A 1 91  ALA 91  91  91  ALA ALA A . n 
A 1 92  GLU 92  92  92  GLU GLU A . n 
A 1 93  LEU 93  93  93  LEU LEU A . n 
A 1 94  SER 94  94  94  SER SER A . n 
A 1 95  ALA 95  95  95  ALA ALA A . n 
A 1 96  PRO 96  96  96  PRO PRO A . n 
A 1 97  LEU 97  97  97  LEU LEU A . n 
A 1 98  ILE 98  98  98  ILE ILE A . n 
A 1 99  GLU 99  99  99  GLU GLU A . n 
A 1 100 VAL 100 100 100 VAL VAL A . n 
A 1 101 HIS 101 101 101 HIS HIS A . n 
A 1 102 ILE 102 102 102 ILE ILE A . n 
A 1 103 SER 103 103 103 SER SER A . n 
A 1 104 ASN 104 104 104 ASN ASN A . n 
A 1 105 VAL 105 105 105 VAL VAL A . n 
A 1 106 HIS 106 106 106 HIS HIS A . n 
A 1 107 ALA 107 107 107 ALA ALA A . n 
A 1 108 ARG 108 108 108 ARG ARG A . n 
A 1 109 GLU 109 109 109 GLU GLU A . n 
A 1 110 GLU 110 110 110 GLU GLU A . n 
A 1 111 PHE 111 111 111 PHE PHE A . n 
A 1 112 ARG 112 112 112 ARG ARG A . n 
A 1 113 ARG 113 113 113 ARG ARG A . n 
A 1 114 HIS 114 114 114 HIS HIS A . n 
A 1 115 SER 115 115 115 SER SER A . n 
A 1 116 TYR 116 116 116 TYR TYR A . n 
A 1 117 LEU 117 117 117 LEU LEU A . n 
A 1 118 SER 118 118 118 SER SER A . n 
A 1 119 PRO 119 119 119 PRO PRO A . n 
A 1 120 ILE 120 120 120 ILE ILE A . n 
A 1 121 ALA 121 121 121 ALA ALA A . n 
A 1 122 THR 122 122 122 THR THR A . n 
A 1 123 GLY 123 123 123 GLY GLY A . n 
A 1 124 VAL 124 124 124 VAL VAL A . n 
A 1 125 ILE 125 125 125 ILE ILE A . n 
A 1 126 VAL 126 126 126 VAL VAL A . n 
A 1 127 GLY 127 127 127 GLY GLY A . n 
A 1 128 LEU 128 128 128 LEU LEU A . n 
A 1 129 GLY 129 129 129 GLY GLY A . n 
A 1 130 ILE 130 130 130 ILE ILE A . n 
A 1 131 GLN 131 131 131 GLN GLN A . n 
A 1 132 GLY 132 132 132 GLY GLY A . n 
A 1 133 TYR 133 133 133 TYR TYR A . n 
A 1 134 LEU 134 134 134 LEU LEU A . n 
A 1 135 LEU 135 135 135 LEU LEU A . n 
A 1 136 ALA 136 136 136 ALA ALA A . n 
A 1 137 LEU 137 137 137 LEU LEU A . n 
A 1 138 ARG 138 138 138 ARG ARG A . n 
A 1 139 TYR 139 139 139 TYR TYR A . n 
A 1 140 LEU 140 140 140 LEU LEU A . n 
A 1 141 ALA 141 141 141 ALA ALA A . n 
A 1 142 GLU 142 142 142 GLU GLU A . n 
A 1 143 HIS 143 143 143 HIS HIS A . n 
A 1 144 VAL 144 144 144 VAL VAL A . n 
A 1 145 GLY 145 145 ?   ?   ?   A . n 
A 1 146 THR 146 146 ?   ?   ?   A . n 
# 
loop_
_pdbx_nonpoly_scheme.asym_id 
_pdbx_nonpoly_scheme.entity_id 
_pdbx_nonpoly_scheme.mon_id 
_pdbx_nonpoly_scheme.ndb_seq_num 
_pdbx_nonpoly_scheme.pdb_seq_num 
_pdbx_nonpoly_scheme.auth_seq_num 
_pdbx_nonpoly_scheme.pdb_mon_id 
_pdbx_nonpoly_scheme.auth_mon_id 
_pdbx_nonpoly_scheme.pdb_strand_id 
_pdbx_nonpoly_scheme.pdb_ins_code 
B 2 FA6 1   200  200  FA6 FA6 A . 
C 3 SO4 1   201  201  SO4 SO4 A . 
D 3 SO4 1   202  202  SO4 SO4 A . 
E 3 SO4 1   203  203  SO4 SO4 A . 
F 4 GOL 1   204  204  GOL GOL A . 
G 4 GOL 1   205  205  GOL GOL A . 
H 4 GOL 1   206  206  GOL GOL A . 
I 5 HOH 1   2001 2001 HOH HOH A . 
I 5 HOH 2   2002 2002 HOH HOH A . 
I 5 HOH 3   2003 2003 HOH HOH A . 
I 5 HOH 4   2004 2004 HOH HOH A . 
I 5 HOH 5   2005 2005 HOH HOH A . 
I 5 HOH 6   2006 2006 HOH HOH A . 
I 5 HOH 7   2007 2007 HOH HOH A . 
I 5 HOH 8   2008 2008 HOH HOH A . 
I 5 HOH 9   2009 2009 HOH HOH A . 
I 5 HOH 10  2010 2010 HOH HOH A . 
I 5 HOH 11  2011 2011 HOH HOH A . 
I 5 HOH 12  2012 2012 HOH HOH A . 
I 5 HOH 13  2013 2013 HOH HOH A . 
I 5 HOH 14  2014 2014 HOH HOH A . 
I 5 HOH 15  2015 2015 HOH HOH A . 
I 5 HOH 16  2016 2016 HOH HOH A . 
I 5 HOH 17  2017 2017 HOH HOH A . 
I 5 HOH 18  2018 2018 HOH HOH A . 
I 5 HOH 19  2019 2019 HOH HOH A . 
I 5 HOH 20  2020 2020 HOH HOH A . 
I 5 HOH 21  2021 2021 HOH HOH A . 
I 5 HOH 22  2022 2022 HOH HOH A . 
I 5 HOH 23  2023 2023 HOH HOH A . 
I 5 HOH 24  2024 2024 HOH HOH A . 
I 5 HOH 25  2025 2025 HOH HOH A . 
I 5 HOH 26  2026 2026 HOH HOH A . 
I 5 HOH 27  2027 2027 HOH HOH A . 
I 5 HOH 28  2028 2028 HOH HOH A . 
I 5 HOH 29  2029 2029 HOH HOH A . 
I 5 HOH 30  2030 2030 HOH HOH A . 
I 5 HOH 31  2031 2031 HOH HOH A . 
I 5 HOH 32  2032 2032 HOH HOH A . 
I 5 HOH 33  2033 2033 HOH HOH A . 
I 5 HOH 34  2034 2034 HOH HOH A . 
I 5 HOH 35  2035 2035 HOH HOH A . 
I 5 HOH 36  2036 2036 HOH HOH A . 
I 5 HOH 37  2037 2037 HOH HOH A . 
I 5 HOH 38  2038 2038 HOH HOH A . 
I 5 HOH 39  2039 2039 HOH HOH A . 
I 5 HOH 40  2040 2040 HOH HOH A . 
I 5 HOH 41  2041 2041 HOH HOH A . 
I 5 HOH 42  2042 2042 HOH HOH A . 
I 5 HOH 43  2043 2043 HOH HOH A . 
I 5 HOH 44  2044 2044 HOH HOH A . 
I 5 HOH 45  2045 2045 HOH HOH A . 
I 5 HOH 46  2046 2046 HOH HOH A . 
I 5 HOH 47  2047 2047 HOH HOH A . 
I 5 HOH 48  2048 2048 HOH HOH A . 
I 5 HOH 49  2049 2049 HOH HOH A . 
I 5 HOH 50  2050 2050 HOH HOH A . 
I 5 HOH 51  2051 2051 HOH HOH A . 
I 5 HOH 52  2052 2052 HOH HOH A . 
I 5 HOH 53  2053 2053 HOH HOH A . 
I 5 HOH 54  2054 2054 HOH HOH A . 
I 5 HOH 55  2055 2055 HOH HOH A . 
I 5 HOH 56  2056 2056 HOH HOH A . 
I 5 HOH 57  2057 2057 HOH HOH A . 
I 5 HOH 58  2058 2058 HOH HOH A . 
I 5 HOH 59  2059 2059 HOH HOH A . 
I 5 HOH 60  2060 2060 HOH HOH A . 
I 5 HOH 61  2061 2061 HOH HOH A . 
I 5 HOH 62  2062 2062 HOH HOH A . 
I 5 HOH 63  2063 2063 HOH HOH A . 
I 5 HOH 64  2064 2064 HOH HOH A . 
I 5 HOH 65  2065 2065 HOH HOH A . 
I 5 HOH 66  2066 2066 HOH HOH A . 
I 5 HOH 67  2067 2067 HOH HOH A . 
I 5 HOH 68  2068 2068 HOH HOH A . 
I 5 HOH 69  2069 2069 HOH HOH A . 
I 5 HOH 70  2070 2070 HOH HOH A . 
I 5 HOH 71  2071 2071 HOH HOH A . 
I 5 HOH 72  2072 2072 HOH HOH A . 
I 5 HOH 73  2073 2073 HOH HOH A . 
I 5 HOH 74  2074 2074 HOH HOH A . 
I 5 HOH 75  2075 2075 HOH HOH A . 
I 5 HOH 76  2076 2076 HOH HOH A . 
I 5 HOH 77  2077 2077 HOH HOH A . 
I 5 HOH 78  2078 2078 HOH HOH A . 
I 5 HOH 79  2079 2079 HOH HOH A . 
I 5 HOH 80  2080 2080 HOH HOH A . 
I 5 HOH 81  2081 2081 HOH HOH A . 
I 5 HOH 82  2082 2082 HOH HOH A . 
I 5 HOH 83  2083 2083 HOH HOH A . 
I 5 HOH 84  2084 2084 HOH HOH A . 
I 5 HOH 85  2085 2085 HOH HOH A . 
I 5 HOH 86  2086 2086 HOH HOH A . 
I 5 HOH 87  2087 2087 HOH HOH A . 
I 5 HOH 88  2088 2088 HOH HOH A . 
I 5 HOH 89  2089 2089 HOH HOH A . 
I 5 HOH 90  2090 2090 HOH HOH A . 
I 5 HOH 91  2091 2091 HOH HOH A . 
I 5 HOH 92  2092 2092 HOH HOH A . 
I 5 HOH 93  2093 2093 HOH HOH A . 
I 5 HOH 94  2094 2094 HOH HOH A . 
I 5 HOH 95  2095 2095 HOH HOH A . 
I 5 HOH 96  2096 2096 HOH HOH A . 
I 5 HOH 97  2097 2097 HOH HOH A . 
I 5 HOH 98  2098 2098 HOH HOH A . 
I 5 HOH 99  2099 2099 HOH HOH A . 
I 5 HOH 100 2100 2100 HOH HOH A . 
I 5 HOH 101 2101 2101 HOH HOH A . 
I 5 HOH 102 2102 2102 HOH HOH A . 
I 5 HOH 103 2103 2103 HOH HOH A . 
I 5 HOH 104 2104 2104 HOH HOH A . 
I 5 HOH 105 2105 2105 HOH HOH A . 
I 5 HOH 106 2106 2106 HOH HOH A . 
I 5 HOH 107 2107 2107 HOH HOH A . 
I 5 HOH 108 2108 2108 HOH HOH A . 
I 5 HOH 109 2109 2109 HOH HOH A . 
I 5 HOH 110 2110 2110 HOH HOH A . 
I 5 HOH 111 2111 2111 HOH HOH A . 
I 5 HOH 112 2112 2112 HOH HOH A . 
I 5 HOH 113 2113 2113 HOH HOH A . 
I 5 HOH 114 2114 2114 HOH HOH A . 
I 5 HOH 115 2115 2115 HOH HOH A . 
I 5 HOH 116 2116 2116 HOH HOH A . 
I 5 HOH 117 2117 2117 HOH HOH A . 
I 5 HOH 118 2118 2118 HOH HOH A . 
I 5 HOH 119 2119 2119 HOH HOH A . 
I 5 HOH 120 2120 2120 HOH HOH A . 
I 5 HOH 121 2121 2121 HOH HOH A . 
I 5 HOH 122 2122 2122 HOH HOH A . 
I 5 HOH 123 2123 2123 HOH HOH A . 
I 5 HOH 124 2124 2124 HOH HOH A . 
I 5 HOH 125 2125 2125 HOH HOH A . 
I 5 HOH 126 2126 2126 HOH HOH A . 
I 5 HOH 127 2127 2127 HOH HOH A . 
I 5 HOH 128 2128 2128 HOH HOH A . 
I 5 HOH 129 2129 2129 HOH HOH A . 
I 5 HOH 130 2130 2130 HOH HOH A . 
I 5 HOH 131 2131 2131 HOH HOH A . 
I 5 HOH 132 2132 2132 HOH HOH A . 
I 5 HOH 133 2133 2133 HOH HOH A . 
I 5 HOH 134 2134 2134 HOH HOH A . 
I 5 HOH 135 2135 2135 HOH HOH A . 
I 5 HOH 136 2136 2136 HOH HOH A . 
I 5 HOH 137 2137 2137 HOH HOH A . 
I 5 HOH 138 2138 2138 HOH HOH A . 
I 5 HOH 139 2139 2139 HOH HOH A . 
I 5 HOH 140 2140 2140 HOH HOH A . 
I 5 HOH 141 2141 2141 HOH HOH A . 
I 5 HOH 142 2142 2142 HOH HOH A . 
I 5 HOH 143 2143 2143 HOH HOH A . 
I 5 HOH 144 2144 2144 HOH HOH A . 
I 5 HOH 145 2145 2145 HOH HOH A . 
I 5 HOH 146 2146 2146 HOH HOH A . 
I 5 HOH 147 2147 2147 HOH HOH A . 
I 5 HOH 148 2148 2148 HOH HOH A . 
I 5 HOH 149 2149 2149 HOH HOH A . 
I 5 HOH 150 2150 2150 HOH HOH A . 
I 5 HOH 151 2151 2151 HOH HOH A . 
I 5 HOH 152 2152 2152 HOH HOH A . 
I 5 HOH 153 2153 2153 HOH HOH A . 
I 5 HOH 154 2154 2154 HOH HOH A . 
I 5 HOH 155 2155 2155 HOH HOH A . 
I 5 HOH 156 2156 2156 HOH HOH A . 
I 5 HOH 157 2157 2157 HOH HOH A . 
I 5 HOH 158 2158 2158 HOH HOH A . 
I 5 HOH 159 2159 2159 HOH HOH A . 
I 5 HOH 160 2160 2160 HOH HOH A . 
I 5 HOH 161 2161 2161 HOH HOH A . 
I 5 HOH 162 2162 2162 HOH HOH A . 
I 5 HOH 163 2163 2163 HOH HOH A . 
I 5 HOH 164 2164 2164 HOH HOH A . 
I 5 HOH 165 2165 2165 HOH HOH A . 
I 5 HOH 166 2166 2166 HOH HOH A . 
I 5 HOH 167 2167 2167 HOH HOH A . 
I 5 HOH 168 2168 2168 HOH HOH A . 
I 5 HOH 169 2169 2169 HOH HOH A . 
I 5 HOH 170 2170 2170 HOH HOH A . 
I 5 HOH 171 2171 2171 HOH HOH A . 
I 5 HOH 172 2172 2172 HOH HOH A . 
I 5 HOH 173 2173 2173 HOH HOH A . 
I 5 HOH 174 2174 2174 HOH HOH A . 
I 5 HOH 175 2175 2175 HOH HOH A . 
I 5 HOH 176 2176 2176 HOH HOH A . 
I 5 HOH 177 2177 2177 HOH HOH A . 
I 5 HOH 178 2178 2178 HOH HOH A . 
I 5 HOH 179 2179 2179 HOH HOH A . 
I 5 HOH 180 2180 2180 HOH HOH A . 
I 5 HOH 181 2181 2181 HOH HOH A . 
I 5 HOH 182 2182 2182 HOH HOH A . 
I 5 HOH 183 2183 2183 HOH HOH A . 
I 5 HOH 184 2184 2184 HOH HOH A . 
I 5 HOH 185 2185 2185 HOH HOH A . 
I 5 HOH 186 2186 2186 HOH HOH A . 
# 
_pdbx_struct_assembly.id                   1 
_pdbx_struct_assembly.details              author_and_software_defined_assembly 
_pdbx_struct_assembly.method_details       PISA 
_pdbx_struct_assembly.oligomeric_details   dodecameric 
_pdbx_struct_assembly.oligomeric_count     12 
# 
_pdbx_struct_assembly_gen.assembly_id       1 
_pdbx_struct_assembly_gen.oper_expression   1,2,3,4,5,6,7,8,9,10,11,12 
_pdbx_struct_assembly_gen.asym_id_list      A,B,C,D,E,F,G,H,I 
# 
loop_
_pdbx_struct_assembly_prop.biol_id 
_pdbx_struct_assembly_prop.type 
_pdbx_struct_assembly_prop.value 
_pdbx_struct_assembly_prop.details 
1 'ABSA (A^2)' 42480  ? 
1 MORE         -658.2 ? 
1 'SSA (A^2)'  59570  ? 
# 
loop_
_pdbx_struct_oper_list.id 
_pdbx_struct_oper_list.type 
_pdbx_struct_oper_list.name 
_pdbx_struct_oper_list.symmetry_operation 
_pdbx_struct_oper_list.matrix[1][1] 
_pdbx_struct_oper_list.matrix[1][2] 
_pdbx_struct_oper_list.matrix[1][3] 
_pdbx_struct_oper_list.vector[1] 
_pdbx_struct_oper_list.matrix[2][1] 
_pdbx_struct_oper_list.matrix[2][2] 
_pdbx_struct_oper_list.matrix[2][3] 
_pdbx_struct_oper_list.vector[2] 
_pdbx_struct_oper_list.matrix[3][1] 
_pdbx_struct_oper_list.matrix[3][2] 
_pdbx_struct_oper_list.matrix[3][3] 
_pdbx_struct_oper_list.vector[3] 
1  'identity operation'         1_555  x,y,z           1.0000000000  0.0000000000  0.0000000000  0.0000000000   0.0000000000  1.0000000000  0.0000000000  0.0000000000   0.0000000000  0.0000000000  1.0000000000  0.0000000000  
2  'crystal symmetry operation' 48_555 -y+1/2,-z+1/2,x -0.4768128068 0.8453668810  0.2408409926  23.7669156080  -0.8695667206 -0.4936858223 0.0113149135  -24.7365545911 0.1284650366  -0.2040322164 0.9704986291  -4.6053859030 
3  'crystal symmetry operation' 17_554 z,x+1/2,y-1/2   -0.3412375548 -0.2426637500 0.9081141093  -16.2871070105 -0.6510850592 0.7578335720  -0.0421488189 1.1252197469   -0.6779713688 -0.6056422885 -0.4165960171 26.8408452117 
4  'crystal symmetry operation' 2_565  -x,-y+1,z       -0.5509826068 0.6104890969  -0.5689650512 38.9484161268  0.6104890969  -0.1699721589 -0.7735712816 -10.8256315535 -0.5689650512 -0.7735712816 -0.2790452343 19.1217127011 
5  'crystal symmetry operation' 46_555 -y+1/2,z+1/2,-x 0.1762776423  0.4268037071  0.8869976260  -5.8340632956  0.9409419342  0.1915532994  -0.2791695003 -17.7853824292 -0.2890578994 0.8838246031  -0.3678309417 53.8796320244 
6  'crystal symmetry operation' 47_455 y-1/2,-z+1/2,-x 0.6417727194  -0.6210855289 -0.4498672498 0.6494738786   0.1712885364  -0.4557010491 0.8734968753  -53.0439797362 -0.7475212465 -0.6376435678 -0.1860716703 21.1644973618 
7  'crystal symmetry operation' 3_555  -x,y,-z         -0.9393970631 -0.2565332879 -0.2274287362 15.5828978218  -0.2565332879 0.0859098778  0.9627098031  -40.3882101922 -0.2274287362 0.9627098031  -0.1465128147 49.7091524912 
8  'crystal symmetry operation' 4_565  x,-y+1,-z       0.4903796699  -0.3539558090 0.7963937874  -22.5768219964 -0.3539558090 -0.9159377189 -0.1891385215 -32.9011438555 0.7963937874  -0.1891385215 -0.5744419510 27.6276458622 
9  'crystal symmetry operation' 19_554 -z,-x+1/2,y-1/2 0.1762776423  0.9409419342  -0.2890578994 33.3377603223  0.4268037071  0.1915532994  0.8838246031  -41.7232958635 0.8869976260  -0.2791695003 -0.3678309417 20.0282597534 
10 'crystal symmetry operation' 45_455 y-1/2,z+1/2,x   -0.3412375548 -0.6510850592 -0.6779713688 13.3721657612  -0.2426637500 0.7578335720  -0.6056422885 11.4509311553  0.9081141093  -0.0421488189 -0.4165960171 26.0197675712 
11 'crystal symmetry operation' 20_555 -z,x+1/2,-y+1/2 0.6417727194  0.1712885364  -0.7475212465 24.4899224871  -0.6210855289 -0.4557010491 -0.6376435678 -10.2734127787 -0.4498672498 0.8734968753  -0.1860716703 50.5640409541 
12 'crystal symmetry operation' 18_555 z,-x+1/2,-y+1/2 -0.4768128068 -0.8695667206 0.1284650366  -9.5860838467  0.8453668810  -0.4936858223 -0.2040322164 -33.2434967059 0.2408409926  0.0113149135  0.9704986291  -0.9746348647  
# 
loop_
_pdbx_struct_special_symmetry.id 
_pdbx_struct_special_symmetry.PDB_model_num 
_pdbx_struct_special_symmetry.auth_asym_id 
_pdbx_struct_special_symmetry.auth_comp_id 
_pdbx_struct_special_symmetry.auth_seq_id 
_pdbx_struct_special_symmetry.PDB_ins_code 
_pdbx_struct_special_symmetry.label_asym_id 
_pdbx_struct_special_symmetry.label_comp_id 
_pdbx_struct_special_symmetry.label_seq_id 
1 1 A SO4 201  ? C SO4 . 
2 1 A HOH 2049 ? I HOH . 
3 1 A HOH 2092 ? I HOH . 
4 1 A HOH 2119 ? I HOH . 
5 1 A HOH 2138 ? I HOH . 
6 1 A HOH 2165 ? I HOH . 
# 
loop_
_pdbx_audit_revision_history.ordinal 
_pdbx_audit_revision_history.data_content_type 
_pdbx_audit_revision_history.major_revision 
_pdbx_audit_revision_history.minor_revision 
_pdbx_audit_revision_history.revision_date 
1 'Structure model' 1 0 2003-07-17 
2 'Structure model' 1 1 2011-10-12 
3 'Structure model' 1 2 2023-12-13 
# 
_pdbx_audit_revision_details.ordinal             1 
_pdbx_audit_revision_details.revision_ordinal    1 
_pdbx_audit_revision_details.data_content_type   'Structure model' 
_pdbx_audit_revision_details.provider            repository 
_pdbx_audit_revision_details.type                'Initial release' 
_pdbx_audit_revision_details.description         ? 
_pdbx_audit_revision_details.details             ? 
# 
loop_
_pdbx_audit_revision_group.ordinal 
_pdbx_audit_revision_group.revision_ordinal 
_pdbx_audit_revision_group.data_content_type 
_pdbx_audit_revision_group.group 
1  2 'Structure model' 'Database references'       
2  2 'Structure model' 'Derived calculations'      
3  2 'Structure model' 'Non-polymer description'   
4  2 'Structure model' Other                       
5  2 'Structure model' 'Structure summary'         
6  2 'Structure model' 'Version format compliance' 
7  3 'Structure model' 'Data collection'           
8  3 'Structure model' 'Database references'       
9  3 'Structure model' 'Derived calculations'      
10 3 'Structure model' Other                       
11 3 'Structure model' 'Refinement description'    
# 
loop_
_pdbx_audit_revision_category.ordinal 
_pdbx_audit_revision_category.revision_ordinal 
_pdbx_audit_revision_category.data_content_type 
_pdbx_audit_revision_category.category 
1 3 'Structure model' chem_comp_atom                
2 3 'Structure model' chem_comp_bond                
3 3 'Structure model' database_2                    
4 3 'Structure model' pdbx_database_status          
5 3 'Structure model' pdbx_initial_refinement_model 
6 3 'Structure model' struct_site                   
# 
loop_
_pdbx_audit_revision_item.ordinal 
_pdbx_audit_revision_item.revision_ordinal 
_pdbx_audit_revision_item.data_content_type 
_pdbx_audit_revision_item.item 
1 3 'Structure model' '_database_2.pdbx_DOI'                 
2 3 'Structure model' '_database_2.pdbx_database_accession'  
3 3 'Structure model' '_pdbx_database_status.status_code_sf' 
4 3 'Structure model' '_struct_site.pdbx_auth_asym_id'       
5 3 'Structure model' '_struct_site.pdbx_auth_comp_id'       
6 3 'Structure model' '_struct_site.pdbx_auth_seq_id'        
# 
loop_
_software.name 
_software.classification 
_software.version 
_software.citation_id 
_software.pdbx_ordinal 
REFMAC    refinement       . ? 1 
DENZO     'data reduction' . ? 2 
SCALEPACK 'data scaling'   . ? 3 
AMoRE     phasing          . ? 4 
# 
loop_
_pdbx_validate_rmsd_bond.id 
_pdbx_validate_rmsd_bond.PDB_model_num 
_pdbx_validate_rmsd_bond.auth_atom_id_1 
_pdbx_validate_rmsd_bond.auth_asym_id_1 
_pdbx_validate_rmsd_bond.auth_comp_id_1 
_pdbx_validate_rmsd_bond.auth_seq_id_1 
_pdbx_validate_rmsd_bond.PDB_ins_code_1 
_pdbx_validate_rmsd_bond.label_alt_id_1 
_pdbx_validate_rmsd_bond.auth_atom_id_2 
_pdbx_validate_rmsd_bond.auth_asym_id_2 
_pdbx_validate_rmsd_bond.auth_comp_id_2 
_pdbx_validate_rmsd_bond.auth_seq_id_2 
_pdbx_validate_rmsd_bond.PDB_ins_code_2 
_pdbx_validate_rmsd_bond.label_alt_id_2 
_pdbx_validate_rmsd_bond.bond_value 
_pdbx_validate_rmsd_bond.bond_target_value 
_pdbx_validate_rmsd_bond.bond_deviation 
_pdbx_validate_rmsd_bond.bond_standard_deviation 
_pdbx_validate_rmsd_bond.linker_flag 
1 1 CB  A TYR 133 ? ? CG  A TYR 133 ? ? 1.410 1.512 -0.102 0.015 N 
2 1 CG  A TYR 133 ? ? CD2 A TYR 133 ? ? 1.211 1.387 -0.176 0.013 N 
3 1 CG  A TYR 133 ? ? CD1 A TYR 133 ? ? 1.232 1.387 -0.155 0.013 N 
4 1 CD1 A TYR 133 ? ? CE1 A TYR 133 ? ? 2.131 1.389 0.742  0.015 N 
5 1 CE1 A TYR 133 ? ? CZ  A TYR 133 ? ? 1.157 1.381 -0.224 0.013 N 
6 1 CZ  A TYR 133 ? ? OH  A TYR 133 ? ? 1.223 1.374 -0.151 0.017 N 
7 1 CZ  A TYR 133 ? ? CE2 A TYR 133 ? ? 1.181 1.381 -0.200 0.013 N 
8 1 CE2 A TYR 133 ? ? CD2 A TYR 133 ? ? 2.093 1.389 0.704  0.015 N 
# 
loop_
_pdbx_validate_rmsd_angle.id 
_pdbx_validate_rmsd_angle.PDB_model_num 
_pdbx_validate_rmsd_angle.auth_atom_id_1 
_pdbx_validate_rmsd_angle.auth_asym_id_1 
_pdbx_validate_rmsd_angle.auth_comp_id_1 
_pdbx_validate_rmsd_angle.auth_seq_id_1 
_pdbx_validate_rmsd_angle.PDB_ins_code_1 
_pdbx_validate_rmsd_angle.label_alt_id_1 
_pdbx_validate_rmsd_angle.auth_atom_id_2 
_pdbx_validate_rmsd_angle.auth_asym_id_2 
_pdbx_validate_rmsd_angle.auth_comp_id_2 
_pdbx_validate_rmsd_angle.auth_seq_id_2 
_pdbx_validate_rmsd_angle.PDB_ins_code_2 
_pdbx_validate_rmsd_angle.label_alt_id_2 
_pdbx_validate_rmsd_angle.auth_atom_id_3 
_pdbx_validate_rmsd_angle.auth_asym_id_3 
_pdbx_validate_rmsd_angle.auth_comp_id_3 
_pdbx_validate_rmsd_angle.auth_seq_id_3 
_pdbx_validate_rmsd_angle.PDB_ins_code_3 
_pdbx_validate_rmsd_angle.label_alt_id_3 
_pdbx_validate_rmsd_angle.angle_value 
_pdbx_validate_rmsd_angle.angle_target_value 
_pdbx_validate_rmsd_angle.angle_deviation 
_pdbx_validate_rmsd_angle.angle_standard_deviation 
_pdbx_validate_rmsd_angle.linker_flag 
1  1 CG  A ARG 50  ? B CD  A ARG 50  ? B NE  A ARG 50  ? B 127.37 111.80 15.57  2.10 N 
2  1 CD  A ARG 50  ? B NE  A ARG 50  ? B CZ  A ARG 50  ? B 133.81 123.60 10.21  1.40 N 
3  1 NE  A ARG 50  ? B CZ  A ARG 50  ? B NH1 A ARG 50  ? B 114.97 120.30 -5.33  0.50 N 
4  1 NE  A ARG 50  ? B CZ  A ARG 50  ? B NH2 A ARG 50  ? B 126.99 120.30 6.69   0.50 N 
5  1 CB  A ASP 53  ? ? CG  A ASP 53  ? ? OD1 A ASP 53  ? ? 124.43 118.30 6.13   0.90 N 
6  1 CG1 A ILE 130 ? B CB  A ILE 130 ? ? CG2 A ILE 130 ? B 124.77 111.40 13.37  2.20 N 
7  1 CB  A TYR 133 ? ? CG  A TYR 133 ? ? CD2 A TYR 133 ? ? 137.83 121.00 16.83  0.60 N 
8  1 CD1 A TYR 133 ? ? CG  A TYR 133 ? ? CD2 A TYR 133 ? ? 83.87  117.90 -34.03 1.10 N 
9  1 CB  A TYR 133 ? ? CG  A TYR 133 ? ? CD1 A TYR 133 ? ? 138.29 121.00 17.29  0.60 N 
10 1 CG  A TYR 133 ? ? CD1 A TYR 133 ? ? CE1 A TYR 133 ? ? 90.42  121.30 -30.88 0.80 N 
11 1 CG  A TYR 133 ? ? CD2 A TYR 133 ? ? CE2 A TYR 133 ? ? 93.13  121.30 -28.17 0.80 N 
12 1 CD1 A TYR 133 ? ? CE1 A TYR 133 ? ? CZ  A TYR 133 ? ? 96.97  119.80 -22.83 0.90 N 
13 1 OH  A TYR 133 ? ? CZ  A TYR 133 ? ? CE2 A TYR 133 ? ? 143.67 120.10 23.57  2.70 N 
14 1 CE1 A TYR 133 ? ? CZ  A TYR 133 ? ? OH  A TYR 133 ? ? 141.44 120.10 21.34  2.70 N 
15 1 CE1 A TYR 133 ? ? CZ  A TYR 133 ? ? CE2 A TYR 133 ? ? 74.84  119.80 -44.96 1.60 N 
16 1 CZ  A TYR 133 ? ? CE2 A TYR 133 ? ? CD2 A TYR 133 ? ? 95.63  119.80 -24.17 0.90 N 
# 
loop_
_pdbx_validate_torsion.id 
_pdbx_validate_torsion.PDB_model_num 
_pdbx_validate_torsion.auth_comp_id 
_pdbx_validate_torsion.auth_asym_id 
_pdbx_validate_torsion.auth_seq_id 
_pdbx_validate_torsion.PDB_ins_code 
_pdbx_validate_torsion.label_alt_id 
_pdbx_validate_torsion.phi 
_pdbx_validate_torsion.psi 
1 1 ASN A 12  ? ? 79.51   -6.14   
2 1 ARG A 18  ? ? -140.62 -10.58  
3 1 ARG A 108 ? ? -115.06 -155.55 
# 
loop_
_pdbx_distant_solvent_atoms.id 
_pdbx_distant_solvent_atoms.PDB_model_num 
_pdbx_distant_solvent_atoms.auth_atom_id 
_pdbx_distant_solvent_atoms.label_alt_id 
_pdbx_distant_solvent_atoms.auth_asym_id 
_pdbx_distant_solvent_atoms.auth_comp_id 
_pdbx_distant_solvent_atoms.auth_seq_id 
_pdbx_distant_solvent_atoms.PDB_ins_code 
_pdbx_distant_solvent_atoms.neighbor_macromolecule_distance 
_pdbx_distant_solvent_atoms.neighbor_ligand_distance 
1 1 O ? A HOH 2008 ? 6.91 . 
2 1 O ? A HOH 2029 ? 6.62 . 
# 
loop_
_pdbx_unobs_or_zero_occ_residues.id 
_pdbx_unobs_or_zero_occ_residues.PDB_model_num 
_pdbx_unobs_or_zero_occ_residues.polymer_flag 
_pdbx_unobs_or_zero_occ_residues.occupancy_flag 
_pdbx_unobs_or_zero_occ_residues.auth_asym_id 
_pdbx_unobs_or_zero_occ_residues.auth_comp_id 
_pdbx_unobs_or_zero_occ_residues.auth_seq_id 
_pdbx_unobs_or_zero_occ_residues.PDB_ins_code 
_pdbx_unobs_or_zero_occ_residues.label_asym_id 
_pdbx_unobs_or_zero_occ_residues.label_comp_id 
_pdbx_unobs_or_zero_occ_residues.label_seq_id 
1 1 Y 1 A SER 1   ? A SER 1   
2 1 Y 1 A GLU 20  ? A GLU 20  
3 1 Y 1 A PRO 21  ? A PRO 21  
4 1 Y 1 A ALA 22  ? A ALA 22  
5 1 Y 1 A VAL 23  ? A VAL 23  
6 1 Y 1 A TYR 24  ? A TYR 24  
7 1 Y 1 A GLY 25  ? A GLY 25  
8 1 Y 1 A GLY 145 ? A GLY 145 
9 1 Y 1 A THR 146 ? A THR 146 
# 
loop_
_chem_comp_atom.comp_id 
_chem_comp_atom.atom_id 
_chem_comp_atom.type_symbol 
_chem_comp_atom.pdbx_aromatic_flag 
_chem_comp_atom.pdbx_stereo_config 
_chem_comp_atom.pdbx_ordinal 
ALA N    N N N 1   
ALA CA   C N S 2   
ALA C    C N N 3   
ALA O    O N N 4   
ALA CB   C N N 5   
ALA OXT  O N N 6   
ALA H    H N N 7   
ALA H2   H N N 8   
ALA HA   H N N 9   
ALA HB1  H N N 10  
ALA HB2  H N N 11  
ALA HB3  H N N 12  
ALA HXT  H N N 13  
ARG N    N N N 14  
ARG CA   C N S 15  
ARG C    C N N 16  
ARG O    O N N 17  
ARG CB   C N N 18  
ARG CG   C N N 19  
ARG CD   C N N 20  
ARG NE   N N N 21  
ARG CZ   C N N 22  
ARG NH1  N N N 23  
ARG NH2  N N N 24  
ARG OXT  O N N 25  
ARG H    H N N 26  
ARG H2   H N N 27  
ARG HA   H N N 28  
ARG HB2  H N N 29  
ARG HB3  H N N 30  
ARG HG2  H N N 31  
ARG HG3  H N N 32  
ARG HD2  H N N 33  
ARG HD3  H N N 34  
ARG HE   H N N 35  
ARG HH11 H N N 36  
ARG HH12 H N N 37  
ARG HH21 H N N 38  
ARG HH22 H N N 39  
ARG HXT  H N N 40  
ASN N    N N N 41  
ASN CA   C N S 42  
ASN C    C N N 43  
ASN O    O N N 44  
ASN CB   C N N 45  
ASN CG   C N N 46  
ASN OD1  O N N 47  
ASN ND2  N N N 48  
ASN OXT  O N N 49  
ASN H    H N N 50  
ASN H2   H N N 51  
ASN HA   H N N 52  
ASN HB2  H N N 53  
ASN HB3  H N N 54  
ASN HD21 H N N 55  
ASN HD22 H N N 56  
ASN HXT  H N N 57  
ASP N    N N N 58  
ASP CA   C N S 59  
ASP C    C N N 60  
ASP O    O N N 61  
ASP CB   C N N 62  
ASP CG   C N N 63  
ASP OD1  O N N 64  
ASP OD2  O N N 65  
ASP OXT  O N N 66  
ASP H    H N N 67  
ASP H2   H N N 68  
ASP HA   H N N 69  
ASP HB2  H N N 70  
ASP HB3  H N N 71  
ASP HD2  H N N 72  
ASP HXT  H N N 73  
CYS N    N N N 74  
CYS CA   C N R 75  
CYS C    C N N 76  
CYS O    O N N 77  
CYS CB   C N N 78  
CYS SG   S N N 79  
CYS OXT  O N N 80  
CYS H    H N N 81  
CYS H2   H N N 82  
CYS HA   H N N 83  
CYS HB2  H N N 84  
CYS HB3  H N N 85  
CYS HG   H N N 86  
CYS HXT  H N N 87  
FA6 O2   O N N 88  
FA6 C7   C N N 89  
FA6 O1   O N N 90  
FA6 C1   C N S 91  
FA6 O3   O N N 92  
FA6 C2   C N N 93  
FA6 C3   C N N 94  
FA6 N1   N N N 95  
FA6 O6   O N N 96  
FA6 C4   C N R 97  
FA6 O4   O N N 98  
FA6 C5   C N R 99  
FA6 O5   O N N 100 
FA6 C6   C N N 101 
FA6 H1   H N N 102 
FA6 H3   H N N 103 
FA6 H2C1 H N N 104 
FA6 H2C2 H N N 105 
FA6 H6   H N N 106 
FA6 H4C  H N N 107 
FA6 H4   H N N 108 
FA6 H5C  H N N 109 
FA6 H5   H N N 110 
FA6 H6C1 H N N 111 
FA6 H6C2 H N N 112 
GLN N    N N N 113 
GLN CA   C N S 114 
GLN C    C N N 115 
GLN O    O N N 116 
GLN CB   C N N 117 
GLN CG   C N N 118 
GLN CD   C N N 119 
GLN OE1  O N N 120 
GLN NE2  N N N 121 
GLN OXT  O N N 122 
GLN H    H N N 123 
GLN H2   H N N 124 
GLN HA   H N N 125 
GLN HB2  H N N 126 
GLN HB3  H N N 127 
GLN HG2  H N N 128 
GLN HG3  H N N 129 
GLN HE21 H N N 130 
GLN HE22 H N N 131 
GLN HXT  H N N 132 
GLU N    N N N 133 
GLU CA   C N S 134 
GLU C    C N N 135 
GLU O    O N N 136 
GLU CB   C N N 137 
GLU CG   C N N 138 
GLU CD   C N N 139 
GLU OE1  O N N 140 
GLU OE2  O N N 141 
GLU OXT  O N N 142 
GLU H    H N N 143 
GLU H2   H N N 144 
GLU HA   H N N 145 
GLU HB2  H N N 146 
GLU HB3  H N N 147 
GLU HG2  H N N 148 
GLU HG3  H N N 149 
GLU HE2  H N N 150 
GLU HXT  H N N 151 
GLY N    N N N 152 
GLY CA   C N N 153 
GLY C    C N N 154 
GLY O    O N N 155 
GLY OXT  O N N 156 
GLY H    H N N 157 
GLY H2   H N N 158 
GLY HA2  H N N 159 
GLY HA3  H N N 160 
GLY HXT  H N N 161 
GOL C1   C N N 162 
GOL O1   O N N 163 
GOL C2   C N N 164 
GOL O2   O N N 165 
GOL C3   C N N 166 
GOL O3   O N N 167 
GOL H11  H N N 168 
GOL H12  H N N 169 
GOL HO1  H N N 170 
GOL H2   H N N 171 
GOL HO2  H N N 172 
GOL H31  H N N 173 
GOL H32  H N N 174 
GOL HO3  H N N 175 
HIS N    N N N 176 
HIS CA   C N S 177 
HIS C    C N N 178 
HIS O    O N N 179 
HIS CB   C N N 180 
HIS CG   C Y N 181 
HIS ND1  N Y N 182 
HIS CD2  C Y N 183 
HIS CE1  C Y N 184 
HIS NE2  N Y N 185 
HIS OXT  O N N 186 
HIS H    H N N 187 
HIS H2   H N N 188 
HIS HA   H N N 189 
HIS HB2  H N N 190 
HIS HB3  H N N 191 
HIS HD1  H N N 192 
HIS HD2  H N N 193 
HIS HE1  H N N 194 
HIS HE2  H N N 195 
HIS HXT  H N N 196 
HOH O    O N N 197 
HOH H1   H N N 198 
HOH H2   H N N 199 
ILE N    N N N 200 
ILE CA   C N S 201 
ILE C    C N N 202 
ILE O    O N N 203 
ILE CB   C N S 204 
ILE CG1  C N N 205 
ILE CG2  C N N 206 
ILE CD1  C N N 207 
ILE OXT  O N N 208 
ILE H    H N N 209 
ILE H2   H N N 210 
ILE HA   H N N 211 
ILE HB   H N N 212 
ILE HG12 H N N 213 
ILE HG13 H N N 214 
ILE HG21 H N N 215 
ILE HG22 H N N 216 
ILE HG23 H N N 217 
ILE HD11 H N N 218 
ILE HD12 H N N 219 
ILE HD13 H N N 220 
ILE HXT  H N N 221 
LEU N    N N N 222 
LEU CA   C N S 223 
LEU C    C N N 224 
LEU O    O N N 225 
LEU CB   C N N 226 
LEU CG   C N N 227 
LEU CD1  C N N 228 
LEU CD2  C N N 229 
LEU OXT  O N N 230 
LEU H    H N N 231 
LEU H2   H N N 232 
LEU HA   H N N 233 
LEU HB2  H N N 234 
LEU HB3  H N N 235 
LEU HG   H N N 236 
LEU HD11 H N N 237 
LEU HD12 H N N 238 
LEU HD13 H N N 239 
LEU HD21 H N N 240 
LEU HD22 H N N 241 
LEU HD23 H N N 242 
LEU HXT  H N N 243 
LYS N    N N N 244 
LYS CA   C N S 245 
LYS C    C N N 246 
LYS O    O N N 247 
LYS CB   C N N 248 
LYS CG   C N N 249 
LYS CD   C N N 250 
LYS CE   C N N 251 
LYS NZ   N N N 252 
LYS OXT  O N N 253 
LYS H    H N N 254 
LYS H2   H N N 255 
LYS HA   H N N 256 
LYS HB2  H N N 257 
LYS HB3  H N N 258 
LYS HG2  H N N 259 
LYS HG3  H N N 260 
LYS HD2  H N N 261 
LYS HD3  H N N 262 
LYS HE2  H N N 263 
LYS HE3  H N N 264 
LYS HZ1  H N N 265 
LYS HZ2  H N N 266 
LYS HZ3  H N N 267 
LYS HXT  H N N 268 
PHE N    N N N 269 
PHE CA   C N S 270 
PHE C    C N N 271 
PHE O    O N N 272 
PHE CB   C N N 273 
PHE CG   C Y N 274 
PHE CD1  C Y N 275 
PHE CD2  C Y N 276 
PHE CE1  C Y N 277 
PHE CE2  C Y N 278 
PHE CZ   C Y N 279 
PHE OXT  O N N 280 
PHE H    H N N 281 
PHE H2   H N N 282 
PHE HA   H N N 283 
PHE HB2  H N N 284 
PHE HB3  H N N 285 
PHE HD1  H N N 286 
PHE HD2  H N N 287 
PHE HE1  H N N 288 
PHE HE2  H N N 289 
PHE HZ   H N N 290 
PHE HXT  H N N 291 
PRO N    N N N 292 
PRO CA   C N S 293 
PRO C    C N N 294 
PRO O    O N N 295 
PRO CB   C N N 296 
PRO CG   C N N 297 
PRO CD   C N N 298 
PRO OXT  O N N 299 
PRO H    H N N 300 
PRO HA   H N N 301 
PRO HB2  H N N 302 
PRO HB3  H N N 303 
PRO HG2  H N N 304 
PRO HG3  H N N 305 
PRO HD2  H N N 306 
PRO HD3  H N N 307 
PRO HXT  H N N 308 
SER N    N N N 309 
SER CA   C N S 310 
SER C    C N N 311 
SER O    O N N 312 
SER CB   C N N 313 
SER OG   O N N 314 
SER OXT  O N N 315 
SER H    H N N 316 
SER H2   H N N 317 
SER HA   H N N 318 
SER HB2  H N N 319 
SER HB3  H N N 320 
SER HG   H N N 321 
SER HXT  H N N 322 
SO4 S    S N N 323 
SO4 O1   O N N 324 
SO4 O2   O N N 325 
SO4 O3   O N N 326 
SO4 O4   O N N 327 
THR N    N N N 328 
THR CA   C N S 329 
THR C    C N N 330 
THR O    O N N 331 
THR CB   C N R 332 
THR OG1  O N N 333 
THR CG2  C N N 334 
THR OXT  O N N 335 
THR H    H N N 336 
THR H2   H N N 337 
THR HA   H N N 338 
THR HB   H N N 339 
THR HG1  H N N 340 
THR HG21 H N N 341 
THR HG22 H N N 342 
THR HG23 H N N 343 
THR HXT  H N N 344 
TRP N    N N N 345 
TRP CA   C N S 346 
TRP C    C N N 347 
TRP O    O N N 348 
TRP CB   C N N 349 
TRP CG   C Y N 350 
TRP CD1  C Y N 351 
TRP CD2  C Y N 352 
TRP NE1  N Y N 353 
TRP CE2  C Y N 354 
TRP CE3  C Y N 355 
TRP CZ2  C Y N 356 
TRP CZ3  C Y N 357 
TRP CH2  C Y N 358 
TRP OXT  O N N 359 
TRP H    H N N 360 
TRP H2   H N N 361 
TRP HA   H N N 362 
TRP HB2  H N N 363 
TRP HB3  H N N 364 
TRP HD1  H N N 365 
TRP HE1  H N N 366 
TRP HE3  H N N 367 
TRP HZ2  H N N 368 
TRP HZ3  H N N 369 
TRP HH2  H N N 370 
TRP HXT  H N N 371 
TYR N    N N N 372 
TYR CA   C N S 373 
TYR C    C N N 374 
TYR O    O N N 375 
TYR CB   C N N 376 
TYR CG   C Y N 377 
TYR CD1  C Y N 378 
TYR CD2  C Y N 379 
TYR CE1  C Y N 380 
TYR CE2  C Y N 381 
TYR CZ   C Y N 382 
TYR OH   O N N 383 
TYR OXT  O N N 384 
TYR H    H N N 385 
TYR H2   H N N 386 
TYR HA   H N N 387 
TYR HB2  H N N 388 
TYR HB3  H N N 389 
TYR HD1  H N N 390 
TYR HD2  H N N 391 
TYR HE1  H N N 392 
TYR HE2  H N N 393 
TYR HH   H N N 394 
TYR HXT  H N N 395 
VAL N    N N N 396 
VAL CA   C N S 397 
VAL C    C N N 398 
VAL O    O N N 399 
VAL CB   C N N 400 
VAL CG1  C N N 401 
VAL CG2  C N N 402 
VAL OXT  O N N 403 
VAL H    H N N 404 
VAL H2   H N N 405 
VAL HA   H N N 406 
VAL HB   H N N 407 
VAL HG11 H N N 408 
VAL HG12 H N N 409 
VAL HG13 H N N 410 
VAL HG21 H N N 411 
VAL HG22 H N N 412 
VAL HG23 H N N 413 
VAL HXT  H N N 414 
# 
loop_
_chem_comp_bond.comp_id 
_chem_comp_bond.atom_id_1 
_chem_comp_bond.atom_id_2 
_chem_comp_bond.value_order 
_chem_comp_bond.pdbx_aromatic_flag 
_chem_comp_bond.pdbx_stereo_config 
_chem_comp_bond.pdbx_ordinal 
ALA N   CA   sing N N 1   
ALA N   H    sing N N 2   
ALA N   H2   sing N N 3   
ALA CA  C    sing N N 4   
ALA CA  CB   sing N N 5   
ALA CA  HA   sing N N 6   
ALA C   O    doub N N 7   
ALA C   OXT  sing N N 8   
ALA CB  HB1  sing N N 9   
ALA CB  HB2  sing N N 10  
ALA CB  HB3  sing N N 11  
ALA OXT HXT  sing N N 12  
ARG N   CA   sing N N 13  
ARG N   H    sing N N 14  
ARG N   H2   sing N N 15  
ARG CA  C    sing N N 16  
ARG CA  CB   sing N N 17  
ARG CA  HA   sing N N 18  
ARG C   O    doub N N 19  
ARG C   OXT  sing N N 20  
ARG CB  CG   sing N N 21  
ARG CB  HB2  sing N N 22  
ARG CB  HB3  sing N N 23  
ARG CG  CD   sing N N 24  
ARG CG  HG2  sing N N 25  
ARG CG  HG3  sing N N 26  
ARG CD  NE   sing N N 27  
ARG CD  HD2  sing N N 28  
ARG CD  HD3  sing N N 29  
ARG NE  CZ   sing N N 30  
ARG NE  HE   sing N N 31  
ARG CZ  NH1  sing N N 32  
ARG CZ  NH2  doub N N 33  
ARG NH1 HH11 sing N N 34  
ARG NH1 HH12 sing N N 35  
ARG NH2 HH21 sing N N 36  
ARG NH2 HH22 sing N N 37  
ARG OXT HXT  sing N N 38  
ASN N   CA   sing N N 39  
ASN N   H    sing N N 40  
ASN N   H2   sing N N 41  
ASN CA  C    sing N N 42  
ASN CA  CB   sing N N 43  
ASN CA  HA   sing N N 44  
ASN C   O    doub N N 45  
ASN C   OXT  sing N N 46  
ASN CB  CG   sing N N 47  
ASN CB  HB2  sing N N 48  
ASN CB  HB3  sing N N 49  
ASN CG  OD1  doub N N 50  
ASN CG  ND2  sing N N 51  
ASN ND2 HD21 sing N N 52  
ASN ND2 HD22 sing N N 53  
ASN OXT HXT  sing N N 54  
ASP N   CA   sing N N 55  
ASP N   H    sing N N 56  
ASP N   H2   sing N N 57  
ASP CA  C    sing N N 58  
ASP CA  CB   sing N N 59  
ASP CA  HA   sing N N 60  
ASP C   O    doub N N 61  
ASP C   OXT  sing N N 62  
ASP CB  CG   sing N N 63  
ASP CB  HB2  sing N N 64  
ASP CB  HB3  sing N N 65  
ASP CG  OD1  doub N N 66  
ASP CG  OD2  sing N N 67  
ASP OD2 HD2  sing N N 68  
ASP OXT HXT  sing N N 69  
CYS N   CA   sing N N 70  
CYS N   H    sing N N 71  
CYS N   H2   sing N N 72  
CYS CA  C    sing N N 73  
CYS CA  CB   sing N N 74  
CYS CA  HA   sing N N 75  
CYS C   O    doub N N 76  
CYS C   OXT  sing N N 77  
CYS CB  SG   sing N N 78  
CYS CB  HB2  sing N N 79  
CYS CB  HB3  sing N N 80  
CYS SG  HG   sing N N 81  
CYS OXT HXT  sing N N 82  
FA6 O2  C7   doub N N 83  
FA6 C7  O1   sing N N 84  
FA6 C7  C1   sing N N 85  
FA6 O1  H1   sing N N 86  
FA6 C1  O3   sing N N 87  
FA6 C1  C2   sing N N 88  
FA6 C1  C6   sing N N 89  
FA6 O3  H3   sing N N 90  
FA6 C2  C3   sing N N 91  
FA6 C2  H2C1 sing N N 92  
FA6 C2  H2C2 sing N N 93  
FA6 C3  N1   doub N E 94  
FA6 C3  C4   sing N N 95  
FA6 N1  O6   sing N N 96  
FA6 O6  H6   sing N N 97  
FA6 C4  O4   sing N N 98  
FA6 C4  C5   sing N N 99  
FA6 C4  H4C  sing N N 100 
FA6 O4  H4   sing N N 101 
FA6 C5  O5   sing N N 102 
FA6 C5  C6   sing N N 103 
FA6 C5  H5C  sing N N 104 
FA6 O5  H5   sing N N 105 
FA6 C6  H6C1 sing N N 106 
FA6 C6  H6C2 sing N N 107 
GLN N   CA   sing N N 108 
GLN N   H    sing N N 109 
GLN N   H2   sing N N 110 
GLN CA  C    sing N N 111 
GLN CA  CB   sing N N 112 
GLN CA  HA   sing N N 113 
GLN C   O    doub N N 114 
GLN C   OXT  sing N N 115 
GLN CB  CG   sing N N 116 
GLN CB  HB2  sing N N 117 
GLN CB  HB3  sing N N 118 
GLN CG  CD   sing N N 119 
GLN CG  HG2  sing N N 120 
GLN CG  HG3  sing N N 121 
GLN CD  OE1  doub N N 122 
GLN CD  NE2  sing N N 123 
GLN NE2 HE21 sing N N 124 
GLN NE2 HE22 sing N N 125 
GLN OXT HXT  sing N N 126 
GLU N   CA   sing N N 127 
GLU N   H    sing N N 128 
GLU N   H2   sing N N 129 
GLU CA  C    sing N N 130 
GLU CA  CB   sing N N 131 
GLU CA  HA   sing N N 132 
GLU C   O    doub N N 133 
GLU C   OXT  sing N N 134 
GLU CB  CG   sing N N 135 
GLU CB  HB2  sing N N 136 
GLU CB  HB3  sing N N 137 
GLU CG  CD   sing N N 138 
GLU CG  HG2  sing N N 139 
GLU CG  HG3  sing N N 140 
GLU CD  OE1  doub N N 141 
GLU CD  OE2  sing N N 142 
GLU OE2 HE2  sing N N 143 
GLU OXT HXT  sing N N 144 
GLY N   CA   sing N N 145 
GLY N   H    sing N N 146 
GLY N   H2   sing N N 147 
GLY CA  C    sing N N 148 
GLY CA  HA2  sing N N 149 
GLY CA  HA3  sing N N 150 
GLY C   O    doub N N 151 
GLY C   OXT  sing N N 152 
GLY OXT HXT  sing N N 153 
GOL C1  O1   sing N N 154 
GOL C1  C2   sing N N 155 
GOL C1  H11  sing N N 156 
GOL C1  H12  sing N N 157 
GOL O1  HO1  sing N N 158 
GOL C2  O2   sing N N 159 
GOL C2  C3   sing N N 160 
GOL C2  H2   sing N N 161 
GOL O2  HO2  sing N N 162 
GOL C3  O3   sing N N 163 
GOL C3  H31  sing N N 164 
GOL C3  H32  sing N N 165 
GOL O3  HO3  sing N N 166 
HIS N   CA   sing N N 167 
HIS N   H    sing N N 168 
HIS N   H2   sing N N 169 
HIS CA  C    sing N N 170 
HIS CA  CB   sing N N 171 
HIS CA  HA   sing N N 172 
HIS C   O    doub N N 173 
HIS C   OXT  sing N N 174 
HIS CB  CG   sing N N 175 
HIS CB  HB2  sing N N 176 
HIS CB  HB3  sing N N 177 
HIS CG  ND1  sing Y N 178 
HIS CG  CD2  doub Y N 179 
HIS ND1 CE1  doub Y N 180 
HIS ND1 HD1  sing N N 181 
HIS CD2 NE2  sing Y N 182 
HIS CD2 HD2  sing N N 183 
HIS CE1 NE2  sing Y N 184 
HIS CE1 HE1  sing N N 185 
HIS NE2 HE2  sing N N 186 
HIS OXT HXT  sing N N 187 
HOH O   H1   sing N N 188 
HOH O   H2   sing N N 189 
ILE N   CA   sing N N 190 
ILE N   H    sing N N 191 
ILE N   H2   sing N N 192 
ILE CA  C    sing N N 193 
ILE CA  CB   sing N N 194 
ILE CA  HA   sing N N 195 
ILE C   O    doub N N 196 
ILE C   OXT  sing N N 197 
ILE CB  CG1  sing N N 198 
ILE CB  CG2  sing N N 199 
ILE CB  HB   sing N N 200 
ILE CG1 CD1  sing N N 201 
ILE CG1 HG12 sing N N 202 
ILE CG1 HG13 sing N N 203 
ILE CG2 HG21 sing N N 204 
ILE CG2 HG22 sing N N 205 
ILE CG2 HG23 sing N N 206 
ILE CD1 HD11 sing N N 207 
ILE CD1 HD12 sing N N 208 
ILE CD1 HD13 sing N N 209 
ILE OXT HXT  sing N N 210 
LEU N   CA   sing N N 211 
LEU N   H    sing N N 212 
LEU N   H2   sing N N 213 
LEU CA  C    sing N N 214 
LEU CA  CB   sing N N 215 
LEU CA  HA   sing N N 216 
LEU C   O    doub N N 217 
LEU C   OXT  sing N N 218 
LEU CB  CG   sing N N 219 
LEU CB  HB2  sing N N 220 
LEU CB  HB3  sing N N 221 
LEU CG  CD1  sing N N 222 
LEU CG  CD2  sing N N 223 
LEU CG  HG   sing N N 224 
LEU CD1 HD11 sing N N 225 
LEU CD1 HD12 sing N N 226 
LEU CD1 HD13 sing N N 227 
LEU CD2 HD21 sing N N 228 
LEU CD2 HD22 sing N N 229 
LEU CD2 HD23 sing N N 230 
LEU OXT HXT  sing N N 231 
LYS N   CA   sing N N 232 
LYS N   H    sing N N 233 
LYS N   H2   sing N N 234 
LYS CA  C    sing N N 235 
LYS CA  CB   sing N N 236 
LYS CA  HA   sing N N 237 
LYS C   O    doub N N 238 
LYS C   OXT  sing N N 239 
LYS CB  CG   sing N N 240 
LYS CB  HB2  sing N N 241 
LYS CB  HB3  sing N N 242 
LYS CG  CD   sing N N 243 
LYS CG  HG2  sing N N 244 
LYS CG  HG3  sing N N 245 
LYS CD  CE   sing N N 246 
LYS CD  HD2  sing N N 247 
LYS CD  HD3  sing N N 248 
LYS CE  NZ   sing N N 249 
LYS CE  HE2  sing N N 250 
LYS CE  HE3  sing N N 251 
LYS NZ  HZ1  sing N N 252 
LYS NZ  HZ2  sing N N 253 
LYS NZ  HZ3  sing N N 254 
LYS OXT HXT  sing N N 255 
PHE N   CA   sing N N 256 
PHE N   H    sing N N 257 
PHE N   H2   sing N N 258 
PHE CA  C    sing N N 259 
PHE CA  CB   sing N N 260 
PHE CA  HA   sing N N 261 
PHE C   O    doub N N 262 
PHE C   OXT  sing N N 263 
PHE CB  CG   sing N N 264 
PHE CB  HB2  sing N N 265 
PHE CB  HB3  sing N N 266 
PHE CG  CD1  doub Y N 267 
PHE CG  CD2  sing Y N 268 
PHE CD1 CE1  sing Y N 269 
PHE CD1 HD1  sing N N 270 
PHE CD2 CE2  doub Y N 271 
PHE CD2 HD2  sing N N 272 
PHE CE1 CZ   doub Y N 273 
PHE CE1 HE1  sing N N 274 
PHE CE2 CZ   sing Y N 275 
PHE CE2 HE2  sing N N 276 
PHE CZ  HZ   sing N N 277 
PHE OXT HXT  sing N N 278 
PRO N   CA   sing N N 279 
PRO N   CD   sing N N 280 
PRO N   H    sing N N 281 
PRO CA  C    sing N N 282 
PRO CA  CB   sing N N 283 
PRO CA  HA   sing N N 284 
PRO C   O    doub N N 285 
PRO C   OXT  sing N N 286 
PRO CB  CG   sing N N 287 
PRO CB  HB2  sing N N 288 
PRO CB  HB3  sing N N 289 
PRO CG  CD   sing N N 290 
PRO CG  HG2  sing N N 291 
PRO CG  HG3  sing N N 292 
PRO CD  HD2  sing N N 293 
PRO CD  HD3  sing N N 294 
PRO OXT HXT  sing N N 295 
SER N   CA   sing N N 296 
SER N   H    sing N N 297 
SER N   H2   sing N N 298 
SER CA  C    sing N N 299 
SER CA  CB   sing N N 300 
SER CA  HA   sing N N 301 
SER C   O    doub N N 302 
SER C   OXT  sing N N 303 
SER CB  OG   sing N N 304 
SER CB  HB2  sing N N 305 
SER CB  HB3  sing N N 306 
SER OG  HG   sing N N 307 
SER OXT HXT  sing N N 308 
SO4 S   O1   doub N N 309 
SO4 S   O2   doub N N 310 
SO4 S   O3   sing N N 311 
SO4 S   O4   sing N N 312 
THR N   CA   sing N N 313 
THR N   H    sing N N 314 
THR N   H2   sing N N 315 
THR CA  C    sing N N 316 
THR CA  CB   sing N N 317 
THR CA  HA   sing N N 318 
THR C   O    doub N N 319 
THR C   OXT  sing N N 320 
THR CB  OG1  sing N N 321 
THR CB  CG2  sing N N 322 
THR CB  HB   sing N N 323 
THR OG1 HG1  sing N N 324 
THR CG2 HG21 sing N N 325 
THR CG2 HG22 sing N N 326 
THR CG2 HG23 sing N N 327 
THR OXT HXT  sing N N 328 
TRP N   CA   sing N N 329 
TRP N   H    sing N N 330 
TRP N   H2   sing N N 331 
TRP CA  C    sing N N 332 
TRP CA  CB   sing N N 333 
TRP CA  HA   sing N N 334 
TRP C   O    doub N N 335 
TRP C   OXT  sing N N 336 
TRP CB  CG   sing N N 337 
TRP CB  HB2  sing N N 338 
TRP CB  HB3  sing N N 339 
TRP CG  CD1  doub Y N 340 
TRP CG  CD2  sing Y N 341 
TRP CD1 NE1  sing Y N 342 
TRP CD1 HD1  sing N N 343 
TRP CD2 CE2  doub Y N 344 
TRP CD2 CE3  sing Y N 345 
TRP NE1 CE2  sing Y N 346 
TRP NE1 HE1  sing N N 347 
TRP CE2 CZ2  sing Y N 348 
TRP CE3 CZ3  doub Y N 349 
TRP CE3 HE3  sing N N 350 
TRP CZ2 CH2  doub Y N 351 
TRP CZ2 HZ2  sing N N 352 
TRP CZ3 CH2  sing Y N 353 
TRP CZ3 HZ3  sing N N 354 
TRP CH2 HH2  sing N N 355 
TRP OXT HXT  sing N N 356 
TYR N   CA   sing N N 357 
TYR N   H    sing N N 358 
TYR N   H2   sing N N 359 
TYR CA  C    sing N N 360 
TYR CA  CB   sing N N 361 
TYR CA  HA   sing N N 362 
TYR C   O    doub N N 363 
TYR C   OXT  sing N N 364 
TYR CB  CG   sing N N 365 
TYR CB  HB2  sing N N 366 
TYR CB  HB3  sing N N 367 
TYR CG  CD1  doub Y N 368 
TYR CG  CD2  sing Y N 369 
TYR CD1 CE1  sing Y N 370 
TYR CD1 HD1  sing N N 371 
TYR CD2 CE2  doub Y N 372 
TYR CD2 HD2  sing N N 373 
TYR CE1 CZ   doub Y N 374 
TYR CE1 HE1  sing N N 375 
TYR CE2 CZ   sing Y N 376 
TYR CE2 HE2  sing N N 377 
TYR CZ  OH   sing N N 378 
TYR OH  HH   sing N N 379 
TYR OXT HXT  sing N N 380 
VAL N   CA   sing N N 381 
VAL N   H    sing N N 382 
VAL N   H2   sing N N 383 
VAL CA  C    sing N N 384 
VAL CA  CB   sing N N 385 
VAL CA  HA   sing N N 386 
VAL C   O    doub N N 387 
VAL C   OXT  sing N N 388 
VAL CB  CG1  sing N N 389 
VAL CB  CG2  sing N N 390 
VAL CB  HB   sing N N 391 
VAL CG1 HG11 sing N N 392 
VAL CG1 HG12 sing N N 393 
VAL CG1 HG13 sing N N 394 
VAL CG2 HG21 sing N N 395 
VAL CG2 HG22 sing N N 396 
VAL CG2 HG23 sing N N 397 
VAL OXT HXT  sing N N 398 
# 
loop_
_pdbx_entity_nonpoly.entity_id 
_pdbx_entity_nonpoly.name 
_pdbx_entity_nonpoly.comp_id 
2 '3-HYDROXYIMINO QUINIC ACID' FA6 
3 'SULFATE ION'                SO4 
4 GLYCEROL                     GOL 
5 water                        HOH 
# 
_pdbx_initial_refinement_model.id               1 
_pdbx_initial_refinement_model.entity_id_list   ? 
_pdbx_initial_refinement_model.type             'experimental model' 
_pdbx_initial_refinement_model.source_name      PDB 
_pdbx_initial_refinement_model.accession_code   2DHQ 
_pdbx_initial_refinement_model.details          'PDB ENTRY 2DHQ' 
# 
